data_9CXH
#
_entry.id   9CXH
#
_cell.length_a   1.00
_cell.length_b   1.00
_cell.length_c   1.00
_cell.angle_alpha   90.00
_cell.angle_beta   90.00
_cell.angle_gamma   90.00
#
_symmetry.space_group_name_H-M   'P 1'
#
loop_
_entity.id
_entity.type
_entity.pdbx_description
1 polymer "Cone cGMP-specific 3',5'-cyclic phosphodiesterase subunit alpha'"
2 polymer "Retinal rod rhodopsin-sensitive cGMP 3',5'-cyclic phosphodiesterase subunit gamma"
3 non-polymer 'CYCLIC GUANOSINE MONOPHOSPHATE'
4 non-polymer 'ZINC ION'
5 non-polymer 'MAGNESIUM ION'
6 non-polymer "GUANOSINE-5'-MONOPHOSPHATE"
#
loop_
_entity_poly.entity_id
_entity_poly.type
_entity_poly.pdbx_seq_one_letter_code
_entity_poly.pdbx_strand_id
1 'polypeptide(L)'
;GPTSGDYKDDDDKGGEINQVAVEKYLEENPQFAKEYFDRKLRVEVLGEIFKNSQVPVQSSMSFSELTQVEESALCLELLW
TVQEEGGTPEQGVHRALQRLAHLLQADRCSMFLCRSRNGIPEVASRLLDVTPTSKFEDNLVGPDKEVVFPLDIGIVGWAA
HTKKTHNVPDVKKNSHFSDFMDKQTGYVTKNLLATPIVVGKEVLAVIMAVNKVNASEFSKQDEEVFSKYLNFVSIILRLH
HTSYMYNIESRRSQILMWSANKVFEELTDVERQFHKALYTVRSYLNCERYSIGLLDMTKEKEFYDEWPIKLGEVEPYKGP
KTPDGREVNFYKIIDYILHGKEEIKVIPTPPADHWTLISGLPTYVAENGFICNMMNAPADEYFTFQKGPVDETGWVIKNV
LSLPIVNKKEDIVGVATFYNRKDGKPFDEHDEYITETLTQFLGWSLLNTDTYDKMNKLENRKDIAQEMLMNQTKATPEEI
KSILKFQEKLNVDVIDDCEEKQLVAILKEDLPDPRSAELYEFRFSDFPLTEHGLIKCGIRLFFEINVVEKFKVPVEVLTR
WMYTVRKGYRAVTYHNWRHGFNVGQTMFTLLMTGRLKKYYTDLEAFAMLAAAFCHDIDHRGTNNLYQMKSTSPLARLHGS
SILERHHLEYSKTLLQDESLNIFQNLNKRQFETVIHLFEVAIIATDLALYFKKRTMFQKIVDACEQMQTEEEAIKYVTVD
PTKKEIIMAMMMTACDLSAITKPWEVQSQVALMVANEFWEQGDLERTVLQQQPIPMMDRNKRDELPKLQVGFIDFVCTFV
YKEFSRFHKEITPMLSGLQNNRVEWKSLADEYDAKMKVIEEEA
;
A,B
2 'polypeptide(L)'
;MVGYPYDVPDYAMNLEPPKAEIRSATRVMGGPVTPRKGPPKFKQRQTRQFKSKPPKKGVQGFGDDIPGMEGLGTDITVIC
PWEAFNHLELHELAQYGII
;
D,C
#
# COMPACT_ATOMS: atom_id res chain seq x y z
N GLN A 31 -63.41 -19.82 60.83
CA GLN A 31 -62.64 -20.23 59.66
C GLN A 31 -63.27 -19.71 58.38
N PHE A 32 -63.43 -20.60 57.40
CA PHE A 32 -64.05 -20.33 56.11
C PHE A 32 -63.27 -19.33 55.26
N ALA A 33 -62.10 -18.89 55.74
CA ALA A 33 -61.23 -17.98 54.98
C ALA A 33 -59.81 -18.54 55.09
N LYS A 34 -59.46 -19.42 54.17
CA LYS A 34 -58.19 -20.13 54.20
C LYS A 34 -57.20 -19.43 53.28
N GLU A 35 -56.24 -18.71 53.87
CA GLU A 35 -55.11 -18.07 53.21
C GLU A 35 -55.52 -16.89 52.34
N TYR A 36 -56.82 -16.61 52.18
CA TYR A 36 -57.23 -15.50 51.32
C TYR A 36 -56.77 -14.16 51.90
N PHE A 37 -57.03 -13.93 53.18
CA PHE A 37 -56.49 -12.74 53.83
C PHE A 37 -54.97 -12.81 53.89
N ASP A 38 -54.42 -14.00 54.10
CA ASP A 38 -52.96 -14.16 54.05
C ASP A 38 -52.43 -13.85 52.66
N ARG A 39 -53.15 -14.26 51.61
CA ARG A 39 -52.73 -13.91 50.26
C ARG A 39 -52.79 -12.40 50.04
N LYS A 40 -53.80 -11.74 50.61
CA LYS A 40 -53.88 -10.28 50.51
C LYS A 40 -52.72 -9.59 51.22
N LEU A 41 -52.34 -10.09 52.40
CA LEU A 41 -51.29 -9.47 53.20
C LEU A 41 -49.91 -10.03 52.90
N ARG A 42 -49.78 -10.95 51.95
CA ARG A 42 -48.50 -11.58 51.64
C ARG A 42 -47.45 -10.58 51.16
N VAL A 43 -47.86 -9.45 50.60
CA VAL A 43 -46.88 -8.48 50.09
C VAL A 43 -46.04 -7.92 51.24
N GLU A 44 -46.68 -7.55 52.35
CA GLU A 44 -45.95 -7.05 53.50
C GLU A 44 -45.03 -8.12 54.07
N VAL A 45 -45.50 -9.36 54.12
CA VAL A 45 -44.67 -10.45 54.65
C VAL A 45 -43.44 -10.67 53.77
N LEU A 46 -43.64 -10.65 52.44
CA LEU A 46 -42.51 -10.83 51.53
C LEU A 46 -41.50 -9.70 51.69
N GLY A 47 -41.98 -8.46 51.77
CA GLY A 47 -41.08 -7.35 51.98
C GLY A 47 -40.32 -7.47 53.29
N GLU A 48 -41.03 -7.85 54.37
CA GLU A 48 -40.38 -7.98 55.67
C GLU A 48 -39.32 -9.06 55.66
N ILE A 49 -39.63 -10.23 55.10
CA ILE A 49 -38.67 -11.32 55.11
C ILE A 49 -37.48 -11.00 54.21
N PHE A 50 -37.72 -10.34 53.08
CA PHE A 50 -36.61 -9.95 52.21
C PHE A 50 -35.68 -8.96 52.94
N LYS A 51 -36.26 -7.94 53.57
CA LYS A 51 -35.45 -6.91 54.21
C LYS A 51 -34.72 -7.47 55.43
N ASN A 52 -35.36 -8.34 56.20
CA ASN A 52 -34.79 -8.87 57.43
C ASN A 52 -34.01 -10.16 57.22
N SER A 53 -33.92 -10.66 55.99
CA SER A 53 -33.05 -11.77 55.67
C SER A 53 -31.96 -11.43 54.67
N GLN A 54 -31.98 -10.23 54.08
CA GLN A 54 -30.88 -9.81 53.22
C GLN A 54 -29.61 -9.59 54.03
N VAL A 55 -29.70 -8.87 55.15
CA VAL A 55 -28.53 -8.51 55.95
C VAL A 55 -28.04 -9.67 56.82
N PRO A 56 -28.86 -10.24 57.71
CA PRO A 56 -28.32 -11.18 58.71
C PRO A 56 -27.79 -12.46 58.10
N VAL A 57 -26.80 -13.04 58.76
CA VAL A 57 -26.14 -14.27 58.32
C VAL A 57 -26.43 -15.36 59.33
N GLN A 58 -26.86 -16.52 58.84
CA GLN A 58 -27.27 -17.64 59.68
C GLN A 58 -26.19 -18.71 59.69
N SER A 59 -26.01 -19.38 60.83
CA SER A 59 -25.08 -20.49 60.98
C SER A 59 -25.83 -21.75 61.32
N SER A 60 -25.52 -22.83 60.61
CA SER A 60 -26.19 -24.11 60.81
C SER A 60 -25.30 -25.22 60.27
N MET A 61 -25.59 -26.46 60.69
CA MET A 61 -24.69 -27.57 60.45
C MET A 61 -25.41 -28.71 59.76
N SER A 62 -24.68 -29.40 58.87
CA SER A 62 -24.97 -30.75 58.39
C SER A 62 -26.11 -30.86 57.37
N PHE A 63 -26.87 -29.79 57.14
CA PHE A 63 -27.89 -29.68 56.10
C PHE A 63 -29.05 -30.65 56.32
N SER A 64 -28.95 -31.58 57.27
CA SER A 64 -30.01 -32.54 57.55
C SER A 64 -30.67 -32.32 58.89
N GLU A 65 -30.02 -31.59 59.80
CA GLU A 65 -30.62 -31.13 61.03
C GLU A 65 -31.30 -29.78 60.85
N LEU A 66 -31.57 -29.39 59.62
CA LEU A 66 -32.08 -28.06 59.28
C LEU A 66 -33.54 -28.15 58.90
N THR A 67 -34.35 -27.26 59.48
CA THR A 67 -35.73 -27.13 59.04
C THR A 67 -35.77 -26.43 57.69
N GLN A 68 -36.93 -26.56 57.02
CA GLN A 68 -37.06 -25.97 55.69
C GLN A 68 -36.98 -24.45 55.73
N VAL A 69 -37.35 -23.84 56.86
CA VAL A 69 -37.39 -22.38 56.95
C VAL A 69 -35.99 -21.80 56.86
N GLU A 70 -35.05 -22.33 57.65
CA GLU A 70 -33.70 -21.78 57.61
C GLU A 70 -32.96 -22.20 56.35
N GLU A 71 -33.33 -23.34 55.76
CA GLU A 71 -32.81 -23.69 54.45
C GLU A 71 -33.25 -22.68 53.39
N SER A 72 -34.52 -22.26 53.44
CA SER A 72 -35.01 -21.23 52.55
C SER A 72 -34.28 -19.91 52.80
N ALA A 73 -34.04 -19.58 54.07
CA ALA A 73 -33.30 -18.36 54.38
C ALA A 73 -31.88 -18.42 53.83
N LEU A 74 -31.26 -19.59 53.91
CA LEU A 74 -29.93 -19.77 53.33
C LEU A 74 -29.96 -19.59 51.82
N CYS A 75 -31.01 -20.11 51.18
CA CYS A 75 -31.17 -19.92 49.75
C CYS A 75 -31.30 -18.44 49.41
N LEU A 76 -32.05 -17.68 50.22
CA LEU A 76 -32.14 -16.24 50.00
C LEU A 76 -30.79 -15.55 50.20
N GLU A 77 -30.04 -15.96 51.22
CA GLU A 77 -28.69 -15.41 51.41
C GLU A 77 -27.83 -15.61 50.18
N LEU A 78 -27.78 -16.83 49.66
CA LEU A 78 -26.95 -17.09 48.49
C LEU A 78 -27.52 -16.43 47.25
N LEU A 79 -28.84 -16.24 47.18
CA LEU A 79 -29.45 -15.50 46.08
C LEU A 79 -28.96 -14.06 46.06
N TRP A 80 -28.94 -13.43 47.23
CA TRP A 80 -28.39 -12.08 47.33
C TRP A 80 -26.91 -12.07 46.97
N THR A 81 -26.16 -13.06 47.45
CA THR A 81 -24.73 -13.12 47.15
C THR A 81 -24.48 -13.24 45.66
N VAL A 82 -25.36 -13.93 44.94
CA VAL A 82 -25.24 -14.01 43.48
C VAL A 82 -25.35 -12.62 42.86
N GLN A 83 -26.28 -11.81 43.37
CA GLN A 83 -26.43 -10.43 42.90
C GLN A 83 -25.28 -9.61 43.47
N GLU A 84 -24.17 -9.60 42.74
CA GLU A 84 -22.95 -8.95 43.23
C GLU A 84 -23.13 -7.44 43.31
N GLU A 85 -23.72 -6.83 42.27
CA GLU A 85 -23.85 -5.38 42.17
C GLU A 85 -22.50 -4.69 42.32
N GLY A 86 -21.47 -5.31 41.73
CA GLY A 86 -20.12 -4.80 41.86
C GLY A 86 -19.29 -5.59 42.85
N GLY A 87 -18.02 -5.83 42.52
CA GLY A 87 -17.16 -6.63 43.37
C GLY A 87 -16.34 -7.62 42.59
N THR A 88 -16.03 -8.77 43.20
CA THR A 88 -15.27 -9.81 42.55
C THR A 88 -15.97 -11.15 42.74
N PRO A 89 -15.89 -12.04 41.74
CA PRO A 89 -16.53 -13.36 41.89
C PRO A 89 -15.95 -14.20 43.00
N GLU A 90 -14.69 -13.97 43.37
CA GLU A 90 -14.05 -14.81 44.38
C GLU A 90 -14.75 -14.68 45.73
N GLN A 91 -15.26 -13.49 46.05
CA GLN A 91 -15.98 -13.31 47.31
C GLN A 91 -17.23 -14.19 47.36
N GLY A 92 -18.04 -14.15 46.30
CA GLY A 92 -19.23 -14.99 46.27
C GLY A 92 -18.90 -16.46 46.24
N VAL A 93 -17.85 -16.84 45.51
CA VAL A 93 -17.44 -18.24 45.47
C VAL A 93 -17.01 -18.70 46.85
N HIS A 94 -16.26 -17.88 47.58
CA HIS A 94 -15.82 -18.23 48.91
C HIS A 94 -16.99 -18.34 49.87
N ARG A 95 -17.96 -17.42 49.78
CA ARG A 95 -19.14 -17.50 50.62
C ARG A 95 -19.90 -18.79 50.37
N ALA A 96 -20.10 -19.13 49.09
CA ALA A 96 -20.76 -20.39 48.76
C ALA A 96 -19.94 -21.57 49.27
N LEU A 97 -18.61 -21.51 49.16
CA LEU A 97 -17.77 -22.62 49.57
C LEU A 97 -17.88 -22.86 51.07
N GLN A 98 -17.89 -21.80 51.88
CA GLN A 98 -18.05 -22.00 53.32
C GLN A 98 -19.46 -22.48 53.66
N ARG A 99 -20.46 -22.02 52.90
CA ARG A 99 -21.81 -22.53 53.06
C ARG A 99 -21.85 -24.04 52.83
N LEU A 100 -21.18 -24.48 51.77
CA LEU A 100 -21.09 -25.90 51.45
C LEU A 100 -20.31 -26.65 52.51
N ALA A 101 -19.25 -26.03 53.05
CA ALA A 101 -18.44 -26.69 54.06
C ALA A 101 -19.25 -26.98 55.32
N HIS A 102 -20.07 -26.04 55.75
CA HIS A 102 -20.88 -26.28 56.93
C HIS A 102 -22.26 -26.87 56.61
N LEU A 103 -22.55 -27.14 55.34
CA LEU A 103 -23.68 -27.99 54.98
C LEU A 103 -23.31 -29.46 54.81
N LEU A 104 -22.07 -29.75 54.38
CA LEU A 104 -21.65 -31.12 54.10
C LEU A 104 -20.95 -31.78 55.28
N GLN A 105 -20.75 -31.06 56.38
CA GLN A 105 -19.94 -31.55 57.51
C GLN A 105 -18.54 -31.95 57.07
N ALA A 106 -18.04 -31.32 56.03
CA ALA A 106 -16.66 -31.48 55.59
C ALA A 106 -15.82 -30.30 56.07
N ASP A 107 -14.58 -30.26 55.64
CA ASP A 107 -13.71 -29.13 55.96
C ASP A 107 -12.69 -28.97 54.85
N ARG A 108 -12.08 -27.78 54.82
CA ARG A 108 -11.02 -27.47 53.86
C ARG A 108 -11.49 -27.66 52.42
N CYS A 109 -12.62 -27.04 52.10
CA CYS A 109 -13.06 -26.97 50.71
C CYS A 109 -12.09 -26.11 49.90
N SER A 110 -12.00 -26.40 48.61
CA SER A 110 -11.02 -25.72 47.78
C SER A 110 -11.60 -25.47 46.40
N MET A 111 -11.04 -24.46 45.73
CA MET A 111 -11.39 -24.09 44.38
C MET A 111 -10.14 -24.09 43.50
N PHE A 112 -10.23 -24.76 42.36
CA PHE A 112 -9.12 -24.81 41.40
C PHE A 112 -9.60 -24.20 40.10
N LEU A 113 -8.99 -23.10 39.70
CA LEU A 113 -9.31 -22.45 38.44
C LEU A 113 -8.53 -23.11 37.31
N CYS A 114 -9.23 -23.45 36.23
CA CYS A 114 -8.62 -24.11 35.09
C CYS A 114 -8.14 -23.08 34.08
N ARG A 115 -6.93 -23.31 33.56
CA ARG A 115 -6.28 -22.41 32.63
C ARG A 115 -5.76 -23.23 31.46
N SER A 116 -5.28 -22.54 30.42
CA SER A 116 -4.72 -23.23 29.26
C SER A 116 -3.51 -22.45 28.79
N ARG A 117 -2.36 -23.14 28.69
CA ARG A 117 -1.13 -22.53 28.21
C ARG A 117 -0.49 -23.46 27.19
N ASN A 118 -0.13 -22.92 26.03
CA ASN A 118 0.46 -23.69 24.94
C ASN A 118 -0.43 -24.83 24.48
N GLY A 119 -1.74 -24.63 24.54
CA GLY A 119 -2.68 -25.68 24.23
C GLY A 119 -2.78 -26.78 25.26
N ILE A 120 -2.05 -26.65 26.36
CA ILE A 120 -2.06 -27.65 27.43
C ILE A 120 -2.93 -27.12 28.56
N PRO A 121 -4.01 -27.81 28.92
CA PRO A 121 -4.81 -27.38 30.08
C PRO A 121 -4.09 -27.64 31.39
N GLU A 122 -4.39 -26.81 32.38
CA GLU A 122 -3.80 -26.88 33.70
C GLU A 122 -4.84 -26.44 34.72
N VAL A 123 -4.57 -26.74 35.99
CA VAL A 123 -5.42 -26.30 37.08
C VAL A 123 -4.55 -25.66 38.16
N ALA A 124 -4.91 -24.46 38.59
CA ALA A 124 -4.24 -23.77 39.68
C ALA A 124 -5.20 -23.65 40.86
N SER A 125 -4.65 -23.37 42.03
CA SER A 125 -5.43 -23.26 43.26
C SER A 125 -5.76 -21.80 43.53
N ARG A 126 -7.05 -21.47 43.57
CA ARG A 126 -7.50 -20.12 43.83
C ARG A 126 -7.98 -19.90 45.25
N LEU A 127 -8.76 -20.83 45.79
CA LEU A 127 -9.19 -20.79 47.19
C LEU A 127 -8.76 -22.09 47.85
N LEU A 128 -8.09 -21.98 48.99
CA LEU A 128 -7.56 -23.14 49.69
C LEU A 128 -8.01 -23.14 51.14
N ASP A 129 -8.36 -24.32 51.64
CA ASP A 129 -8.72 -24.52 53.04
C ASP A 129 -9.89 -23.62 53.44
N VAL A 130 -11.03 -23.83 52.77
CA VAL A 130 -12.24 -23.09 53.10
C VAL A 130 -12.90 -23.75 54.30
N THR A 131 -13.07 -22.98 55.37
CA THR A 131 -13.64 -23.44 56.61
C THR A 131 -14.75 -22.48 57.03
N PRO A 132 -15.79 -22.98 57.69
CA PRO A 132 -16.83 -22.07 58.21
C PRO A 132 -16.23 -21.05 59.17
N THR A 133 -16.76 -19.83 59.10
CA THR A 133 -16.29 -18.70 59.90
C THR A 133 -14.79 -18.48 59.72
N SER A 134 -14.34 -18.53 58.47
CA SER A 134 -12.96 -18.25 58.10
C SER A 134 -12.94 -17.03 57.19
N LYS A 135 -12.05 -16.09 57.48
CA LYS A 135 -11.97 -14.86 56.71
C LYS A 135 -11.50 -15.15 55.29
N PHE A 136 -11.95 -14.30 54.35
CA PHE A 136 -11.69 -14.52 52.93
C PHE A 136 -10.25 -14.24 52.54
N GLU A 137 -9.59 -13.28 53.22
CA GLU A 137 -8.25 -12.87 52.81
C GLU A 137 -7.24 -14.01 52.96
N ASP A 138 -7.32 -14.77 54.05
CA ASP A 138 -6.39 -15.87 54.24
C ASP A 138 -6.63 -17.00 53.26
N ASN A 139 -7.88 -17.15 52.78
CA ASN A 139 -8.19 -18.27 51.91
C ASN A 139 -7.68 -18.04 50.48
N LEU A 140 -7.72 -16.79 50.02
CA LEU A 140 -7.29 -16.49 48.66
C LEU A 140 -5.82 -16.79 48.47
N VAL A 141 -5.47 -17.33 47.31
CA VAL A 141 -4.11 -17.68 46.97
C VAL A 141 -3.66 -16.76 45.84
N GLY A 142 -2.56 -16.03 46.08
CA GLY A 142 -2.02 -15.16 45.07
C GLY A 142 -1.30 -15.93 43.99
N PRO A 143 -0.98 -15.25 42.87
CA PRO A 143 -0.26 -15.93 41.80
C PRO A 143 1.12 -16.43 42.23
N ASP A 144 1.75 -15.77 43.20
CA ASP A 144 3.08 -16.18 43.64
C ASP A 144 3.04 -17.55 44.30
N LYS A 145 2.01 -17.82 45.10
CA LYS A 145 1.94 -19.04 45.89
C LYS A 145 0.93 -20.04 45.36
N GLU A 146 0.51 -19.90 44.10
CA GLU A 146 -0.41 -20.85 43.52
C GLU A 146 0.31 -22.14 43.14
N VAL A 147 -0.45 -23.23 43.11
CA VAL A 147 0.07 -24.55 42.74
C VAL A 147 -0.64 -24.99 41.47
N VAL A 148 0.15 -25.34 40.45
CA VAL A 148 -0.37 -25.66 39.12
C VAL A 148 -0.18 -27.14 38.87
N PHE A 149 -1.25 -27.81 38.46
CA PHE A 149 -1.23 -29.22 38.12
C PHE A 149 -1.62 -29.42 36.66
N PRO A 150 -0.86 -30.18 35.89
CA PRO A 150 -1.35 -30.61 34.58
C PRO A 150 -2.52 -31.57 34.74
N LEU A 151 -3.34 -31.66 33.68
CA LEU A 151 -4.53 -32.49 33.74
C LEU A 151 -4.22 -33.98 33.88
N ASP A 152 -2.97 -34.39 33.66
CA ASP A 152 -2.56 -35.77 33.85
C ASP A 152 -2.03 -36.04 35.24
N ILE A 153 -2.05 -35.05 36.13
CA ILE A 153 -1.55 -35.18 37.49
C ILE A 153 -2.67 -34.83 38.45
N GLY A 154 -2.93 -35.72 39.40
CA GLY A 154 -3.96 -35.49 40.40
C GLY A 154 -5.35 -35.87 39.91
N ILE A 155 -6.23 -36.12 40.88
CA ILE A 155 -7.61 -36.44 40.53
C ILE A 155 -8.34 -35.19 40.06
N VAL A 156 -7.86 -33.99 40.44
CA VAL A 156 -8.40 -32.77 39.88
C VAL A 156 -8.24 -32.76 38.36
N GLY A 157 -7.10 -33.24 37.88
CA GLY A 157 -6.88 -33.32 36.45
C GLY A 157 -7.87 -34.24 35.76
N TRP A 158 -8.12 -35.41 36.35
CA TRP A 158 -9.08 -36.34 35.75
C TRP A 158 -10.49 -35.77 35.81
N ALA A 159 -10.86 -35.09 36.90
CA ALA A 159 -12.17 -34.49 37.00
C ALA A 159 -12.36 -33.40 35.94
N ALA A 160 -11.33 -32.59 35.71
CA ALA A 160 -11.42 -31.58 34.67
C ALA A 160 -11.44 -32.20 33.28
N HIS A 161 -10.72 -33.31 33.09
CA HIS A 161 -10.65 -33.94 31.78
C HIS A 161 -11.99 -34.58 31.42
N THR A 162 -12.56 -35.37 32.34
CA THR A 162 -13.81 -36.08 32.06
C THR A 162 -15.04 -35.21 32.27
N LYS A 163 -14.90 -34.06 32.93
CA LYS A 163 -16.02 -33.15 33.19
C LYS A 163 -17.18 -33.84 33.91
N LYS A 164 -16.85 -34.79 34.79
CA LYS A 164 -17.85 -35.57 35.51
C LYS A 164 -17.58 -35.51 37.01
N THR A 165 -18.64 -35.68 37.78
CA THR A 165 -18.53 -35.68 39.23
C THR A 165 -17.78 -36.92 39.72
N HIS A 166 -16.83 -36.72 40.62
CA HIS A 166 -16.04 -37.81 41.18
C HIS A 166 -16.18 -37.80 42.70
N ASN A 167 -16.37 -38.98 43.28
CA ASN A 167 -16.52 -39.13 44.73
C ASN A 167 -15.65 -40.33 45.14
N VAL A 168 -14.48 -40.05 45.70
CA VAL A 168 -13.51 -41.09 45.98
C VAL A 168 -13.23 -41.15 47.48
N PRO A 169 -13.48 -42.28 48.13
CA PRO A 169 -12.92 -42.52 49.47
C PRO A 169 -11.59 -43.25 49.37
N ASP A 170 -10.78 -43.08 50.43
CA ASP A 170 -9.46 -43.68 50.50
C ASP A 170 -8.63 -43.33 49.27
N VAL A 171 -8.35 -42.04 49.13
CA VAL A 171 -7.63 -41.53 47.96
C VAL A 171 -6.23 -42.14 47.84
N LYS A 172 -5.66 -42.62 48.94
CA LYS A 172 -4.37 -43.29 48.86
C LYS A 172 -4.43 -44.57 48.04
N LYS A 173 -5.62 -45.15 47.89
CA LYS A 173 -5.80 -46.34 47.06
C LYS A 173 -6.23 -46.01 45.64
N ASN A 174 -6.41 -44.73 45.30
CA ASN A 174 -6.83 -44.35 43.96
C ASN A 174 -5.63 -44.26 43.03
N SER A 175 -5.88 -44.52 41.75
CA SER A 175 -4.82 -44.50 40.74
C SER A 175 -4.54 -43.10 40.21
N HIS A 176 -5.40 -42.12 40.49
CA HIS A 176 -5.22 -40.76 39.98
C HIS A 176 -4.76 -39.77 41.03
N PHE A 177 -4.83 -40.12 42.32
CA PHE A 177 -4.50 -39.17 43.38
C PHE A 177 -3.03 -38.81 43.35
N SER A 178 -2.74 -37.52 43.54
CA SER A 178 -1.38 -37.01 43.64
C SER A 178 -1.19 -36.42 45.02
N ASP A 179 -0.10 -36.81 45.68
CA ASP A 179 0.18 -36.41 47.05
C ASP A 179 1.13 -35.23 47.13
N PHE A 180 1.41 -34.56 46.02
CA PHE A 180 2.34 -33.43 46.04
C PHE A 180 1.81 -32.30 46.91
N MET A 181 0.52 -31.99 46.80
CA MET A 181 -0.06 -30.93 47.63
C MET A 181 -0.05 -31.31 49.09
N ASP A 182 -0.33 -32.59 49.39
CA ASP A 182 -0.29 -33.05 50.79
C ASP A 182 1.11 -32.91 51.37
N LYS A 183 2.13 -33.27 50.60
CA LYS A 183 3.50 -33.10 51.07
C LYS A 183 3.84 -31.62 51.24
N GLN A 184 3.37 -30.77 50.31
CA GLN A 184 3.66 -29.34 50.40
C GLN A 184 3.04 -28.71 51.63
N THR A 185 1.79 -29.07 51.94
CA THR A 185 1.07 -28.46 53.06
C THR A 185 1.12 -29.28 54.34
N GLY A 186 1.54 -30.55 54.26
CA GLY A 186 1.56 -31.37 55.45
C GLY A 186 0.21 -31.79 55.97
N TYR A 187 -0.81 -31.80 55.11
CA TYR A 187 -2.17 -32.15 55.48
C TYR A 187 -2.58 -33.41 54.72
N VAL A 188 -3.11 -34.39 55.43
CA VAL A 188 -3.47 -35.67 54.86
C VAL A 188 -4.93 -35.65 54.45
N THR A 189 -5.23 -36.32 53.33
CA THR A 189 -6.58 -36.42 52.80
C THR A 189 -6.97 -37.89 52.72
N LYS A 190 -8.23 -38.19 53.04
CA LYS A 190 -8.69 -39.57 53.02
C LYS A 190 -9.92 -39.72 52.12
N ASN A 191 -10.82 -38.74 52.13
CA ASN A 191 -12.03 -38.77 51.33
C ASN A 191 -12.16 -37.46 50.58
N LEU A 192 -12.68 -37.51 49.36
CA LEU A 192 -12.94 -36.25 48.66
C LEU A 192 -14.05 -36.44 47.65
N LEU A 193 -14.65 -35.30 47.27
CA LEU A 193 -15.75 -35.25 46.31
C LEU A 193 -15.53 -34.00 45.46
N ALA A 194 -15.07 -34.20 44.23
CA ALA A 194 -14.74 -33.11 43.34
C ALA A 194 -15.70 -33.10 42.16
N THR A 195 -16.30 -31.94 41.89
CA THR A 195 -17.22 -31.78 40.77
C THR A 195 -16.74 -30.60 39.93
N PRO A 196 -16.41 -30.80 38.67
CA PRO A 196 -16.00 -29.67 37.82
C PRO A 196 -17.16 -28.76 37.52
N ILE A 197 -16.85 -27.48 37.34
CA ILE A 197 -17.81 -26.48 36.89
C ILE A 197 -17.62 -26.29 35.40
N VAL A 198 -18.67 -26.54 34.63
CA VAL A 198 -18.59 -26.52 33.17
C VAL A 198 -19.68 -25.61 32.62
N VAL A 199 -19.29 -24.68 31.76
CA VAL A 199 -20.23 -23.84 31.02
C VAL A 199 -19.78 -23.80 29.56
N GLY A 200 -20.73 -23.96 28.65
CA GLY A 200 -20.45 -23.90 27.24
C GLY A 200 -19.38 -24.89 26.80
N LYS A 201 -19.50 -26.13 27.28
CA LYS A 201 -18.57 -27.24 27.03
C LYS A 201 -17.14 -26.93 27.48
N GLU A 202 -16.93 -25.85 28.23
CA GLU A 202 -15.61 -25.50 28.73
C GLU A 202 -15.63 -25.52 30.25
N VAL A 203 -14.62 -26.14 30.84
CA VAL A 203 -14.51 -26.26 32.29
C VAL A 203 -13.77 -25.04 32.84
N LEU A 204 -14.36 -24.40 33.84
CA LEU A 204 -13.80 -23.21 34.46
C LEU A 204 -13.14 -23.49 35.80
N ALA A 205 -13.75 -24.30 36.65
CA ALA A 205 -13.20 -24.54 37.98
C ALA A 205 -13.60 -25.92 38.47
N VAL A 206 -12.84 -26.39 39.46
CA VAL A 206 -13.09 -27.66 40.14
C VAL A 206 -13.25 -27.36 41.62
N ILE A 207 -14.32 -27.87 42.22
CA ILE A 207 -14.67 -27.61 43.61
C ILE A 207 -14.42 -28.89 44.41
N MET A 208 -13.74 -28.75 45.55
CA MET A 208 -13.38 -29.89 46.38
C MET A 208 -13.92 -29.73 47.80
N ALA A 209 -14.48 -30.83 48.32
CA ALA A 209 -14.77 -31.00 49.73
C ALA A 209 -14.07 -32.27 50.20
N VAL A 210 -13.26 -32.15 51.25
CA VAL A 210 -12.39 -33.23 51.67
C VAL A 210 -12.59 -33.52 53.15
N ASN A 211 -12.28 -34.75 53.54
CA ASN A 211 -12.19 -35.17 54.94
C ASN A 211 -13.51 -34.91 55.69
N LYS A 212 -14.54 -35.65 55.27
CA LYS A 212 -15.80 -35.62 55.98
C LYS A 212 -15.59 -36.06 57.44
N VAL A 213 -16.18 -35.32 58.36
CA VAL A 213 -15.97 -35.55 59.78
C VAL A 213 -17.04 -36.50 60.31
N ASN A 214 -16.67 -37.27 61.34
CA ASN A 214 -17.57 -38.14 62.07
C ASN A 214 -18.16 -39.25 61.20
N ALA A 215 -17.72 -39.33 59.95
CA ALA A 215 -18.22 -40.33 59.02
C ALA A 215 -17.30 -40.37 57.81
N SER A 216 -17.49 -41.40 56.98
CA SER A 216 -16.77 -41.54 55.72
C SER A 216 -17.78 -41.81 54.61
N GLU A 217 -17.27 -42.03 53.39
CA GLU A 217 -18.02 -42.39 52.19
C GLU A 217 -18.90 -41.26 51.68
N PHE A 218 -18.95 -40.12 52.37
CA PHE A 218 -19.82 -38.99 52.01
C PHE A 218 -21.27 -39.52 51.99
N SER A 219 -22.12 -39.00 51.11
CA SER A 219 -23.49 -39.49 51.01
C SER A 219 -24.06 -39.07 49.67
N LYS A 220 -25.08 -39.81 49.21
CA LYS A 220 -25.76 -39.44 47.97
C LYS A 220 -26.46 -38.09 48.12
N GLN A 221 -27.11 -37.87 49.27
CA GLN A 221 -27.68 -36.56 49.54
C GLN A 221 -26.60 -35.48 49.61
N ASP A 222 -25.41 -35.85 50.10
CA ASP A 222 -24.30 -34.91 50.08
C ASP A 222 -23.93 -34.52 48.66
N GLU A 223 -23.88 -35.50 47.74
CA GLU A 223 -23.64 -35.18 46.34
C GLU A 223 -24.75 -34.31 45.77
N GLU A 224 -26.00 -34.58 46.16
CA GLU A 224 -27.13 -33.81 45.64
C GLU A 224 -27.03 -32.34 46.07
N VAL A 225 -26.77 -32.10 47.35
CA VAL A 225 -26.65 -30.72 47.83
C VAL A 225 -25.39 -30.07 47.24
N PHE A 226 -24.31 -30.86 47.09
CA PHE A 226 -23.11 -30.37 46.44
C PHE A 226 -23.44 -29.82 45.06
N SER A 227 -24.16 -30.59 44.25
CA SER A 227 -24.53 -30.14 42.91
C SER A 227 -25.48 -28.95 42.95
N LYS A 228 -26.47 -28.99 43.86
CA LYS A 228 -27.48 -27.95 43.86
C LYS A 228 -26.92 -26.60 44.35
N TYR A 229 -25.79 -26.59 45.04
CA TYR A 229 -25.14 -25.32 45.38
C TYR A 229 -23.99 -24.97 44.45
N LEU A 230 -23.33 -25.97 43.87
CA LEU A 230 -22.44 -25.68 42.76
C LEU A 230 -23.21 -25.11 41.58
N ASN A 231 -24.53 -25.24 41.55
CA ASN A 231 -25.33 -24.48 40.60
C ASN A 231 -25.17 -22.97 40.84
N PHE A 232 -25.25 -22.53 42.10
CA PHE A 232 -24.99 -21.13 42.39
C PHE A 232 -23.56 -20.75 42.00
N VAL A 233 -22.61 -21.62 42.35
CA VAL A 233 -21.21 -21.35 42.01
C VAL A 233 -21.04 -21.21 40.51
N SER A 234 -21.71 -22.07 39.74
CA SER A 234 -21.62 -22.03 38.28
C SER A 234 -22.28 -20.78 37.73
N ILE A 235 -23.35 -20.31 38.36
CA ILE A 235 -23.96 -19.05 37.93
C ILE A 235 -22.96 -17.90 38.08
N ILE A 236 -22.31 -17.84 39.24
CA ILE A 236 -21.34 -16.77 39.49
C ILE A 236 -20.19 -16.85 38.50
N LEU A 237 -19.66 -18.06 38.31
CA LEU A 237 -18.53 -18.25 37.41
C LEU A 237 -18.91 -17.93 35.97
N ARG A 238 -20.14 -18.28 35.57
CA ARG A 238 -20.59 -17.96 34.21
C ARG A 238 -20.68 -16.47 34.01
N LEU A 239 -21.22 -15.74 34.98
CA LEU A 239 -21.27 -14.28 34.86
C LEU A 239 -19.85 -13.71 34.69
N HIS A 240 -18.94 -14.12 35.57
CA HIS A 240 -17.57 -13.59 35.51
C HIS A 240 -16.90 -13.95 34.19
N HIS A 241 -17.07 -15.20 33.74
CA HIS A 241 -16.41 -15.64 32.52
C HIS A 241 -16.97 -14.92 31.30
N THR A 242 -18.28 -14.71 31.24
CA THR A 242 -18.86 -13.98 30.12
C THR A 242 -18.35 -12.54 30.09
N SER A 243 -18.27 -11.90 31.26
CA SER A 243 -17.73 -10.55 31.31
C SER A 243 -16.27 -10.53 30.84
N TYR A 244 -15.47 -11.50 31.28
CA TYR A 244 -14.06 -11.54 30.89
C TYR A 244 -13.90 -11.79 29.39
N MET A 245 -14.70 -12.69 28.83
CA MET A 245 -14.65 -12.95 27.39
C MET A 245 -15.03 -11.72 26.61
N TYR A 246 -16.08 -11.00 27.05
CA TYR A 246 -16.46 -9.78 26.37
C TYR A 246 -15.33 -8.74 26.44
N ASN A 247 -14.68 -8.64 27.60
CA ASN A 247 -13.59 -7.67 27.74
C ASN A 247 -12.44 -7.99 26.80
N ILE A 248 -12.04 -9.27 26.72
CA ILE A 248 -10.91 -9.61 25.87
C ILE A 248 -11.27 -9.45 24.40
N GLU A 249 -12.52 -9.75 24.03
CA GLU A 249 -12.92 -9.55 22.63
C GLU A 249 -12.95 -8.07 22.27
N SER A 250 -13.42 -7.22 23.20
CA SER A 250 -13.37 -5.78 22.96
C SER A 250 -11.93 -5.30 22.82
N ARG A 251 -11.03 -5.81 23.65
CA ARG A 251 -9.62 -5.43 23.54
C ARG A 251 -9.05 -5.85 22.18
N ARG A 252 -9.39 -7.05 21.72
CA ARG A 252 -8.90 -7.51 20.42
C ARG A 252 -9.43 -6.63 19.30
N SER A 253 -10.73 -6.31 19.33
CA SER A 253 -11.31 -5.47 18.29
C SER A 253 -10.69 -4.09 18.28
N GLN A 254 -10.46 -3.50 19.45
CA GLN A 254 -9.86 -2.16 19.49
C GLN A 254 -8.40 -2.20 19.04
N ILE A 255 -7.68 -3.28 19.37
CA ILE A 255 -6.32 -3.44 18.87
C ILE A 255 -6.33 -3.48 17.34
N LEU A 256 -7.27 -4.23 16.77
CA LEU A 256 -7.36 -4.31 15.31
C LEU A 256 -7.68 -2.95 14.70
N MET A 257 -8.64 -2.24 15.28
CA MET A 257 -8.98 -0.90 14.81
C MET A 257 -7.76 0.02 14.82
N TRP A 258 -7.05 0.07 15.96
CA TRP A 258 -5.95 1.03 16.07
C TRP A 258 -4.78 0.63 15.16
N SER A 259 -4.48 -0.67 15.07
CA SER A 259 -3.42 -1.11 14.17
C SER A 259 -3.76 -0.79 12.71
N ALA A 260 -5.00 -1.03 12.31
CA ALA A 260 -5.40 -0.72 10.94
C ALA A 260 -5.36 0.78 10.68
N ASN A 261 -5.78 1.58 11.67
CA ASN A 261 -5.73 3.04 11.51
C ASN A 261 -4.31 3.54 11.33
N LYS A 262 -3.38 3.01 12.13
CA LYS A 262 -2.00 3.47 12.06
C LYS A 262 -1.26 2.94 10.84
N VAL A 263 -1.56 1.71 10.42
CA VAL A 263 -0.89 1.15 9.25
C VAL A 263 -1.30 1.90 7.99
N PHE A 264 -2.58 2.18 7.83
CA PHE A 264 -3.10 2.84 6.64
C PHE A 264 -2.93 4.36 6.68
N GLU A 265 -2.17 4.89 7.63
CA GLU A 265 -1.94 6.33 7.66
C GLU A 265 -1.03 6.76 6.50
N GLU A 266 0.03 6.00 6.24
CA GLU A 266 0.95 6.30 5.16
C GLU A 266 1.82 5.07 4.91
N LEU A 267 2.58 5.12 3.82
CA LEU A 267 3.52 4.06 3.50
C LEU A 267 4.84 4.30 4.22
N THR A 268 5.33 3.28 4.93
CA THR A 268 6.57 3.40 5.68
C THR A 268 7.20 2.01 5.79
N ASP A 269 8.48 1.99 6.17
CA ASP A 269 9.23 0.76 6.25
C ASP A 269 8.81 -0.06 7.48
N VAL A 270 9.54 -1.15 7.73
CA VAL A 270 9.15 -2.09 8.79
C VAL A 270 9.24 -1.43 10.16
N GLU A 271 10.35 -0.75 10.43
CA GLU A 271 10.61 -0.26 11.78
C GLU A 271 9.55 0.74 12.22
N ARG A 272 9.31 1.77 11.42
CA ARG A 272 8.38 2.82 11.81
C ARG A 272 6.95 2.29 11.89
N GLN A 273 6.55 1.46 10.93
CA GLN A 273 5.20 0.91 10.94
C GLN A 273 4.97 0.05 12.17
N PHE A 274 5.92 -0.83 12.48
CA PHE A 274 5.77 -1.69 13.65
C PHE A 274 5.77 -0.87 14.93
N HIS A 275 6.62 0.16 14.99
CA HIS A 275 6.65 1.01 16.18
C HIS A 275 5.32 1.72 16.38
N LYS A 276 4.75 2.27 15.31
CA LYS A 276 3.47 2.95 15.42
C LYS A 276 2.38 1.98 15.87
N ALA A 277 2.30 0.82 15.22
CA ALA A 277 1.25 -0.14 15.53
C ALA A 277 1.37 -0.64 16.97
N LEU A 278 2.59 -0.92 17.43
CA LEU A 278 2.77 -1.45 18.78
C LEU A 278 2.62 -0.39 19.85
N TYR A 279 3.00 0.86 19.57
CA TYR A 279 2.86 1.91 20.56
C TYR A 279 1.41 2.39 20.69
N THR A 280 0.66 2.40 19.60
CA THR A 280 -0.72 2.86 19.67
C THR A 280 -1.59 1.92 20.50
N VAL A 281 -1.27 0.63 20.50
CA VAL A 281 -2.07 -0.36 21.21
C VAL A 281 -1.47 -0.70 22.57
N ARG A 282 -0.60 0.16 23.11
CA ARG A 282 0.03 -0.12 24.39
C ARG A 282 -0.97 -0.15 25.54
N SER A 283 -2.13 0.48 25.38
CA SER A 283 -3.13 0.50 26.45
C SER A 283 -4.00 -0.75 26.47
N TYR A 284 -3.99 -1.55 25.41
CA TYR A 284 -4.80 -2.76 25.35
C TYR A 284 -4.00 -4.04 25.58
N LEU A 285 -2.68 -3.95 25.59
CA LEU A 285 -1.82 -5.08 25.92
C LEU A 285 -1.45 -4.96 27.39
N ASN A 286 -2.07 -5.79 28.23
CA ASN A 286 -1.87 -5.71 29.68
C ASN A 286 -0.55 -6.38 30.04
N CYS A 287 0.54 -5.73 29.66
CA CYS A 287 1.89 -6.19 29.95
C CYS A 287 2.72 -5.03 30.49
N GLU A 288 3.50 -5.30 31.54
CA GLU A 288 4.33 -4.26 32.12
C GLU A 288 5.40 -3.80 31.14
N ARG A 289 6.04 -4.74 30.45
CA ARG A 289 7.03 -4.44 29.44
C ARG A 289 6.83 -5.36 28.24
N TYR A 290 7.18 -4.87 27.07
CA TYR A 290 7.24 -5.72 25.89
C TYR A 290 8.14 -5.08 24.85
N SER A 291 8.77 -5.91 24.04
CA SER A 291 9.75 -5.45 23.07
C SER A 291 9.56 -6.22 21.76
N ILE A 292 10.17 -5.69 20.70
CA ILE A 292 10.16 -6.34 19.40
C ILE A 292 11.58 -6.28 18.84
N GLY A 293 12.07 -7.42 18.34
CA GLY A 293 13.38 -7.48 17.73
C GLY A 293 13.29 -7.87 16.27
N LEU A 294 13.96 -7.12 15.40
CA LEU A 294 13.87 -7.32 13.96
C LEU A 294 15.13 -8.02 13.45
N LEU A 295 14.94 -9.04 12.64
CA LEU A 295 16.04 -9.83 12.09
C LEU A 295 16.54 -9.22 10.78
N ASP A 296 17.80 -9.50 10.47
CA ASP A 296 18.35 -9.09 9.19
C ASP A 296 17.65 -9.82 8.06
N MET A 297 17.26 -9.07 7.03
CA MET A 297 16.53 -9.64 5.90
C MET A 297 17.41 -10.04 4.73
N THR A 298 18.72 -9.84 4.84
CA THR A 298 19.62 -10.19 3.75
C THR A 298 19.75 -11.71 3.66
N LYS A 299 19.31 -12.27 2.54
CA LYS A 299 19.34 -13.72 2.36
C LYS A 299 20.68 -14.21 1.81
N GLU A 300 21.17 -13.56 0.76
CA GLU A 300 22.43 -13.94 0.13
C GLU A 300 23.44 -12.81 0.29
N LYS A 301 24.72 -13.18 0.36
CA LYS A 301 25.80 -12.22 0.52
C LYS A 301 26.44 -11.92 -0.84
N GLU A 302 27.18 -10.82 -0.88
CA GLU A 302 27.87 -10.43 -2.10
C GLU A 302 29.03 -11.37 -2.38
N PHE A 303 29.50 -11.34 -3.62
CA PHE A 303 30.58 -12.25 -4.02
C PHE A 303 31.87 -11.94 -3.26
N TYR A 304 32.18 -10.67 -3.04
CA TYR A 304 33.42 -10.34 -2.36
C TYR A 304 33.37 -10.70 -0.88
N ASP A 305 32.19 -10.71 -0.28
CA ASP A 305 32.05 -11.26 1.07
C ASP A 305 32.11 -12.78 1.07
N GLU A 306 31.71 -13.42 -0.03
CA GLU A 306 31.77 -14.87 -0.13
C GLU A 306 33.17 -15.38 -0.44
N TRP A 307 34.06 -14.51 -0.94
CA TRP A 307 35.41 -14.96 -1.29
C TRP A 307 36.18 -15.54 -0.11
N PRO A 308 36.26 -14.89 1.06
CA PRO A 308 37.02 -15.51 2.17
C PRO A 308 36.45 -16.85 2.62
N ILE A 309 35.12 -17.01 2.57
CA ILE A 309 34.51 -18.27 2.98
C ILE A 309 34.85 -19.37 1.98
N LYS A 310 34.74 -19.07 0.69
CA LYS A 310 35.04 -20.08 -0.33
C LYS A 310 36.52 -20.45 -0.31
N LEU A 311 37.41 -19.47 -0.13
CA LEU A 311 38.83 -19.77 -0.09
C LEU A 311 39.26 -20.45 1.20
N GLY A 312 38.40 -20.51 2.21
CA GLY A 312 38.70 -21.18 3.45
C GLY A 312 39.51 -20.37 4.45
N GLU A 313 39.81 -19.11 4.14
CA GLU A 313 40.56 -18.28 5.08
C GLU A 313 39.76 -17.96 6.33
N VAL A 314 38.43 -18.00 6.26
CA VAL A 314 37.56 -17.74 7.40
C VAL A 314 36.62 -18.93 7.55
N GLU A 315 36.53 -19.44 8.78
CA GLU A 315 35.70 -20.61 9.04
C GLU A 315 34.23 -20.28 8.77
N PRO A 316 33.45 -21.27 8.33
CA PRO A 316 32.02 -21.02 8.10
C PRO A 316 31.30 -20.68 9.39
N TYR A 317 30.25 -19.87 9.27
CA TYR A 317 29.53 -19.40 10.43
C TYR A 317 28.66 -20.53 11.00
N LYS A 318 28.88 -20.84 12.28
CA LYS A 318 28.11 -21.87 12.98
C LYS A 318 27.39 -21.22 14.15
N GLY A 319 26.09 -21.43 14.22
CA GLY A 319 25.28 -20.86 15.27
C GLY A 319 23.80 -20.95 14.98
N PRO A 320 23.00 -20.12 15.67
CA PRO A 320 21.55 -20.12 15.43
C PRO A 320 21.23 -19.74 13.99
N LYS A 321 20.20 -20.38 13.44
CA LYS A 321 19.77 -20.13 12.07
C LYS A 321 18.27 -20.27 11.98
N THR A 322 17.63 -19.31 11.31
CA THR A 322 16.21 -19.39 11.07
C THR A 322 15.92 -20.52 10.08
N PRO A 323 14.67 -21.01 10.03
CA PRO A 323 14.36 -22.11 9.10
C PRO A 323 14.66 -21.78 7.65
N ASP A 324 14.58 -20.51 7.26
CA ASP A 324 14.94 -20.12 5.90
C ASP A 324 16.43 -20.19 5.62
N GLY A 325 17.26 -20.34 6.67
CA GLY A 325 18.69 -20.44 6.51
C GLY A 325 19.48 -19.19 6.84
N ARG A 326 18.80 -18.08 7.08
CA ARG A 326 19.50 -16.84 7.42
C ARG A 326 20.11 -16.93 8.82
N GLU A 327 21.13 -16.12 9.06
CA GLU A 327 21.70 -16.01 10.40
C GLU A 327 20.77 -15.19 11.28
N VAL A 328 20.68 -15.59 12.56
CA VAL A 328 19.82 -14.91 13.51
C VAL A 328 20.54 -13.68 14.05
N ASN A 329 20.32 -12.54 13.42
CA ASN A 329 20.96 -11.29 13.80
C ASN A 329 19.90 -10.22 13.98
N PHE A 330 19.73 -9.77 15.23
CA PHE A 330 18.77 -8.72 15.55
C PHE A 330 19.43 -7.37 15.28
N TYR A 331 18.97 -6.67 14.26
CA TYR A 331 19.62 -5.43 13.85
C TYR A 331 19.00 -4.19 14.50
N LYS A 332 17.87 -4.32 15.20
CA LYS A 332 17.23 -3.19 15.86
C LYS A 332 16.17 -3.71 16.80
N ILE A 333 16.10 -3.14 17.99
CA ILE A 333 15.15 -3.58 19.01
C ILE A 333 14.46 -2.36 19.60
N ILE A 334 13.14 -2.41 19.69
CA ILE A 334 12.34 -1.36 20.30
C ILE A 334 11.78 -1.88 21.61
N ASP A 335 12.04 -1.17 22.69
CA ASP A 335 11.56 -1.54 24.02
C ASP A 335 10.44 -0.60 24.44
N TYR A 336 9.39 -1.17 25.02
CA TYR A 336 8.26 -0.41 25.54
C TYR A 336 8.13 -0.71 27.03
N ILE A 337 8.50 0.26 27.86
CA ILE A 337 8.46 0.12 29.31
C ILE A 337 7.25 0.88 29.82
N LEU A 338 6.32 0.17 30.47
CA LEU A 338 5.07 0.76 30.93
C LEU A 338 4.83 0.62 32.42
N HIS A 339 5.64 -0.15 33.13
CA HIS A 339 5.38 -0.38 34.56
C HIS A 339 5.65 0.86 35.40
N GLY A 340 6.63 1.67 35.00
CA GLY A 340 6.95 2.88 35.75
C GLY A 340 6.87 4.11 34.87
N LYS A 341 7.97 4.86 34.80
CA LYS A 341 8.03 5.98 33.87
C LYS A 341 8.07 5.45 32.44
N GLU A 342 7.13 5.88 31.62
CA GLU A 342 6.98 5.35 30.28
C GLU A 342 8.10 5.89 29.39
N GLU A 343 8.94 4.99 28.89
CA GLU A 343 9.99 5.34 27.94
C GLU A 343 10.03 4.30 26.83
N ILE A 344 10.41 4.74 25.64
CA ILE A 344 10.49 3.86 24.47
C ILE A 344 11.94 3.91 24.00
N LYS A 345 12.74 2.95 24.45
CA LYS A 345 14.14 2.87 24.08
C LYS A 345 14.28 2.13 22.76
N VAL A 346 15.05 2.71 21.83
CA VAL A 346 15.34 2.08 20.55
C VAL A 346 16.84 1.80 20.52
N ILE A 347 17.20 0.52 20.47
CA ILE A 347 18.58 0.07 20.48
C ILE A 347 18.92 -0.42 19.08
N PRO A 348 19.74 0.31 18.32
CA PRO A 348 20.19 -0.18 17.01
C PRO A 348 21.38 -1.11 17.19
N THR A 349 21.31 -2.29 16.55
CA THR A 349 22.30 -3.35 16.68
C THR A 349 22.55 -3.65 18.15
N PRO A 350 21.58 -4.22 18.85
CA PRO A 350 21.72 -4.44 20.29
C PRO A 350 22.76 -5.51 20.58
N PRO A 351 23.48 -5.40 21.68
CA PRO A 351 24.41 -6.46 22.07
C PRO A 351 23.67 -7.66 22.63
N ALA A 352 24.39 -8.77 22.74
CA ALA A 352 23.83 -9.97 23.36
C ALA A 352 23.61 -9.78 24.86
N ASP A 353 24.19 -8.74 25.45
CA ASP A 353 24.00 -8.43 26.86
C ASP A 353 22.63 -7.82 27.15
N HIS A 354 21.90 -7.42 26.11
CA HIS A 354 20.59 -6.80 26.28
C HIS A 354 19.66 -7.73 27.06
N TRP A 355 18.88 -7.15 27.98
CA TRP A 355 18.08 -7.94 28.89
C TRP A 355 17.04 -8.79 28.17
N THR A 356 16.71 -8.45 26.93
CA THR A 356 15.80 -9.31 26.16
C THR A 356 16.51 -10.55 25.65
N LEU A 357 17.77 -10.41 25.24
CA LEU A 357 18.51 -11.48 24.59
C LEU A 357 19.41 -12.28 25.52
N ILE A 358 19.53 -11.87 26.78
CA ILE A 358 20.35 -12.66 27.71
C ILE A 358 19.75 -14.04 27.89
N SER A 359 18.43 -14.13 28.02
CA SER A 359 17.74 -15.40 27.94
C SER A 359 17.66 -15.84 26.48
N GLY A 360 17.53 -17.15 26.28
CA GLY A 360 17.51 -17.69 24.94
C GLY A 360 16.16 -17.67 24.25
N LEU A 361 15.13 -17.09 24.87
CA LEU A 361 13.79 -17.15 24.30
C LEU A 361 13.67 -16.44 22.95
N PRO A 362 14.11 -15.19 22.78
CA PRO A 362 14.00 -14.57 21.45
C PRO A 362 14.76 -15.34 20.37
N THR A 363 15.96 -15.81 20.69
CA THR A 363 16.71 -16.61 19.72
C THR A 363 16.01 -17.93 19.43
N TYR A 364 15.42 -18.54 20.46
CA TYR A 364 14.68 -19.78 20.26
C TYR A 364 13.49 -19.57 19.34
N VAL A 365 12.76 -18.45 19.53
CA VAL A 365 11.63 -18.15 18.66
C VAL A 365 12.09 -17.90 17.24
N ALA A 366 13.18 -17.15 17.08
CA ALA A 366 13.70 -16.89 15.73
C ALA A 366 14.16 -18.17 15.05
N GLU A 367 14.70 -19.12 15.82
CA GLU A 367 15.17 -20.37 15.25
C GLU A 367 14.02 -21.31 14.88
N ASN A 368 12.99 -21.38 15.73
CA ASN A 368 11.94 -22.38 15.55
C ASN A 368 10.62 -21.80 15.07
N GLY A 369 10.24 -20.62 15.53
CA GLY A 369 8.98 -20.04 15.11
C GLY A 369 7.77 -20.49 15.89
N PHE A 370 7.96 -21.00 17.10
CA PHE A 370 6.85 -21.42 17.94
C PHE A 370 6.40 -20.28 18.83
N ILE A 371 5.12 -20.31 19.21
CA ILE A 371 4.59 -19.37 20.18
C ILE A 371 4.89 -19.91 21.57
N CYS A 372 5.73 -19.21 22.33
CA CYS A 372 6.26 -19.71 23.59
C CYS A 372 5.61 -18.95 24.74
N ASN A 373 4.99 -19.69 25.65
CA ASN A 373 4.40 -19.13 26.87
C ASN A 373 5.17 -19.72 28.05
N MET A 374 5.76 -18.85 28.86
CA MET A 374 6.58 -19.28 30.00
C MET A 374 6.05 -18.63 31.26
N MET A 375 5.69 -19.44 32.24
CA MET A 375 5.33 -18.97 33.57
C MET A 375 6.45 -19.33 34.54
N ASN A 376 6.72 -18.44 35.49
CA ASN A 376 7.85 -18.56 36.39
C ASN A 376 9.14 -18.74 35.60
N ALA A 377 9.46 -17.72 34.81
CA ALA A 377 10.59 -17.80 33.87
C ALA A 377 11.92 -18.10 34.55
N PRO A 378 12.30 -17.46 35.65
CA PRO A 378 13.59 -17.80 36.28
C PRO A 378 13.70 -19.25 36.72
N ALA A 379 12.58 -19.89 37.05
CA ALA A 379 12.62 -21.27 37.52
C ALA A 379 13.05 -22.26 36.43
N ASP A 380 12.96 -21.87 35.15
CA ASP A 380 13.34 -22.77 34.07
C ASP A 380 14.85 -22.92 34.00
N GLU A 381 15.28 -24.10 33.57
CA GLU A 381 16.71 -24.44 33.49
C GLU A 381 17.29 -24.23 32.11
N TYR A 382 16.53 -24.53 31.05
CA TYR A 382 17.05 -24.39 29.69
C TYR A 382 17.33 -22.93 29.36
N PHE A 383 16.45 -22.03 29.75
CA PHE A 383 16.60 -20.61 29.46
C PHE A 383 17.19 -19.91 30.67
N THR A 384 18.24 -19.13 30.44
CA THR A 384 18.96 -18.44 31.52
C THR A 384 18.35 -17.07 31.80
N PHE A 385 17.08 -17.09 32.19
CA PHE A 385 16.39 -15.85 32.54
C PHE A 385 16.99 -15.25 33.82
N GLN A 386 17.02 -13.93 33.87
CA GLN A 386 17.56 -13.24 35.03
C GLN A 386 16.68 -13.50 36.25
N LYS A 387 17.32 -13.83 37.38
CA LYS A 387 16.61 -14.14 38.61
C LYS A 387 16.48 -12.94 39.52
N GLY A 388 16.94 -11.76 39.10
CA GLY A 388 16.84 -10.57 39.90
C GLY A 388 16.48 -9.36 39.05
N PRO A 389 16.58 -8.17 39.65
CA PRO A 389 16.29 -6.95 38.88
C PRO A 389 17.23 -6.82 37.69
N VAL A 390 16.69 -6.30 36.59
CA VAL A 390 17.42 -6.24 35.33
C VAL A 390 17.86 -4.82 34.98
N ASP A 391 17.07 -3.80 35.32
CA ASP A 391 17.38 -2.42 34.97
C ASP A 391 17.69 -1.57 36.20
N GLU A 392 17.95 -2.20 37.34
CA GLU A 392 18.17 -1.53 38.62
C GLU A 392 16.96 -0.75 39.09
N THR A 393 15.80 -0.93 38.44
CA THR A 393 14.56 -0.29 38.86
C THR A 393 13.69 -1.21 39.70
N GLY A 394 14.16 -2.41 40.01
CA GLY A 394 13.38 -3.34 40.81
C GLY A 394 12.40 -4.19 40.04
N TRP A 395 12.50 -4.23 38.72
CA TRP A 395 11.60 -5.02 37.90
C TRP A 395 12.22 -6.38 37.62
N VAL A 396 11.47 -7.44 37.92
CA VAL A 396 11.93 -8.81 37.79
C VAL A 396 11.00 -9.56 36.86
N ILE A 397 11.59 -10.32 35.93
CA ILE A 397 10.80 -11.08 34.96
C ILE A 397 10.09 -12.21 35.65
N LYS A 398 8.77 -12.30 35.46
CA LYS A 398 7.97 -13.36 36.04
C LYS A 398 7.25 -14.20 35.00
N ASN A 399 6.61 -13.59 34.02
CA ASN A 399 5.92 -14.31 32.95
C ASN A 399 6.33 -13.74 31.61
N VAL A 400 6.52 -14.63 30.63
CA VAL A 400 7.00 -14.24 29.31
C VAL A 400 6.11 -14.87 28.24
N LEU A 401 5.84 -14.11 27.19
CA LEU A 401 5.13 -14.61 26.01
C LEU A 401 5.85 -14.10 24.78
N SER A 402 6.32 -15.01 23.94
CA SER A 402 7.11 -14.64 22.77
C SER A 402 6.51 -15.27 21.53
N LEU A 403 6.34 -14.46 20.48
CA LEU A 403 5.71 -14.90 19.24
C LEU A 403 6.53 -14.43 18.05
N PRO A 404 6.52 -15.18 16.96
CA PRO A 404 7.19 -14.73 15.74
C PRO A 404 6.26 -13.99 14.80
N ILE A 405 6.86 -13.16 13.95
CA ILE A 405 6.17 -12.44 12.89
C ILE A 405 6.66 -12.99 11.56
N VAL A 406 5.74 -13.30 10.66
CA VAL A 406 6.06 -14.02 9.44
C VAL A 406 5.66 -13.21 8.22
N ASN A 407 6.29 -13.54 7.09
CA ASN A 407 5.99 -12.95 5.80
C ASN A 407 4.83 -13.69 5.15
N LYS A 408 4.59 -13.41 3.86
CA LYS A 408 3.70 -14.24 3.08
C LYS A 408 4.33 -15.61 2.80
N LYS A 409 5.66 -15.66 2.73
CA LYS A 409 6.40 -16.88 2.47
C LYS A 409 6.75 -17.64 3.75
N GLU A 410 6.04 -17.39 4.85
CA GLU A 410 6.29 -18.04 6.13
C GLU A 410 7.74 -17.87 6.57
N ASP A 411 8.25 -16.65 6.42
CA ASP A 411 9.62 -16.32 6.77
C ASP A 411 9.63 -15.34 7.94
N ILE A 412 10.42 -15.66 8.97
CA ILE A 412 10.43 -14.86 10.19
C ILE A 412 11.11 -13.53 9.91
N VAL A 413 10.48 -12.44 10.39
CA VAL A 413 11.00 -11.09 10.22
C VAL A 413 11.33 -10.50 11.59
N GLY A 414 10.59 -10.91 12.61
CA GLY A 414 10.82 -10.37 13.93
C GLY A 414 10.29 -11.28 15.01
N VAL A 415 10.64 -10.93 16.24
CA VAL A 415 10.18 -11.66 17.43
C VAL A 415 9.64 -10.64 18.41
N ALA A 416 8.38 -10.78 18.79
CA ALA A 416 7.73 -9.89 19.73
C ALA A 416 7.60 -10.61 21.07
N THR A 417 8.20 -10.04 22.11
CA THR A 417 8.22 -10.63 23.44
C THR A 417 7.40 -9.75 24.39
N PHE A 418 6.40 -10.34 25.03
CA PHE A 418 5.55 -9.66 25.97
C PHE A 418 5.84 -10.19 27.37
N TYR A 419 6.21 -9.31 28.28
CA TYR A 419 6.66 -9.70 29.60
C TYR A 419 5.50 -9.69 30.59
N ASN A 420 5.81 -9.74 31.88
CA ASN A 420 4.85 -10.15 32.90
C ASN A 420 3.56 -9.34 32.85
N ARG A 421 2.45 -10.05 33.02
CA ARG A 421 1.12 -9.45 32.93
C ARG A 421 0.89 -8.46 34.06
N LYS A 422 0.03 -7.47 33.80
CA LYS A 422 -0.27 -6.47 34.81
C LYS A 422 -0.95 -7.09 36.03
N ASP A 423 -1.89 -8.00 35.82
CA ASP A 423 -2.61 -8.61 36.92
C ASP A 423 -1.72 -9.50 37.78
N GLY A 424 -0.59 -9.97 37.24
CA GLY A 424 0.27 -10.90 37.93
C GLY A 424 0.00 -12.35 37.64
N LYS A 425 -1.15 -12.67 37.05
CA LYS A 425 -1.46 -14.04 36.66
C LYS A 425 -0.69 -14.41 35.40
N PRO A 426 -0.37 -15.70 35.23
CA PRO A 426 0.35 -16.12 34.02
C PRO A 426 -0.50 -15.96 32.78
N PHE A 427 0.17 -15.80 31.64
CA PHE A 427 -0.51 -15.69 30.37
C PHE A 427 -1.33 -16.95 30.11
N ASP A 428 -2.55 -16.75 29.61
CA ASP A 428 -3.47 -17.83 29.32
C ASP A 428 -3.78 -17.85 27.82
N GLU A 429 -4.73 -18.71 27.44
CA GLU A 429 -5.05 -18.86 26.02
C GLU A 429 -5.64 -17.58 25.45
N HIS A 430 -6.31 -16.78 26.27
CA HIS A 430 -6.92 -15.55 25.78
C HIS A 430 -5.87 -14.50 25.45
N ASP A 431 -4.88 -14.32 26.33
CA ASP A 431 -3.81 -13.36 26.03
C ASP A 431 -3.00 -13.83 24.84
N GLU A 432 -2.74 -15.14 24.74
CA GLU A 432 -2.10 -15.68 23.56
C GLU A 432 -2.92 -15.38 22.31
N TYR A 433 -4.25 -15.48 22.41
CA TYR A 433 -5.12 -15.14 21.28
C TYR A 433 -4.93 -13.68 20.87
N ILE A 434 -4.94 -12.78 21.84
CA ILE A 434 -4.84 -11.35 21.55
C ILE A 434 -3.51 -11.05 20.86
N THR A 435 -2.40 -11.50 21.46
CA THR A 435 -1.09 -11.19 20.88
C THR A 435 -0.86 -11.93 19.58
N GLU A 436 -1.41 -13.13 19.40
CA GLU A 436 -1.27 -13.83 18.15
C GLU A 436 -2.00 -13.11 17.03
N THR A 437 -3.20 -12.59 17.31
CA THR A 437 -3.90 -11.80 16.31
C THR A 437 -3.13 -10.52 15.98
N LEU A 438 -2.55 -9.88 17.00
CA LEU A 438 -1.75 -8.68 16.74
C LEU A 438 -0.56 -8.99 15.86
N THR A 439 0.15 -10.09 16.14
CA THR A 439 1.31 -10.44 15.34
C THR A 439 0.93 -10.90 13.94
N GLN A 440 -0.22 -11.57 13.79
CA GLN A 440 -0.68 -11.92 12.46
C GLN A 440 -0.99 -10.68 11.64
N PHE A 441 -1.65 -9.69 12.26
CA PHE A 441 -1.91 -8.44 11.54
C PHE A 441 -0.60 -7.74 11.18
N LEU A 442 0.36 -7.73 12.10
CA LEU A 442 1.65 -7.10 11.79
C LEU A 442 2.35 -7.82 10.65
N GLY A 443 2.30 -9.15 10.63
CA GLY A 443 2.90 -9.89 9.53
C GLY A 443 2.22 -9.62 8.20
N TRP A 444 0.90 -9.52 8.20
CA TRP A 444 0.19 -9.14 6.99
C TRP A 444 0.54 -7.74 6.54
N SER A 445 0.80 -6.84 7.49
CA SER A 445 1.07 -5.44 7.19
C SER A 445 2.37 -5.22 6.42
N LEU A 446 3.20 -6.25 6.25
CA LEU A 446 4.45 -6.09 5.53
C LEU A 446 4.26 -5.86 4.04
N LEU A 447 3.04 -6.02 3.53
CA LEU A 447 2.77 -5.65 2.15
C LEU A 447 2.99 -4.17 1.94
N ASN A 448 2.57 -3.34 2.89
CA ASN A 448 2.77 -1.89 2.78
C ASN A 448 4.22 -1.48 2.97
N THR A 449 5.08 -2.37 3.45
CA THR A 449 6.51 -2.09 3.51
C THR A 449 7.22 -2.52 2.24
N ASP A 450 6.91 -3.71 1.74
CA ASP A 450 7.45 -4.13 0.44
C ASP A 450 7.02 -3.17 -0.65
N THR A 451 5.76 -2.72 -0.61
CA THR A 451 5.27 -1.75 -1.57
C THR A 451 5.97 -0.41 -1.42
N TYR A 452 6.28 -0.01 -0.18
CA TYR A 452 7.02 1.23 0.03
C TYR A 452 8.41 1.16 -0.59
N ASP A 453 9.10 0.03 -0.37
CA ASP A 453 10.42 -0.13 -0.97
C ASP A 453 10.35 -0.15 -2.50
N LYS A 454 9.34 -0.84 -3.04
CA LYS A 454 9.17 -0.86 -4.50
C LYS A 454 8.86 0.53 -5.04
N MET A 455 8.07 1.32 -4.31
CA MET A 455 7.80 2.69 -4.71
C MET A 455 9.08 3.50 -4.76
N ASN A 456 9.90 3.39 -3.72
CA ASN A 456 11.15 4.15 -3.71
C ASN A 456 12.06 3.74 -4.85
N LYS A 457 12.19 2.44 -5.09
CA LYS A 457 13.05 1.97 -6.18
C LYS A 457 12.53 2.44 -7.53
N LEU A 458 11.22 2.32 -7.76
CA LEU A 458 10.65 2.74 -9.05
C LEU A 458 10.79 4.23 -9.26
N GLU A 459 10.55 5.03 -8.22
CA GLU A 459 10.68 6.48 -8.36
C GLU A 459 12.12 6.87 -8.65
N ASN A 460 13.07 6.26 -7.94
CA ASN A 460 14.48 6.58 -8.20
C ASN A 460 14.90 6.17 -9.61
N ARG A 461 14.46 4.98 -10.05
CA ARG A 461 14.81 4.55 -11.40
C ARG A 461 14.19 5.45 -12.46
N LYS A 462 12.94 5.88 -12.24
CA LYS A 462 12.30 6.79 -13.19
C LYS A 462 13.04 8.12 -13.24
N ASP A 463 13.43 8.65 -12.08
CA ASP A 463 14.17 9.92 -12.07
C ASP A 463 15.51 9.79 -12.79
N ILE A 464 16.23 8.69 -12.54
CA ILE A 464 17.52 8.48 -13.20
C ILE A 464 17.33 8.36 -14.72
N ALA A 465 16.33 7.58 -15.14
CA ALA A 465 16.10 7.40 -16.56
C ALA A 465 15.73 8.71 -17.23
N GLN A 466 14.89 9.52 -16.59
CA GLN A 466 14.52 10.82 -17.17
C GLN A 466 15.73 11.74 -17.24
N GLU A 467 16.58 11.74 -16.22
CA GLU A 467 17.76 12.60 -16.24
C GLU A 467 18.71 12.21 -17.36
N MET A 468 18.98 10.91 -17.51
CA MET A 468 19.87 10.48 -18.58
C MET A 468 19.25 10.71 -19.96
N LEU A 469 17.94 10.55 -20.09
CA LEU A 469 17.28 10.88 -21.35
C LEU A 469 17.42 12.35 -21.68
N MET A 470 17.23 13.23 -20.69
CA MET A 470 17.38 14.65 -20.93
C MET A 470 18.81 15.00 -21.30
N ASN A 471 19.79 14.37 -20.65
CA ASN A 471 21.18 14.61 -21.02
C ASN A 471 21.47 14.17 -22.45
N GLN A 472 20.90 13.02 -22.86
CA GLN A 472 21.11 12.56 -24.22
C GLN A 472 20.43 13.45 -25.23
N THR A 473 19.26 14.00 -24.89
CA THR A 473 18.47 14.77 -25.85
C THR A 473 18.92 16.22 -25.94
N LYS A 474 19.29 16.83 -24.81
CA LYS A 474 19.63 18.25 -24.79
C LYS A 474 20.80 18.53 -25.72
N ALA A 475 20.72 19.66 -26.43
CA ALA A 475 21.72 19.99 -27.43
C ALA A 475 23.07 20.26 -26.79
N THR A 476 24.12 19.69 -27.39
CA THR A 476 25.47 19.90 -26.92
C THR A 476 25.90 21.34 -27.22
N PRO A 477 26.88 21.86 -26.47
CA PRO A 477 27.36 23.22 -26.75
C PRO A 477 27.90 23.40 -28.15
N GLU A 478 28.44 22.34 -28.77
CA GLU A 478 28.90 22.45 -30.15
C GLU A 478 27.74 22.73 -31.10
N GLU A 479 26.60 22.08 -30.90
CA GLU A 479 25.45 22.32 -31.75
C GLU A 479 24.94 23.74 -31.58
N ILE A 480 24.99 24.28 -30.36
CA ILE A 480 24.61 25.67 -30.14
C ILE A 480 25.59 26.60 -30.86
N LYS A 481 26.89 26.32 -30.73
CA LYS A 481 27.89 27.15 -31.39
C LYS A 481 27.74 27.11 -32.91
N SER A 482 27.17 26.02 -33.44
CA SER A 482 26.93 25.94 -34.88
C SER A 482 25.98 27.05 -35.34
N ILE A 483 24.94 27.32 -34.55
CA ILE A 483 23.96 28.35 -34.90
C ILE A 483 24.39 29.69 -34.34
N LEU A 484 24.50 29.77 -33.02
CA LEU A 484 24.87 31.02 -32.35
C LEU A 484 26.39 31.15 -32.39
N LYS A 485 26.89 31.74 -33.48
CA LYS A 485 28.33 31.87 -33.70
C LYS A 485 28.89 33.09 -32.98
N PHE A 486 28.78 33.05 -31.65
CA PHE A 486 29.36 34.12 -30.84
C PHE A 486 30.88 34.09 -30.88
N GLN A 487 31.46 32.89 -30.93
CA GLN A 487 32.91 32.75 -30.89
C GLN A 487 33.58 33.27 -32.16
N GLU A 488 32.86 33.31 -33.29
CA GLU A 488 33.44 33.76 -34.55
C GLU A 488 33.18 35.24 -34.84
N LYS A 489 32.36 35.91 -34.04
CA LYS A 489 32.06 37.32 -34.26
C LYS A 489 32.35 38.22 -33.07
N LEU A 490 32.51 37.67 -31.86
CA LEU A 490 32.86 38.45 -30.69
C LEU A 490 34.25 38.11 -30.15
N ASN A 491 34.88 37.06 -30.66
CA ASN A 491 36.24 36.67 -30.28
C ASN A 491 36.36 36.43 -28.78
N VAL A 492 35.40 35.70 -28.21
CA VAL A 492 35.44 35.31 -26.81
C VAL A 492 35.90 33.87 -26.72
N ASP A 493 35.16 32.98 -27.38
CA ASP A 493 35.48 31.57 -27.58
C ASP A 493 35.41 30.72 -26.31
N VAL A 494 35.13 31.31 -25.15
CA VAL A 494 35.18 30.59 -23.88
C VAL A 494 33.84 30.64 -23.15
N ILE A 495 33.38 31.84 -22.77
CA ILE A 495 32.24 32.01 -21.89
C ILE A 495 31.26 32.98 -22.51
N ASP A 496 29.97 32.76 -22.26
CA ASP A 496 28.92 33.69 -22.68
C ASP A 496 28.82 34.81 -21.64
N ASP A 497 29.84 35.68 -21.65
CA ASP A 497 29.91 36.81 -20.75
C ASP A 497 29.44 38.12 -21.39
N CYS A 498 28.88 38.06 -22.59
CA CYS A 498 28.41 39.24 -23.28
C CYS A 498 26.96 39.54 -22.93
N GLU A 499 26.54 40.76 -23.24
CA GLU A 499 25.16 41.17 -23.00
C GLU A 499 24.24 40.51 -24.02
N GLU A 500 22.94 40.53 -23.70
CA GLU A 500 21.96 39.91 -24.58
C GLU A 500 21.82 40.65 -25.90
N LYS A 501 22.08 41.96 -25.90
CA LYS A 501 22.00 42.73 -27.14
C LYS A 501 23.02 42.23 -28.16
N GLN A 502 24.24 41.94 -27.70
CA GLN A 502 25.26 41.42 -28.60
C GLN A 502 24.84 40.07 -29.20
N LEU A 503 24.29 39.19 -28.37
CA LEU A 503 23.85 37.89 -28.87
C LEU A 503 22.71 38.05 -29.87
N VAL A 504 21.76 38.95 -29.59
CA VAL A 504 20.66 39.18 -30.51
C VAL A 504 21.18 39.69 -31.85
N ALA A 505 22.11 40.65 -31.80
CA ALA A 505 22.67 41.20 -33.03
C ALA A 505 23.42 40.14 -33.83
N ILE A 506 24.19 39.29 -33.13
CA ILE A 506 24.93 38.23 -33.80
C ILE A 506 23.97 37.24 -34.46
N LEU A 507 22.93 36.83 -33.73
CA LEU A 507 22.03 35.82 -34.26
C LEU A 507 21.17 36.36 -35.40
N LYS A 508 20.77 37.62 -35.34
CA LYS A 508 19.87 38.16 -36.37
C LYS A 508 20.51 38.14 -37.74
N GLU A 509 21.80 38.47 -37.83
CA GLU A 509 22.48 38.46 -39.12
C GLU A 509 22.58 37.05 -39.69
N ASP A 510 22.86 36.06 -38.84
CA ASP A 510 23.05 34.71 -39.33
C ASP A 510 21.75 34.07 -39.81
N LEU A 511 20.63 34.39 -39.16
CA LEU A 511 19.38 33.73 -39.48
C LEU A 511 18.89 34.15 -40.87
N PRO A 512 18.22 33.24 -41.58
CA PRO A 512 17.73 33.58 -42.93
C PRO A 512 16.65 34.65 -42.89
N ASP A 513 16.59 35.42 -43.96
CA ASP A 513 15.56 36.44 -44.08
C ASP A 513 14.21 35.79 -44.41
N PRO A 514 13.14 36.14 -43.69
CA PRO A 514 11.84 35.49 -43.97
C PRO A 514 11.34 35.72 -45.37
N ARG A 515 11.59 36.90 -45.95
CA ARG A 515 11.10 37.17 -47.30
C ARG A 515 11.84 36.32 -48.33
N SER A 516 13.15 36.14 -48.15
CA SER A 516 13.92 35.35 -49.10
C SER A 516 13.53 33.87 -49.04
N ALA A 517 13.25 33.36 -47.85
CA ALA A 517 12.91 31.95 -47.66
C ALA A 517 11.42 31.68 -47.78
N GLU A 518 10.61 32.71 -48.08
CA GLU A 518 9.17 32.56 -48.26
C GLU A 518 8.51 31.98 -47.00
N LEU A 519 8.99 32.41 -45.83
CA LEU A 519 8.42 31.91 -44.58
C LEU A 519 7.01 32.44 -44.37
N TYR A 520 6.71 33.64 -44.86
CA TYR A 520 5.37 34.20 -44.69
C TYR A 520 4.34 33.57 -45.62
N GLU A 521 4.77 33.10 -46.79
CA GLU A 521 3.84 32.62 -47.79
C GLU A 521 3.21 31.29 -47.37
N PHE A 522 2.01 31.04 -47.90
CA PHE A 522 1.34 29.76 -47.64
C PHE A 522 1.98 28.62 -48.41
N ARG A 523 2.64 28.93 -49.53
CA ARG A 523 3.20 27.92 -50.41
C ARG A 523 4.59 27.46 -50.00
N PHE A 524 5.03 27.77 -48.78
CA PHE A 524 6.37 27.41 -48.34
C PHE A 524 6.56 25.90 -48.35
N SER A 525 7.70 25.46 -48.87
CA SER A 525 8.06 24.06 -48.93
C SER A 525 9.40 23.86 -48.25
N ASP A 526 9.48 22.88 -47.35
CA ASP A 526 10.68 22.63 -46.56
C ASP A 526 11.66 21.70 -47.25
N PHE A 527 11.33 21.20 -48.44
CA PHE A 527 12.21 20.26 -49.13
C PHE A 527 13.58 20.86 -49.44
N PRO A 528 13.71 22.05 -50.02
CA PRO A 528 15.06 22.57 -50.31
C PRO A 528 15.94 22.76 -49.08
N LEU A 529 15.35 23.13 -47.93
CA LEU A 529 16.15 23.43 -46.75
C LEU A 529 16.56 22.16 -46.03
N THR A 530 17.69 22.23 -45.33
CA THR A 530 18.15 21.15 -44.48
C THR A 530 17.59 21.34 -43.06
N GLU A 531 17.75 20.31 -42.24
CA GLU A 531 17.19 20.34 -40.90
C GLU A 531 17.83 21.44 -40.06
N HIS A 532 19.13 21.67 -40.22
CA HIS A 532 19.76 22.81 -39.58
C HIS A 532 19.18 24.13 -40.09
N GLY A 533 18.94 24.21 -41.40
CA GLY A 533 18.25 25.36 -41.93
C GLY A 533 16.86 25.51 -41.37
N LEU A 534 16.19 24.38 -41.12
CA LEU A 534 14.87 24.43 -40.51
C LEU A 534 14.93 24.97 -39.08
N ILE A 535 15.97 24.60 -38.32
CA ILE A 535 16.13 25.15 -36.98
C ILE A 535 16.36 26.64 -37.05
N LYS A 536 17.22 27.09 -37.97
CA LYS A 536 17.47 28.52 -38.12
C LYS A 536 16.19 29.25 -38.50
N CYS A 537 15.39 28.67 -39.40
CA CYS A 537 14.13 29.30 -39.79
C CYS A 537 13.14 29.32 -38.63
N GLY A 538 13.14 28.30 -37.77
CA GLY A 538 12.28 28.33 -36.61
C GLY A 538 12.66 29.44 -35.63
N ILE A 539 13.96 29.62 -35.39
CA ILE A 539 14.38 30.72 -34.54
C ILE A 539 14.03 32.06 -35.18
N ARG A 540 14.15 32.15 -36.51
CA ARG A 540 13.77 33.38 -37.20
C ARG A 540 12.27 33.64 -37.05
N LEU A 541 11.45 32.59 -37.12
CA LEU A 541 10.02 32.74 -36.89
C LEU A 541 9.75 33.25 -35.48
N PHE A 542 10.46 32.71 -34.49
CA PHE A 542 10.28 33.21 -33.13
C PHE A 542 10.69 34.67 -33.02
N PHE A 543 11.70 35.09 -33.78
CA PHE A 543 12.10 36.49 -33.76
C PHE A 543 11.11 37.39 -34.48
N GLU A 544 10.41 36.87 -35.49
CA GLU A 544 9.57 37.71 -36.32
C GLU A 544 8.38 38.27 -35.56
N ILE A 545 7.78 37.47 -34.67
CA ILE A 545 6.58 37.93 -33.96
C ILE A 545 6.91 38.84 -32.79
N ASN A 546 8.18 39.21 -32.62
CA ASN A 546 8.60 40.19 -31.60
C ASN A 546 8.22 39.73 -30.20
N VAL A 547 8.63 38.52 -29.85
CA VAL A 547 8.42 37.99 -28.51
C VAL A 547 9.73 37.78 -27.74
N VAL A 548 10.86 37.63 -28.44
CA VAL A 548 12.14 37.47 -27.75
C VAL A 548 12.50 38.73 -26.98
N GLU A 549 12.33 39.89 -27.61
CA GLU A 549 12.72 41.14 -26.96
C GLU A 549 11.71 41.53 -25.88
N LYS A 550 10.41 41.36 -26.15
CA LYS A 550 9.40 41.82 -25.21
C LYS A 550 9.41 41.00 -23.92
N PHE A 551 9.47 39.67 -24.04
CA PHE A 551 9.45 38.80 -22.88
C PHE A 551 10.84 38.42 -22.39
N LYS A 552 11.90 38.97 -23.01
CA LYS A 552 13.27 38.78 -22.57
C LYS A 552 13.64 37.29 -22.54
N VAL A 553 13.36 36.61 -23.65
CA VAL A 553 13.73 35.21 -23.84
C VAL A 553 15.22 35.18 -24.18
N PRO A 554 16.06 34.51 -23.37
CA PRO A 554 17.50 34.47 -23.69
C PRO A 554 17.74 33.82 -25.04
N VAL A 555 18.71 34.37 -25.78
CA VAL A 555 18.99 33.87 -27.12
C VAL A 555 19.59 32.47 -27.05
N GLU A 556 20.55 32.25 -26.14
CA GLU A 556 21.13 30.93 -26.00
C GLU A 556 20.09 29.91 -25.56
N VAL A 557 19.21 30.30 -24.63
CA VAL A 557 18.15 29.42 -24.18
C VAL A 557 17.21 29.09 -25.33
N LEU A 558 16.85 30.09 -26.13
CA LEU A 558 15.95 29.85 -27.26
C LEU A 558 16.59 28.90 -28.27
N THR A 559 17.86 29.11 -28.61
CA THR A 559 18.53 28.24 -29.57
C THR A 559 18.64 26.81 -29.02
N ARG A 560 18.98 26.68 -27.74
CA ARG A 560 19.08 25.35 -27.14
C ARG A 560 17.73 24.65 -27.13
N TRP A 561 16.65 25.39 -26.84
CA TRP A 561 15.32 24.79 -26.85
C TRP A 561 14.92 24.35 -28.25
N MET A 562 15.21 25.18 -29.26
CA MET A 562 14.90 24.78 -30.63
C MET A 562 15.66 23.53 -31.03
N TYR A 563 16.95 23.46 -30.70
CA TYR A 563 17.73 22.29 -31.07
C TYR A 563 17.27 21.05 -30.30
N THR A 564 16.89 21.22 -29.04
CA THR A 564 16.37 20.09 -28.26
C THR A 564 15.06 19.60 -28.82
N VAL A 565 14.19 20.51 -29.24
CA VAL A 565 12.92 20.10 -29.87
C VAL A 565 13.20 19.37 -31.17
N ARG A 566 14.18 19.83 -31.94
CA ARG A 566 14.55 19.12 -33.16
C ARG A 566 15.03 17.71 -32.86
N LYS A 567 15.87 17.57 -31.83
CA LYS A 567 16.42 16.26 -31.50
C LYS A 567 15.36 15.36 -30.88
N GLY A 568 14.31 15.94 -30.31
CA GLY A 568 13.25 15.12 -29.72
C GLY A 568 12.47 14.34 -30.75
N TYR A 569 12.23 14.94 -31.91
CA TYR A 569 11.51 14.26 -32.98
C TYR A 569 12.31 13.05 -33.46
N ARG A 570 11.63 11.92 -33.60
CA ARG A 570 12.30 10.70 -34.02
C ARG A 570 12.57 10.73 -35.52
N ALA A 571 13.08 9.61 -36.03
CA ALA A 571 13.45 9.49 -37.44
C ALA A 571 12.40 8.75 -38.25
N VAL A 572 11.13 8.91 -37.90
CA VAL A 572 10.06 8.25 -38.65
C VAL A 572 9.88 8.94 -40.01
N THR A 573 9.10 8.28 -40.88
CA THR A 573 8.98 8.75 -42.26
C THR A 573 8.32 10.12 -42.33
N TYR A 574 7.15 10.28 -41.70
CA TYR A 574 6.38 11.50 -41.79
C TYR A 574 6.45 12.37 -40.53
N HIS A 575 6.23 11.78 -39.36
CA HIS A 575 6.17 12.57 -38.13
C HIS A 575 7.56 12.88 -37.61
N ASN A 576 8.42 13.45 -38.46
CA ASN A 576 9.77 13.81 -38.11
C ASN A 576 9.84 15.32 -37.85
N TRP A 577 11.06 15.84 -37.71
CA TRP A 577 11.24 17.26 -37.40
C TRP A 577 10.64 18.15 -38.49
N ARG A 578 10.67 17.69 -39.75
CA ARG A 578 10.14 18.50 -40.84
C ARG A 578 8.65 18.72 -40.69
N HIS A 579 7.91 17.70 -40.24
CA HIS A 579 6.48 17.87 -40.00
C HIS A 579 6.23 18.90 -38.92
N GLY A 580 6.98 18.84 -37.82
CA GLY A 580 6.82 19.82 -36.76
C GLY A 580 7.12 21.23 -37.23
N PHE A 581 8.18 21.39 -38.04
CA PHE A 581 8.49 22.71 -38.55
C PHE A 581 7.43 23.22 -39.50
N ASN A 582 6.90 22.34 -40.36
CA ASN A 582 5.83 22.76 -41.26
C ASN A 582 4.60 23.20 -40.49
N VAL A 583 4.25 22.46 -39.44
CA VAL A 583 3.11 22.85 -38.62
C VAL A 583 3.37 24.18 -37.91
N GLY A 584 4.57 24.40 -37.38
CA GLY A 584 4.87 25.67 -36.76
C GLY A 584 4.83 26.83 -37.73
N GLN A 585 5.39 26.64 -38.92
CA GLN A 585 5.41 27.72 -39.90
C GLN A 585 4.01 28.00 -40.43
N THR A 586 3.16 26.98 -40.52
CA THR A 586 1.78 27.22 -40.92
C THR A 586 1.06 28.09 -39.89
N MET A 587 1.31 27.85 -38.60
CA MET A 587 0.73 28.72 -37.59
C MET A 587 1.30 30.12 -37.66
N PHE A 588 2.60 30.26 -37.94
CA PHE A 588 3.17 31.59 -38.10
C PHE A 588 2.50 32.32 -39.26
N THR A 589 2.26 31.61 -40.37
CA THR A 589 1.57 32.21 -41.50
C THR A 589 0.15 32.60 -41.15
N LEU A 590 -0.56 31.72 -40.43
CA LEU A 590 -1.94 32.04 -40.04
C LEU A 590 -1.99 33.25 -39.13
N LEU A 591 -1.04 33.36 -38.20
CA LEU A 591 -1.02 34.49 -37.28
C LEU A 591 -0.67 35.79 -38.00
N MET A 592 0.33 35.74 -38.88
CA MET A 592 0.83 36.97 -39.51
C MET A 592 0.17 37.22 -40.87
N THR A 593 0.35 36.28 -41.81
CA THR A 593 -0.23 36.47 -43.14
C THR A 593 -1.75 36.33 -43.10
N GLY A 594 -2.26 35.37 -42.32
CA GLY A 594 -3.70 35.18 -42.22
C GLY A 594 -4.40 36.20 -41.38
N ARG A 595 -3.66 37.10 -40.73
CA ARG A 595 -4.24 38.17 -39.91
C ARG A 595 -5.13 37.62 -38.81
N LEU A 596 -4.73 36.51 -38.22
CA LEU A 596 -5.44 35.91 -37.10
C LEU A 596 -4.83 36.28 -35.76
N LYS A 597 -3.83 37.17 -35.74
CA LYS A 597 -3.24 37.65 -34.50
C LYS A 597 -4.05 38.76 -33.85
N LYS A 598 -5.09 39.26 -34.52
CA LYS A 598 -5.89 40.34 -33.93
C LYS A 598 -6.62 39.88 -32.68
N TYR A 599 -7.01 38.61 -32.64
CA TYR A 599 -7.74 38.07 -31.50
C TYR A 599 -6.84 37.61 -30.36
N TYR A 600 -5.54 37.51 -30.58
CA TYR A 600 -4.63 36.96 -29.58
C TYR A 600 -3.57 37.97 -29.20
N THR A 601 -3.19 37.94 -27.92
CA THR A 601 -2.14 38.82 -27.41
C THR A 601 -0.77 38.24 -27.76
N ASP A 602 0.28 38.98 -27.39
CA ASP A 602 1.63 38.54 -27.69
C ASP A 602 1.99 37.25 -26.96
N LEU A 603 1.64 37.16 -25.68
CA LEU A 603 1.95 35.95 -24.92
C LEU A 603 1.21 34.74 -25.46
N GLU A 604 -0.06 34.91 -25.84
CA GLU A 604 -0.82 33.81 -26.40
C GLU A 604 -0.22 33.36 -27.73
N ALA A 605 0.20 34.30 -28.57
CA ALA A 605 0.84 33.93 -29.83
C ALA A 605 2.15 33.20 -29.59
N PHE A 606 2.93 33.67 -28.61
CA PHE A 606 4.19 33.01 -28.25
C PHE A 606 3.95 31.56 -27.84
N ALA A 607 3.05 31.36 -26.88
CA ALA A 607 2.75 30.01 -26.41
C ALA A 607 2.16 29.15 -27.52
N MET A 608 1.36 29.76 -28.40
CA MET A 608 0.74 29.03 -29.49
C MET A 608 1.77 28.53 -30.49
N LEU A 609 2.72 29.39 -30.86
CA LEU A 609 3.80 28.96 -31.74
C LEU A 609 4.65 27.88 -31.08
N ALA A 610 4.97 28.05 -29.80
CA ALA A 610 5.78 27.06 -29.10
C ALA A 610 5.07 25.71 -29.05
N ALA A 611 3.76 25.71 -28.82
CA ALA A 611 3.00 24.46 -28.82
C ALA A 611 2.88 23.88 -30.21
N ALA A 612 2.80 24.72 -31.24
CA ALA A 612 2.74 24.21 -32.61
C ALA A 612 4.04 23.50 -32.99
N PHE A 613 5.18 24.04 -32.56
CA PHE A 613 6.44 23.38 -32.88
C PHE A 613 6.62 22.06 -32.15
N CYS A 614 5.93 21.85 -31.03
CA CYS A 614 6.09 20.65 -30.23
C CYS A 614 4.84 19.78 -30.19
N HIS A 615 3.95 19.94 -31.18
CA HIS A 615 2.69 19.22 -31.15
C HIS A 615 2.84 17.73 -31.43
N ASP A 616 3.91 17.32 -32.11
CA ASP A 616 4.15 15.93 -32.47
C ASP A 616 5.49 15.44 -31.96
N ILE A 617 5.99 16.01 -30.87
CA ILE A 617 7.32 15.67 -30.38
C ILE A 617 7.35 14.22 -29.93
N ASP A 618 8.43 13.52 -30.26
CA ASP A 618 8.65 12.13 -29.87
C ASP A 618 7.50 11.23 -30.31
N HIS A 619 7.13 11.35 -31.58
CA HIS A 619 6.11 10.47 -32.16
C HIS A 619 6.75 9.14 -32.52
N ARG A 620 6.23 8.06 -31.93
CA ARG A 620 6.81 6.74 -32.17
C ARG A 620 6.68 6.32 -33.63
N GLY A 621 5.56 6.67 -34.26
CA GLY A 621 5.34 6.31 -35.64
C GLY A 621 4.07 5.51 -35.84
N THR A 622 3.25 5.43 -34.81
CA THR A 622 2.03 4.64 -34.82
C THR A 622 0.85 5.52 -34.46
N ASN A 623 -0.35 5.06 -34.81
CA ASN A 623 -1.57 5.77 -34.50
C ASN A 623 -1.98 5.50 -33.05
N ASN A 624 -3.02 6.19 -32.59
CA ASN A 624 -3.56 5.93 -31.26
C ASN A 624 -4.23 4.56 -31.20
N LEU A 625 -4.81 4.09 -32.30
CA LEU A 625 -5.42 2.78 -32.32
C LEU A 625 -4.39 1.68 -32.07
N TYR A 626 -3.20 1.82 -32.65
CA TYR A 626 -2.15 0.84 -32.40
C TYR A 626 -1.71 0.87 -30.94
N GLN A 627 -1.65 2.06 -30.34
CA GLN A 627 -1.33 2.15 -28.92
C GLN A 627 -2.38 1.45 -28.07
N MET A 628 -3.66 1.64 -28.41
CA MET A 628 -4.74 1.01 -27.64
C MET A 628 -4.70 -0.50 -27.78
N LYS A 629 -4.63 -1.00 -29.02
CA LYS A 629 -4.71 -2.44 -29.25
C LYS A 629 -3.49 -3.16 -28.68
N SER A 630 -2.30 -2.59 -28.85
CA SER A 630 -1.08 -3.23 -28.37
C SER A 630 -0.88 -3.09 -26.87
N THR A 631 -1.73 -2.32 -26.19
CA THR A 631 -1.59 -2.06 -24.75
C THR A 631 -0.21 -1.52 -24.42
N SER A 632 0.19 -0.47 -25.14
CA SER A 632 1.47 0.16 -24.90
C SER A 632 1.47 0.86 -23.55
N PRO A 633 2.65 1.07 -22.96
CA PRO A 633 2.70 1.83 -21.71
C PRO A 633 2.05 3.20 -21.80
N LEU A 634 2.14 3.84 -22.96
CA LEU A 634 1.44 5.10 -23.17
C LEU A 634 -0.07 4.92 -23.02
N ALA A 635 -0.60 3.84 -23.59
CA ALA A 635 -2.05 3.59 -23.53
C ALA A 635 -2.51 3.37 -22.10
N ARG A 636 -1.72 2.66 -21.29
CA ARG A 636 -2.10 2.43 -19.92
C ARG A 636 -1.91 3.68 -19.06
N LEU A 637 -0.93 4.53 -19.40
CA LEU A 637 -0.71 5.73 -18.61
C LEU A 637 -1.77 6.79 -18.87
N HIS A 638 -2.14 7.00 -20.13
CA HIS A 638 -3.14 7.99 -20.52
C HIS A 638 -4.35 7.26 -21.10
N GLY A 639 -5.53 7.53 -20.55
CA GLY A 639 -6.72 6.82 -20.99
C GLY A 639 -7.14 7.17 -22.40
N SER A 640 -7.23 8.47 -22.70
CA SER A 640 -7.73 8.93 -23.99
C SER A 640 -6.81 10.03 -24.51
N SER A 641 -6.80 10.18 -25.84
CA SER A 641 -5.86 11.07 -26.51
C SER A 641 -4.43 10.73 -26.09
N ILE A 642 -4.05 9.48 -26.31
CA ILE A 642 -2.83 8.93 -25.71
C ILE A 642 -1.60 9.69 -26.19
N LEU A 643 -1.37 9.69 -27.50
CA LEU A 643 -0.16 10.30 -28.05
C LEU A 643 -0.15 11.80 -27.81
N GLU A 644 -1.32 12.44 -27.88
CA GLU A 644 -1.38 13.89 -27.66
C GLU A 644 -1.00 14.25 -26.23
N ARG A 645 -1.52 13.50 -25.25
CA ARG A 645 -1.11 13.74 -23.87
C ARG A 645 0.37 13.43 -23.67
N HIS A 646 0.89 12.42 -24.38
CA HIS A 646 2.32 12.14 -24.28
C HIS A 646 3.15 13.32 -24.80
N HIS A 647 2.75 13.88 -25.94
CA HIS A 647 3.46 15.02 -26.49
C HIS A 647 3.39 16.22 -25.55
N LEU A 648 2.21 16.46 -24.97
CA LEU A 648 2.07 17.56 -24.03
C LEU A 648 2.95 17.37 -22.80
N GLU A 649 2.98 16.14 -22.27
CA GLU A 649 3.82 15.86 -21.11
C GLU A 649 5.29 16.04 -21.42
N TYR A 650 5.73 15.58 -22.59
CA TYR A 650 7.13 15.73 -22.96
C TYR A 650 7.50 17.19 -23.18
N SER A 651 6.60 17.98 -23.78
CA SER A 651 6.86 19.40 -23.94
C SER A 651 6.98 20.10 -22.59
N LYS A 652 6.09 19.76 -21.66
CA LYS A 652 6.20 20.33 -20.32
C LYS A 652 7.49 19.91 -19.64
N THR A 653 7.91 18.65 -19.83
CA THR A 653 9.17 18.20 -19.27
C THR A 653 10.34 18.99 -19.83
N LEU A 654 10.32 19.28 -21.13
CA LEU A 654 11.35 20.13 -21.71
C LEU A 654 11.32 21.52 -21.10
N LEU A 655 10.12 22.08 -20.92
CA LEU A 655 10.01 23.43 -20.36
C LEU A 655 10.42 23.49 -18.90
N GLN A 656 10.39 22.37 -18.19
CA GLN A 656 10.77 22.38 -16.78
C GLN A 656 12.25 22.72 -16.60
N ASP A 657 13.10 22.23 -17.49
CA ASP A 657 14.54 22.48 -17.36
C ASP A 657 14.84 23.96 -17.52
N GLU A 658 15.71 24.47 -16.63
CA GLU A 658 16.02 25.89 -16.64
C GLU A 658 16.74 26.30 -17.92
N SER A 659 17.65 25.45 -18.41
CA SER A 659 18.39 25.76 -19.62
C SER A 659 17.46 25.82 -20.83
N LEU A 660 16.45 24.95 -20.87
CA LEU A 660 15.55 24.83 -22.00
C LEU A 660 14.31 25.69 -21.87
N ASN A 661 14.12 26.39 -20.75
CA ASN A 661 12.90 27.12 -20.49
C ASN A 661 12.97 28.49 -21.15
N ILE A 662 12.27 28.65 -22.27
CA ILE A 662 12.17 29.96 -22.90
C ILE A 662 11.16 30.86 -22.21
N PHE A 663 10.31 30.31 -21.35
CA PHE A 663 9.35 31.07 -20.56
C PHE A 663 9.88 31.43 -19.18
N GLN A 664 11.20 31.57 -19.04
CA GLN A 664 11.79 31.83 -17.73
C GLN A 664 11.25 33.12 -17.12
N ASN A 665 11.53 34.25 -17.78
CA ASN A 665 11.21 35.56 -17.23
C ASN A 665 9.75 35.91 -17.50
N LEU A 666 8.87 35.18 -16.82
CA LEU A 666 7.44 35.40 -16.91
C LEU A 666 6.83 35.30 -15.53
N ASN A 667 5.73 36.01 -15.32
CA ASN A 667 5.02 35.96 -14.05
C ASN A 667 4.36 34.59 -13.87
N LYS A 668 3.95 34.31 -12.63
CA LYS A 668 3.28 33.05 -12.36
C LYS A 668 1.96 32.95 -13.13
N ARG A 669 1.19 34.03 -13.18
CA ARG A 669 -0.07 34.01 -13.92
C ARG A 669 0.18 33.84 -15.42
N GLN A 670 1.17 34.54 -15.96
CA GLN A 670 1.49 34.40 -17.38
C GLN A 670 1.97 32.99 -17.70
N PHE A 671 2.80 32.41 -16.83
CA PHE A 671 3.25 31.04 -17.05
C PHE A 671 2.08 30.06 -16.98
N GLU A 672 1.15 30.27 -16.05
CA GLU A 672 -0.02 29.41 -15.99
C GLU A 672 -0.85 29.53 -17.27
N THR A 673 -1.01 30.75 -17.79
CA THR A 673 -1.71 30.93 -19.05
C THR A 673 -1.01 30.20 -20.18
N VAL A 674 0.32 30.29 -20.23
CA VAL A 674 1.08 29.62 -21.28
C VAL A 674 0.91 28.11 -21.18
N ILE A 675 0.95 27.57 -19.96
CA ILE A 675 0.78 26.14 -19.77
C ILE A 675 -0.62 25.70 -20.21
N HIS A 676 -1.63 26.51 -19.87
CA HIS A 676 -2.99 26.17 -20.29
C HIS A 676 -3.12 26.17 -21.81
N LEU A 677 -2.51 27.16 -22.47
CA LEU A 677 -2.54 27.19 -23.93
C LEU A 677 -1.81 26.00 -24.53
N PHE A 678 -0.67 25.63 -23.94
CA PHE A 678 0.04 24.43 -24.37
C PHE A 678 -0.87 23.22 -24.30
N GLU A 679 -1.54 23.02 -23.16
CA GLU A 679 -2.40 21.86 -23.00
C GLU A 679 -3.52 21.87 -24.04
N VAL A 680 -4.20 23.01 -24.19
CA VAL A 680 -5.32 23.08 -25.13
C VAL A 680 -4.85 22.78 -26.54
N ALA A 681 -3.76 23.41 -26.97
CA ALA A 681 -3.28 23.23 -28.34
C ALA A 681 -2.87 21.79 -28.60
N ILE A 682 -2.01 21.23 -27.74
CA ILE A 682 -1.47 19.91 -28.01
C ILE A 682 -2.55 18.84 -27.92
N ILE A 683 -3.49 18.98 -26.98
CA ILE A 683 -4.56 18.00 -26.87
C ILE A 683 -5.52 18.12 -28.04
N ALA A 684 -5.83 19.35 -28.47
CA ALA A 684 -6.73 19.54 -29.60
C ALA A 684 -6.07 19.22 -30.94
N THR A 685 -4.77 18.95 -30.95
CA THR A 685 -4.12 18.53 -32.20
C THR A 685 -4.80 17.33 -32.83
N ASP A 686 -5.31 16.40 -32.02
CA ASP A 686 -5.89 15.18 -32.57
C ASP A 686 -7.16 15.48 -33.36
N LEU A 687 -7.64 14.46 -34.08
CA LEU A 687 -8.75 14.66 -35.01
C LEU A 687 -10.10 14.30 -34.43
N ALA A 688 -10.16 13.41 -33.44
CA ALA A 688 -11.44 13.09 -32.83
C ALA A 688 -12.05 14.30 -32.13
N LEU A 689 -11.22 15.05 -31.39
CA LEU A 689 -11.69 16.25 -30.73
C LEU A 689 -12.18 17.28 -31.75
N TYR A 690 -11.44 17.44 -32.85
CA TYR A 690 -11.87 18.37 -33.90
C TYR A 690 -13.19 17.94 -34.50
N PHE A 691 -13.37 16.64 -34.73
CA PHE A 691 -14.62 16.13 -35.26
C PHE A 691 -15.78 16.41 -34.31
N LYS A 692 -15.53 16.28 -33.00
CA LYS A 692 -16.59 16.53 -32.04
C LYS A 692 -16.89 18.01 -31.88
N LYS A 693 -15.90 18.89 -32.08
CA LYS A 693 -16.06 20.31 -31.81
C LYS A 693 -16.18 21.18 -33.06
N ARG A 694 -16.33 20.56 -34.23
CA ARG A 694 -16.56 21.35 -35.46
C ARG A 694 -17.74 22.30 -35.32
N THR A 695 -18.81 21.87 -34.66
CA THR A 695 -20.07 22.62 -34.69
C THR A 695 -19.95 23.96 -33.98
N MET A 696 -19.23 24.02 -32.86
CA MET A 696 -19.08 25.29 -32.15
C MET A 696 -18.25 26.28 -32.97
N PHE A 697 -17.22 25.80 -33.66
CA PHE A 697 -16.47 26.69 -34.55
C PHE A 697 -17.36 27.18 -35.69
N GLN A 698 -18.21 26.31 -36.22
CA GLN A 698 -19.12 26.75 -37.27
C GLN A 698 -20.07 27.83 -36.74
N LYS A 699 -20.57 27.66 -35.52
CA LYS A 699 -21.45 28.67 -34.93
C LYS A 699 -20.71 29.99 -34.73
N ILE A 700 -19.47 29.93 -34.27
CA ILE A 700 -18.69 31.16 -34.07
C ILE A 700 -18.48 31.87 -35.40
N VAL A 701 -18.14 31.11 -36.44
CA VAL A 701 -17.94 31.71 -37.76
C VAL A 701 -19.24 32.32 -38.28
N ASP A 702 -20.36 31.62 -38.08
CA ASP A 702 -21.65 32.15 -38.53
C ASP A 702 -21.99 33.45 -37.80
N ALA A 703 -21.74 33.50 -36.49
CA ALA A 703 -22.01 34.72 -35.73
C ALA A 703 -21.11 35.86 -36.18
N CYS A 704 -19.83 35.58 -36.42
CA CYS A 704 -18.92 36.63 -36.85
C CYS A 704 -19.15 37.07 -38.28
N GLU A 705 -19.81 36.24 -39.10
CA GLU A 705 -20.04 36.60 -40.49
C GLU A 705 -21.07 37.71 -40.62
N GLN A 706 -22.03 37.78 -39.71
CA GLN A 706 -23.11 38.75 -39.79
C GLN A 706 -22.77 40.10 -39.18
N MET A 707 -21.62 40.23 -38.52
CA MET A 707 -21.23 41.52 -37.94
C MET A 707 -20.92 42.52 -39.04
N GLN A 708 -21.38 43.75 -38.84
CA GLN A 708 -21.23 44.78 -39.87
C GLN A 708 -19.83 45.36 -39.92
N THR A 709 -19.08 45.30 -38.82
CA THR A 709 -17.77 45.92 -38.74
C THR A 709 -16.76 44.92 -38.18
N GLU A 710 -15.50 45.07 -38.62
CA GLU A 710 -14.45 44.16 -38.17
C GLU A 710 -14.22 44.27 -36.67
N GLU A 711 -14.24 45.50 -36.14
CA GLU A 711 -13.98 45.69 -34.71
C GLU A 711 -15.03 45.01 -33.85
N GLU A 712 -16.29 45.01 -34.31
CA GLU A 712 -17.32 44.29 -33.58
C GLU A 712 -17.01 42.80 -33.51
N ALA A 713 -16.56 42.22 -34.63
CA ALA A 713 -16.19 40.80 -34.62
C ALA A 713 -15.02 40.55 -33.70
N ILE A 714 -14.02 41.44 -33.71
CA ILE A 714 -12.87 41.27 -32.82
C ILE A 714 -13.32 41.28 -31.37
N LYS A 715 -14.18 42.23 -31.00
CA LYS A 715 -14.68 42.29 -29.63
C LYS A 715 -15.48 41.04 -29.28
N TYR A 716 -16.34 40.60 -30.20
CA TYR A 716 -17.15 39.41 -29.95
C TYR A 716 -16.29 38.18 -29.69
N VAL A 717 -15.23 38.03 -30.47
CA VAL A 717 -14.34 36.88 -30.29
C VAL A 717 -13.54 37.02 -29.00
N THR A 718 -12.98 38.21 -28.73
CA THR A 718 -12.04 38.36 -27.63
C THR A 718 -12.71 38.50 -26.27
N VAL A 719 -14.01 38.76 -26.22
CA VAL A 719 -14.68 38.90 -24.94
C VAL A 719 -14.74 37.56 -24.21
N ASP A 720 -15.13 36.49 -24.92
CA ASP A 720 -15.30 35.20 -24.31
C ASP A 720 -14.06 34.35 -24.52
N PRO A 721 -13.36 33.94 -23.45
CA PRO A 721 -12.16 33.11 -23.64
C PRO A 721 -12.43 31.77 -24.31
N THR A 722 -13.62 31.20 -24.14
CA THR A 722 -13.91 29.92 -24.76
C THR A 722 -13.93 30.03 -26.28
N LYS A 723 -14.40 31.16 -26.81
CA LYS A 723 -14.36 31.37 -28.25
C LYS A 723 -12.93 31.41 -28.77
N LYS A 724 -12.04 32.09 -28.04
CA LYS A 724 -10.64 32.10 -28.43
C LYS A 724 -10.04 30.70 -28.37
N GLU A 725 -10.39 29.93 -27.34
CA GLU A 725 -9.88 28.57 -27.24
C GLU A 725 -10.36 27.70 -28.39
N ILE A 726 -11.63 27.83 -28.77
CA ILE A 726 -12.16 27.04 -29.88
C ILE A 726 -11.47 27.42 -31.18
N ILE A 727 -11.29 28.72 -31.41
CA ILE A 727 -10.64 29.17 -32.65
C ILE A 727 -9.19 28.69 -32.69
N MET A 728 -8.51 28.69 -31.54
CA MET A 728 -7.12 28.24 -31.51
C MET A 728 -7.03 26.74 -31.71
N ALA A 729 -7.98 25.98 -31.17
CA ALA A 729 -8.00 24.54 -31.43
C ALA A 729 -8.23 24.24 -32.90
N MET A 730 -9.14 24.98 -33.53
CA MET A 730 -9.37 24.79 -34.96
C MET A 730 -8.15 25.21 -35.77
N MET A 731 -7.42 26.23 -35.32
CA MET A 731 -6.17 26.58 -35.98
C MET A 731 -5.14 25.48 -35.84
N MET A 732 -5.08 24.83 -34.67
CA MET A 732 -4.24 23.64 -34.51
C MET A 732 -4.59 22.58 -35.54
N THR A 733 -5.89 22.31 -35.69
CA THR A 733 -6.31 21.28 -36.64
C THR A 733 -5.97 21.68 -38.07
N ALA A 734 -6.16 22.95 -38.42
CA ALA A 734 -5.85 23.41 -39.76
C ALA A 734 -4.34 23.32 -40.05
N CYS A 735 -3.51 23.71 -39.08
CA CYS A 735 -2.06 23.61 -39.26
C CYS A 735 -1.62 22.16 -39.38
N ASP A 736 -2.22 21.27 -38.58
CA ASP A 736 -1.80 19.87 -38.59
C ASP A 736 -2.05 19.22 -39.93
N LEU A 737 -3.06 19.68 -40.68
CA LEU A 737 -3.38 19.17 -42.00
C LEU A 737 -3.02 20.13 -43.11
N SER A 738 -2.07 21.05 -42.86
CA SER A 738 -1.74 22.08 -43.82
C SER A 738 -1.16 21.50 -45.11
N ALA A 739 -0.58 20.30 -45.05
CA ALA A 739 0.06 19.72 -46.22
C ALA A 739 -0.91 19.50 -47.37
N ILE A 740 -2.21 19.40 -47.09
CA ILE A 740 -3.19 19.26 -48.16
C ILE A 740 -3.24 20.52 -49.01
N THR A 741 -3.06 21.68 -48.40
CA THR A 741 -3.14 22.95 -49.12
C THR A 741 -1.84 23.33 -49.81
N LYS A 742 -0.78 22.55 -49.66
CA LYS A 742 0.46 22.82 -50.34
C LYS A 742 0.30 22.53 -51.84
N PRO A 743 1.18 23.08 -52.68
CA PRO A 743 1.13 22.77 -54.11
C PRO A 743 1.27 21.27 -54.38
N TRP A 744 0.97 20.89 -55.62
CA TRP A 744 0.86 19.48 -55.95
C TRP A 744 2.19 18.75 -55.78
N GLU A 745 3.30 19.40 -56.15
CA GLU A 745 4.61 18.76 -56.02
C GLU A 745 4.91 18.40 -54.58
N VAL A 746 4.63 19.31 -53.65
CA VAL A 746 4.85 19.02 -52.24
C VAL A 746 3.83 18.00 -51.74
N GLN A 747 2.58 18.13 -52.18
CA GLN A 747 1.53 17.27 -51.66
C GLN A 747 1.73 15.82 -52.05
N SER A 748 2.21 15.55 -53.27
CA SER A 748 2.43 14.18 -53.67
C SER A 748 3.47 13.49 -52.78
N GLN A 749 4.58 14.18 -52.53
CA GLN A 749 5.62 13.63 -51.67
C GLN A 749 5.10 13.43 -50.24
N VAL A 750 4.36 14.42 -49.72
CA VAL A 750 3.86 14.31 -48.36
C VAL A 750 2.88 13.15 -48.23
N ALA A 751 2.00 12.99 -49.21
CA ALA A 751 1.04 11.89 -49.18
C ALA A 751 1.76 10.55 -49.29
N LEU A 752 2.83 10.49 -50.09
CA LEU A 752 3.62 9.26 -50.15
C LEU A 752 4.26 8.95 -48.81
N MET A 753 4.76 9.97 -48.12
CA MET A 753 5.36 9.76 -46.79
C MET A 753 4.32 9.25 -45.80
N VAL A 754 3.13 9.86 -45.80
CA VAL A 754 2.07 9.44 -44.87
C VAL A 754 1.64 8.02 -45.19
N ALA A 755 1.50 7.70 -46.48
CA ALA A 755 1.13 6.34 -46.87
C ALA A 755 2.18 5.34 -46.44
N ASN A 756 3.47 5.69 -46.58
CA ASN A 756 4.53 4.79 -46.15
C ASN A 756 4.46 4.54 -44.64
N GLU A 757 4.23 5.60 -43.86
CA GLU A 757 4.11 5.42 -42.42
C GLU A 757 2.93 4.53 -42.07
N PHE A 758 1.79 4.75 -42.72
CA PHE A 758 0.61 3.94 -42.45
C PHE A 758 0.83 2.49 -42.85
N TRP A 759 1.52 2.26 -43.96
CA TRP A 759 1.81 0.89 -44.38
C TRP A 759 2.75 0.20 -43.42
N GLU A 760 3.73 0.94 -42.88
CA GLU A 760 4.61 0.37 -41.86
C GLU A 760 3.82 -0.01 -40.61
N GLN A 761 2.90 0.86 -40.19
CA GLN A 761 2.05 0.52 -39.05
C GLN A 761 1.20 -0.70 -39.34
N GLY A 762 0.68 -0.81 -40.56
CA GLY A 762 -0.10 -1.98 -40.92
C GLY A 762 0.71 -3.26 -40.90
N ASP A 763 1.96 -3.19 -41.38
CA ASP A 763 2.85 -4.34 -41.30
C ASP A 763 3.10 -4.73 -39.85
N LEU A 764 3.33 -3.74 -38.98
CA LEU A 764 3.51 -4.03 -37.57
C LEU A 764 2.28 -4.70 -36.97
N GLU A 765 1.10 -4.20 -37.33
CA GLU A 765 -0.14 -4.81 -36.82
C GLU A 765 -0.29 -6.24 -37.31
N ARG A 766 0.04 -6.50 -38.57
CA ARG A 766 -0.11 -7.85 -39.11
C ARG A 766 0.89 -8.82 -38.49
N THR A 767 2.12 -8.37 -38.27
CA THR A 767 3.15 -9.27 -37.75
C THR A 767 3.02 -9.47 -36.25
N VAL A 768 2.82 -8.39 -35.50
CA VAL A 768 2.82 -8.46 -34.04
C VAL A 768 1.42 -8.75 -33.52
N LEU A 769 0.46 -7.89 -33.83
CA LEU A 769 -0.88 -8.02 -33.30
C LEU A 769 -1.68 -9.15 -33.94
N GLN A 770 -1.21 -9.70 -35.06
CA GLN A 770 -1.90 -10.78 -35.75
C GLN A 770 -3.32 -10.41 -36.13
N GLN A 771 -3.51 -9.16 -36.56
CA GLN A 771 -4.82 -8.65 -36.96
C GLN A 771 -4.72 -8.05 -38.36
N GLN A 772 -5.72 -8.30 -39.17
CA GLN A 772 -5.76 -7.73 -40.51
C GLN A 772 -6.00 -6.22 -40.40
N PRO A 773 -5.16 -5.39 -41.02
CA PRO A 773 -5.31 -3.95 -40.89
C PRO A 773 -6.43 -3.40 -41.78
N ILE A 774 -6.74 -2.13 -41.58
CA ILE A 774 -7.76 -1.43 -42.34
C ILE A 774 -7.22 -1.18 -43.75
N PRO A 775 -8.08 -0.91 -44.74
CA PRO A 775 -7.57 -0.78 -46.12
C PRO A 775 -6.52 0.31 -46.30
N MET A 776 -6.55 1.38 -45.50
CA MET A 776 -5.58 2.44 -45.67
C MET A 776 -4.18 1.97 -45.28
N MET A 777 -4.06 1.17 -44.23
CA MET A 777 -2.78 0.74 -43.71
C MET A 777 -2.27 -0.55 -44.34
N ASP A 778 -2.97 -1.08 -45.34
CA ASP A 778 -2.55 -2.31 -46.01
C ASP A 778 -1.75 -1.97 -47.25
N ARG A 779 -0.58 -2.61 -47.39
CA ARG A 779 0.25 -2.35 -48.57
C ARG A 779 -0.41 -2.85 -49.85
N ASN A 780 -1.19 -3.93 -49.77
CA ASN A 780 -1.85 -4.47 -50.94
C ASN A 780 -2.84 -3.48 -51.54
N LYS A 781 -3.35 -2.54 -50.74
CA LYS A 781 -4.21 -1.47 -51.23
C LYS A 781 -3.42 -0.22 -51.59
N ARG A 782 -2.14 -0.37 -51.95
CA ARG A 782 -1.30 0.78 -52.25
C ARG A 782 -1.87 1.59 -53.41
N ASP A 783 -2.29 0.92 -54.48
CA ASP A 783 -2.87 1.62 -55.62
C ASP A 783 -4.15 2.33 -55.25
N GLU A 784 -4.77 1.99 -54.12
CA GLU A 784 -5.97 2.64 -53.64
C GLU A 784 -5.68 3.93 -52.87
N LEU A 785 -4.41 4.31 -52.74
CA LEU A 785 -4.08 5.54 -52.03
C LEU A 785 -4.73 6.78 -52.63
N PRO A 786 -4.77 6.99 -53.97
CA PRO A 786 -5.47 8.18 -54.50
C PRO A 786 -6.90 8.31 -54.01
N LYS A 787 -7.72 7.28 -54.25
CA LYS A 787 -9.14 7.38 -53.91
C LYS A 787 -9.34 7.72 -52.44
N LEU A 788 -8.65 7.00 -51.54
CA LEU A 788 -8.75 7.30 -50.12
C LEU A 788 -8.41 8.75 -49.84
N GLN A 789 -7.38 9.30 -50.51
CA GLN A 789 -7.00 10.71 -50.25
C GLN A 789 -8.15 11.59 -50.70
N VAL A 790 -8.81 11.30 -51.81
CA VAL A 790 -10.01 12.05 -52.16
C VAL A 790 -11.03 11.96 -51.03
N GLY A 791 -11.28 10.74 -50.57
CA GLY A 791 -12.21 10.57 -49.46
C GLY A 791 -11.78 11.32 -48.22
N PHE A 792 -10.48 11.53 -48.05
CA PHE A 792 -10.01 12.35 -46.94
C PHE A 792 -10.33 13.82 -47.19
N ILE A 793 -10.04 14.30 -48.38
CA ILE A 793 -10.05 15.75 -48.64
C ILE A 793 -11.44 16.31 -48.42
N ASP A 794 -12.47 15.62 -48.89
CA ASP A 794 -13.84 16.10 -48.77
C ASP A 794 -14.49 15.70 -47.45
N PHE A 795 -13.74 15.09 -46.54
CA PHE A 795 -14.34 14.62 -45.28
C PHE A 795 -13.79 15.33 -44.06
N VAL A 796 -12.50 15.56 -43.97
CA VAL A 796 -11.86 16.13 -42.79
C VAL A 796 -11.39 17.56 -43.04
N CYS A 797 -10.66 17.79 -44.13
CA CYS A 797 -10.02 19.07 -44.37
C CYS A 797 -10.96 20.12 -44.96
N THR A 798 -11.90 19.70 -45.82
CA THR A 798 -12.71 20.67 -46.54
C THR A 798 -13.54 21.51 -45.58
N PHE A 799 -14.08 20.91 -44.53
CA PHE A 799 -14.92 21.66 -43.60
C PHE A 799 -14.12 22.76 -42.90
N VAL A 800 -12.99 22.40 -42.30
CA VAL A 800 -12.22 23.38 -41.55
C VAL A 800 -11.69 24.47 -42.46
N TYR A 801 -11.21 24.10 -43.66
CA TYR A 801 -10.66 25.12 -44.54
C TYR A 801 -11.74 26.03 -45.11
N LYS A 802 -12.93 25.49 -45.41
CA LYS A 802 -14.03 26.34 -45.86
C LYS A 802 -14.48 27.28 -44.76
N GLU A 803 -14.58 26.80 -43.52
CA GLU A 803 -14.98 27.67 -42.42
C GLU A 803 -13.94 28.75 -42.17
N PHE A 804 -12.65 28.42 -42.29
CA PHE A 804 -11.63 29.45 -42.12
C PHE A 804 -11.64 30.45 -43.26
N SER A 805 -11.94 29.99 -44.48
CA SER A 805 -12.07 30.92 -45.60
C SER A 805 -13.25 31.86 -45.39
N ARG A 806 -14.36 31.35 -44.88
CA ARG A 806 -15.50 32.22 -44.56
C ARG A 806 -15.16 33.19 -43.44
N PHE A 807 -14.40 32.71 -42.45
CA PHE A 807 -14.02 33.56 -41.32
C PHE A 807 -13.13 34.71 -41.77
N HIS A 808 -11.98 34.40 -42.34
CA HIS A 808 -11.04 35.39 -42.86
C HIS A 808 -10.81 35.12 -44.33
N LYS A 809 -10.95 36.15 -45.16
CA LYS A 809 -10.73 35.99 -46.59
C LYS A 809 -9.26 35.79 -46.92
N GLU A 810 -8.35 36.20 -46.02
CA GLU A 810 -6.93 36.03 -46.27
C GLU A 810 -6.50 34.57 -46.29
N ILE A 811 -7.27 33.68 -45.67
CA ILE A 811 -6.98 32.25 -45.70
C ILE A 811 -7.68 31.63 -46.90
N THR A 812 -8.20 32.48 -47.79
CA THR A 812 -8.84 31.98 -49.01
C THR A 812 -7.91 31.11 -49.86
N PRO A 813 -6.64 31.47 -50.11
CA PRO A 813 -5.81 30.61 -50.97
C PRO A 813 -5.68 29.18 -50.47
N MET A 814 -5.54 28.98 -49.16
CA MET A 814 -5.42 27.64 -48.60
C MET A 814 -6.51 26.72 -49.14
N LEU A 815 -7.76 27.04 -48.85
CA LEU A 815 -8.89 26.27 -49.36
C LEU A 815 -8.77 26.10 -50.87
N SER A 816 -8.49 27.21 -51.58
CA SER A 816 -8.34 27.14 -53.03
C SER A 816 -7.32 26.07 -53.40
N GLY A 817 -6.12 26.15 -52.80
CA GLY A 817 -5.11 25.15 -53.08
C GLY A 817 -5.63 23.75 -52.80
N LEU A 818 -6.30 23.57 -51.66
CA LEU A 818 -6.86 22.26 -51.33
C LEU A 818 -7.70 21.74 -52.47
N GLN A 819 -8.62 22.58 -52.98
CA GLN A 819 -9.49 22.12 -54.06
C GLN A 819 -8.67 21.64 -55.24
N ASN A 820 -7.66 22.42 -55.64
CA ASN A 820 -6.81 22.02 -56.75
C ASN A 820 -6.22 20.64 -56.50
N ASN A 821 -5.68 20.43 -55.30
CA ASN A 821 -5.09 19.13 -54.97
C ASN A 821 -6.11 18.03 -55.16
N ARG A 822 -7.34 18.23 -54.68
CA ARG A 822 -8.35 17.19 -54.82
C ARG A 822 -8.50 16.79 -56.27
N VAL A 823 -8.56 17.77 -57.17
CA VAL A 823 -8.74 17.45 -58.58
C VAL A 823 -7.67 16.49 -59.04
N GLU A 824 -6.41 16.79 -58.71
CA GLU A 824 -5.31 15.90 -59.10
C GLU A 824 -5.57 14.48 -58.60
N TRP A 825 -5.88 14.35 -57.31
CA TRP A 825 -6.14 13.02 -56.77
C TRP A 825 -7.30 12.36 -57.50
N LYS A 826 -8.36 13.13 -57.78
CA LYS A 826 -9.50 12.59 -58.50
C LYS A 826 -9.04 11.98 -59.82
N SER A 827 -8.20 12.72 -60.55
CA SER A 827 -7.71 12.20 -61.82
C SER A 827 -7.06 10.84 -61.64
N LEU A 828 -6.17 10.74 -60.64
CA LEU A 828 -5.52 9.46 -60.40
C LEU A 828 -6.55 8.39 -60.08
N ALA A 829 -7.53 8.72 -59.25
CA ALA A 829 -8.59 7.76 -58.95
C ALA A 829 -9.27 7.28 -60.22
N ASP A 830 -9.56 8.22 -61.13
CA ASP A 830 -10.19 7.82 -62.38
C ASP A 830 -9.31 6.81 -63.13
N GLU A 831 -8.00 7.06 -63.16
CA GLU A 831 -7.11 6.10 -63.81
C GLU A 831 -7.23 4.73 -63.16
N TYR A 832 -7.28 4.69 -61.82
CA TYR A 832 -7.49 3.42 -61.14
C TYR A 832 -8.80 2.80 -61.59
N ASP A 833 -9.87 3.59 -61.67
CA ASP A 833 -11.15 3.06 -62.13
C ASP A 833 -11.04 2.49 -63.53
N ALA A 834 -10.14 3.03 -64.35
CA ALA A 834 -9.89 2.43 -65.65
C ALA A 834 -9.09 1.14 -65.52
N LYS A 835 -8.06 1.15 -64.68
CA LYS A 835 -7.13 0.02 -64.64
C LYS A 835 -7.81 -1.26 -64.21
N MET A 836 -8.71 -1.17 -63.23
CA MET A 836 -9.46 -2.35 -62.79
C MET A 836 -10.70 -2.61 -63.63
N LYS A 837 -11.05 -1.70 -64.55
CA LYS A 837 -12.20 -1.95 -65.41
C LYS A 837 -11.86 -2.94 -66.52
N VAL A 838 -10.63 -2.94 -67.00
CA VAL A 838 -10.20 -3.86 -68.06
C VAL A 838 -9.83 -5.21 -67.46
N LEU B 46 -64.11 -10.39 59.40
CA LEU B 46 -63.42 -9.19 58.95
C LEU B 46 -62.34 -8.76 59.93
N GLY B 47 -62.64 -7.76 60.74
CA GLY B 47 -61.72 -7.26 61.74
C GLY B 47 -61.98 -7.74 63.16
N GLU B 48 -62.85 -8.75 63.34
CA GLU B 48 -63.16 -9.21 64.69
C GLU B 48 -61.99 -9.96 65.31
N ILE B 49 -61.33 -10.82 64.55
CA ILE B 49 -60.21 -11.60 65.05
C ILE B 49 -58.90 -10.89 64.71
N PHE B 50 -58.02 -10.77 65.69
CA PHE B 50 -56.77 -10.07 65.50
C PHE B 50 -55.81 -10.88 64.63
N LYS B 51 -54.87 -10.17 64.02
CA LYS B 51 -53.88 -10.81 63.15
C LYS B 51 -53.00 -11.75 63.96
N ASN B 52 -52.74 -12.93 63.39
CA ASN B 52 -51.90 -13.92 64.04
C ASN B 52 -51.27 -14.81 62.98
N SER B 53 -50.07 -15.33 63.30
CA SER B 53 -49.39 -16.28 62.42
C SER B 53 -49.76 -17.69 62.87
N GLN B 54 -50.96 -18.10 62.48
CA GLN B 54 -51.50 -19.38 62.92
C GLN B 54 -50.67 -20.53 62.37
N VAL B 55 -50.49 -21.57 63.18
CA VAL B 55 -49.74 -22.76 62.80
C VAL B 55 -50.73 -23.75 62.19
N PRO B 56 -50.65 -24.04 60.89
CA PRO B 56 -51.62 -24.97 60.28
C PRO B 56 -51.43 -26.41 60.70
N VAL B 57 -50.27 -26.77 61.24
CA VAL B 57 -49.95 -28.14 61.65
C VAL B 57 -49.93 -29.07 60.43
N GLN B 58 -51.02 -29.07 59.67
CA GLN B 58 -51.12 -29.88 58.46
C GLN B 58 -50.78 -29.04 57.25
N SER B 59 -49.90 -29.56 56.39
CA SER B 59 -49.54 -28.99 55.09
C SER B 59 -48.69 -27.73 55.22
N SER B 60 -48.46 -27.25 56.45
CA SER B 60 -47.69 -26.04 56.64
C SER B 60 -47.34 -25.89 58.11
N MET B 61 -46.08 -25.50 58.37
CA MET B 61 -45.68 -25.14 59.73
C MET B 61 -46.21 -23.76 60.12
N SER B 62 -46.18 -22.81 59.18
CA SER B 62 -46.72 -21.48 59.42
C SER B 62 -46.99 -20.84 58.06
N PHE B 63 -47.83 -19.79 58.08
CA PHE B 63 -48.15 -19.09 56.85
C PHE B 63 -46.92 -18.39 56.27
N SER B 64 -46.23 -17.60 57.10
CA SER B 64 -45.06 -16.86 56.63
C SER B 64 -43.93 -17.81 56.27
N GLU B 65 -43.74 -18.87 57.06
CA GLU B 65 -42.68 -19.84 56.76
C GLU B 65 -42.92 -20.54 55.43
N LEU B 66 -44.16 -20.99 55.20
CA LEU B 66 -44.49 -21.62 53.93
C LEU B 66 -44.33 -20.64 52.78
N THR B 67 -44.75 -19.39 52.97
CA THR B 67 -44.58 -18.36 51.95
C THR B 67 -43.10 -18.20 51.58
N GLN B 68 -42.24 -18.08 52.60
CA GLN B 68 -40.82 -17.90 52.35
C GLN B 68 -40.22 -19.11 51.65
N VAL B 69 -40.61 -20.32 52.08
CA VAL B 69 -40.05 -21.53 51.49
C VAL B 69 -40.44 -21.64 50.01
N GLU B 70 -41.72 -21.43 49.71
CA GLU B 70 -42.16 -21.54 48.32
C GLU B 70 -41.56 -20.43 47.46
N GLU B 71 -41.42 -19.23 48.02
CA GLU B 71 -40.79 -18.14 47.28
C GLU B 71 -39.33 -18.47 46.95
N SER B 72 -38.60 -19.00 47.93
CA SER B 72 -37.22 -19.37 47.68
C SER B 72 -37.11 -20.47 46.62
N ALA B 73 -37.98 -21.47 46.71
CA ALA B 73 -37.95 -22.55 45.72
C ALA B 73 -38.23 -22.02 44.32
N LEU B 74 -39.25 -21.19 44.18
CA LEU B 74 -39.60 -20.66 42.86
C LEU B 74 -38.50 -19.75 42.32
N CYS B 75 -37.88 -18.95 43.18
CA CYS B 75 -36.77 -18.10 42.73
C CYS B 75 -35.59 -18.95 42.30
N LEU B 76 -35.31 -20.04 43.01
CA LEU B 76 -34.24 -20.95 42.59
C LEU B 76 -34.52 -21.54 41.22
N GLU B 77 -35.77 -21.97 40.99
CA GLU B 77 -36.12 -22.50 39.67
C GLU B 77 -35.98 -21.43 38.60
N LEU B 78 -36.39 -20.20 38.90
CA LEU B 78 -36.25 -19.10 37.96
C LEU B 78 -34.78 -18.87 37.60
N LEU B 79 -33.90 -18.95 38.59
CA LEU B 79 -32.47 -18.83 38.30
C LEU B 79 -31.98 -20.00 37.45
N TRP B 80 -32.46 -21.21 37.74
CA TRP B 80 -32.05 -22.36 36.93
C TRP B 80 -32.55 -22.28 35.49
N THR B 81 -33.59 -21.49 35.23
CA THR B 81 -34.06 -21.32 33.86
C THR B 81 -32.94 -20.84 32.94
N VAL B 82 -32.06 -19.97 33.43
CA VAL B 82 -31.02 -19.41 32.56
C VAL B 82 -29.96 -20.45 32.24
N GLN B 83 -29.77 -21.42 33.13
CA GLN B 83 -28.79 -22.47 32.87
C GLN B 83 -29.26 -23.48 31.84
N GLU B 84 -30.56 -23.52 31.55
CA GLU B 84 -31.09 -24.46 30.57
C GLU B 84 -30.72 -24.02 29.16
N GLU B 85 -29.63 -24.58 28.63
CA GLU B 85 -29.16 -24.18 27.31
C GLU B 85 -30.18 -24.56 26.24
N GLY B 86 -30.28 -23.72 25.22
CA GLY B 86 -31.28 -23.85 24.19
C GLY B 86 -32.50 -22.97 24.38
N GLY B 87 -32.68 -22.43 25.58
CA GLY B 87 -33.78 -21.53 25.85
C GLY B 87 -33.41 -20.08 25.59
N THR B 88 -34.33 -19.19 25.95
CA THR B 88 -34.15 -17.76 25.75
C THR B 88 -34.43 -17.01 27.05
N PRO B 89 -33.83 -15.84 27.25
CA PRO B 89 -34.14 -15.05 28.45
C PRO B 89 -35.59 -14.62 28.50
N GLU B 90 -36.28 -14.56 27.36
CA GLU B 90 -37.69 -14.19 27.36
C GLU B 90 -38.52 -15.18 28.15
N GLN B 91 -38.17 -16.48 28.12
CA GLN B 91 -38.92 -17.45 28.91
C GLN B 91 -38.76 -17.21 30.40
N GLY B 92 -37.53 -16.91 30.84
CA GLY B 92 -37.32 -16.62 32.26
C GLY B 92 -38.03 -15.35 32.69
N VAL B 93 -37.98 -14.31 31.84
CA VAL B 93 -38.71 -13.08 32.14
C VAL B 93 -40.20 -13.35 32.19
N HIS B 94 -40.70 -14.23 31.31
CA HIS B 94 -42.11 -14.57 31.31
C HIS B 94 -42.51 -15.27 32.61
N ARG B 95 -41.70 -16.21 33.06
CA ARG B 95 -42.00 -16.88 34.33
C ARG B 95 -41.98 -15.90 35.49
N ALA B 96 -40.97 -15.01 35.51
CA ALA B 96 -40.90 -14.02 36.58
C ALA B 96 -42.09 -13.08 36.56
N LEU B 97 -42.53 -12.66 35.37
CA LEU B 97 -43.67 -11.75 35.27
C LEU B 97 -44.96 -12.45 35.68
N GLN B 98 -45.11 -13.73 35.34
CA GLN B 98 -46.28 -14.48 35.80
C GLN B 98 -46.30 -14.56 37.32
N ARG B 99 -45.15 -14.86 37.93
CA ARG B 99 -45.09 -14.92 39.39
C ARG B 99 -45.39 -13.55 40.00
N LEU B 100 -44.88 -12.48 39.39
CA LEU B 100 -45.13 -11.14 39.90
C LEU B 100 -46.61 -10.78 39.81
N ALA B 101 -47.25 -11.13 38.69
CA ALA B 101 -48.68 -10.86 38.56
C ALA B 101 -49.49 -11.65 39.58
N HIS B 102 -49.10 -12.90 39.82
CA HIS B 102 -49.78 -13.71 40.83
C HIS B 102 -49.61 -13.10 42.22
N LEU B 103 -48.41 -12.63 42.54
CA LEU B 103 -48.11 -12.14 43.88
C LEU B 103 -48.71 -10.77 44.15
N LEU B 104 -48.69 -9.88 43.16
CA LEU B 104 -49.14 -8.50 43.37
C LEU B 104 -50.63 -8.32 43.17
N GLN B 105 -51.36 -9.38 42.79
CA GLN B 105 -52.79 -9.29 42.51
C GLN B 105 -53.07 -8.25 41.42
N ALA B 106 -52.17 -8.17 40.45
CA ALA B 106 -52.29 -7.25 39.33
C ALA B 106 -52.72 -8.02 38.09
N ASP B 107 -52.80 -7.30 36.97
CA ASP B 107 -53.22 -7.89 35.70
C ASP B 107 -52.32 -7.37 34.59
N ARG B 108 -52.07 -8.22 33.61
CA ARG B 108 -51.36 -7.85 32.38
C ARG B 108 -49.99 -7.24 32.67
N CYS B 109 -49.12 -8.05 33.26
CA CYS B 109 -47.72 -7.65 33.37
C CYS B 109 -47.10 -7.56 31.98
N SER B 110 -46.15 -6.63 31.82
CA SER B 110 -45.62 -6.39 30.49
C SER B 110 -44.17 -5.92 30.57
N MET B 111 -43.46 -6.11 29.47
CA MET B 111 -42.05 -5.75 29.33
C MET B 111 -41.83 -5.04 28.01
N PHE B 112 -41.05 -3.96 28.05
CA PHE B 112 -40.70 -3.18 26.86
C PHE B 112 -39.17 -3.14 26.79
N LEU B 113 -38.60 -3.78 25.77
CA LEU B 113 -37.16 -3.74 25.58
C LEU B 113 -36.74 -2.39 25.02
N CYS B 114 -35.48 -2.03 25.28
CA CYS B 114 -34.95 -0.73 24.89
C CYS B 114 -33.95 -0.89 23.74
N ARG B 115 -34.11 -0.07 22.72
CA ARG B 115 -33.21 -0.02 21.57
C ARG B 115 -32.67 1.39 21.42
N SER B 116 -31.61 1.51 20.62
CA SER B 116 -31.03 2.79 20.28
C SER B 116 -30.82 2.83 18.77
N ARG B 117 -31.53 3.73 18.10
CA ARG B 117 -31.43 3.88 16.65
C ARG B 117 -31.14 5.33 16.32
N ASN B 118 -30.23 5.55 15.38
CA ASN B 118 -29.85 6.89 14.94
C ASN B 118 -29.33 7.75 16.08
N GLY B 119 -28.83 7.13 17.14
CA GLY B 119 -28.35 7.85 18.29
C GLY B 119 -29.42 8.24 19.29
N ILE B 120 -30.67 7.91 19.03
CA ILE B 120 -31.75 8.23 19.96
C ILE B 120 -32.35 6.93 20.50
N PRO B 121 -32.71 6.89 21.78
CA PRO B 121 -33.29 5.67 22.35
C PRO B 121 -34.78 5.55 22.04
N GLU B 122 -35.29 4.34 22.20
CA GLU B 122 -36.69 4.05 22.02
C GLU B 122 -37.00 2.72 22.72
N VAL B 123 -38.28 2.42 22.86
CA VAL B 123 -38.71 1.18 23.50
C VAL B 123 -39.68 0.46 22.58
N ALA B 124 -39.76 -0.85 22.76
CA ALA B 124 -40.65 -1.68 21.95
C ALA B 124 -41.15 -2.83 22.81
N SER B 125 -42.46 -3.10 22.75
CA SER B 125 -43.06 -4.12 23.58
C SER B 125 -42.56 -5.50 23.19
N ARG B 126 -42.07 -6.27 24.17
CA ARG B 126 -41.61 -7.63 23.94
C ARG B 126 -42.60 -8.65 24.49
N LEU B 127 -42.96 -8.53 25.76
CA LEU B 127 -43.98 -9.36 26.39
C LEU B 127 -45.15 -8.47 26.76
N LEU B 128 -46.35 -8.81 26.28
CA LEU B 128 -47.54 -8.01 26.51
C LEU B 128 -48.66 -8.89 27.03
N ASP B 129 -49.48 -8.31 27.92
CA ASP B 129 -50.66 -8.97 28.48
C ASP B 129 -50.29 -10.27 29.19
N VAL B 130 -49.18 -10.27 29.91
CA VAL B 130 -48.77 -11.45 30.67
C VAL B 130 -49.63 -11.55 31.92
N THR B 131 -50.31 -12.68 32.08
CA THR B 131 -51.21 -12.93 33.18
C THR B 131 -50.90 -14.30 33.74
N PRO B 132 -51.27 -14.57 35.00
CA PRO B 132 -51.06 -15.91 35.55
C PRO B 132 -51.81 -16.96 34.73
N THR B 133 -51.17 -18.12 34.56
CA THR B 133 -51.67 -19.20 33.72
C THR B 133 -51.94 -18.69 32.30
N SER B 134 -50.85 -18.32 31.63
CA SER B 134 -50.89 -17.84 30.25
C SER B 134 -49.77 -18.49 29.45
N LYS B 135 -50.05 -18.79 28.18
CA LYS B 135 -49.06 -19.43 27.34
C LYS B 135 -47.98 -18.43 26.93
N PHE B 136 -46.73 -18.90 26.90
CA PHE B 136 -45.62 -18.03 26.53
C PHE B 136 -45.71 -17.60 25.07
N GLU B 137 -46.09 -18.52 24.18
CA GLU B 137 -46.10 -18.22 22.75
C GLU B 137 -47.10 -17.11 22.43
N ASP B 138 -48.27 -17.14 23.06
CA ASP B 138 -49.27 -16.11 22.81
C ASP B 138 -48.85 -14.76 23.40
N ASN B 139 -48.11 -14.79 24.50
CA ASN B 139 -47.72 -13.55 25.18
C ASN B 139 -46.60 -12.82 24.45
N LEU B 140 -45.66 -13.56 23.88
CA LEU B 140 -44.52 -12.94 23.20
C LEU B 140 -44.98 -12.20 21.96
N VAL B 141 -44.38 -11.04 21.71
CA VAL B 141 -44.72 -10.19 20.58
C VAL B 141 -43.57 -10.24 19.59
N GLY B 142 -43.88 -10.63 18.35
CA GLY B 142 -42.88 -10.73 17.31
C GLY B 142 -42.40 -9.37 16.85
N PRO B 143 -41.29 -9.34 16.10
CA PRO B 143 -40.77 -8.05 15.62
C PRO B 143 -41.70 -7.34 14.66
N ASP B 144 -42.62 -8.05 14.00
CA ASP B 144 -43.53 -7.43 13.04
C ASP B 144 -44.82 -6.93 13.67
N LYS B 145 -45.04 -7.18 14.96
CA LYS B 145 -46.24 -6.74 15.65
C LYS B 145 -45.93 -5.79 16.80
N GLU B 146 -44.67 -5.40 16.98
CA GLU B 146 -44.29 -4.54 18.08
C GLU B 146 -44.83 -3.13 17.88
N VAL B 147 -44.92 -2.40 18.98
CA VAL B 147 -45.29 -0.98 18.97
C VAL B 147 -44.11 -0.20 19.54
N VAL B 148 -43.59 0.74 18.76
CA VAL B 148 -42.37 1.46 19.11
C VAL B 148 -42.75 2.82 19.70
N PHE B 149 -42.21 3.10 20.89
CA PHE B 149 -42.44 4.37 21.57
C PHE B 149 -41.11 5.11 21.68
N PRO B 150 -41.00 6.33 21.17
CA PRO B 150 -39.85 7.17 21.51
C PRO B 150 -39.87 7.53 22.99
N LEU B 151 -38.69 7.90 23.50
CA LEU B 151 -38.55 8.14 24.93
C LEU B 151 -39.41 9.28 25.42
N ASP B 152 -39.63 10.30 24.59
CA ASP B 152 -40.31 11.50 25.09
C ASP B 152 -41.81 11.30 25.28
N ILE B 153 -42.43 10.36 24.56
CA ILE B 153 -43.82 10.00 24.82
C ILE B 153 -43.85 8.73 25.65
N GLY B 154 -45.00 8.49 26.29
CA GLY B 154 -45.24 7.25 26.99
C GLY B 154 -44.68 7.21 28.40
N ILE B 155 -45.38 6.52 29.30
CA ILE B 155 -44.88 6.32 30.65
C ILE B 155 -43.65 5.42 30.63
N VAL B 156 -43.61 4.45 29.70
CA VAL B 156 -42.42 3.64 29.52
C VAL B 156 -41.22 4.53 29.18
N GLY B 157 -41.44 5.54 28.33
CA GLY B 157 -40.34 6.43 27.97
C GLY B 157 -39.84 7.24 29.14
N TRP B 158 -40.75 7.77 29.96
CA TRP B 158 -40.34 8.53 31.13
C TRP B 158 -39.63 7.65 32.14
N ALA B 159 -40.10 6.41 32.31
CA ALA B 159 -39.42 5.48 33.22
C ALA B 159 -38.01 5.16 32.73
N ALA B 160 -37.85 4.94 31.42
CA ALA B 160 -36.53 4.64 30.88
C ALA B 160 -35.61 5.86 31.00
N HIS B 161 -36.14 7.05 30.75
CA HIS B 161 -35.32 8.27 30.83
C HIS B 161 -34.90 8.55 32.27
N THR B 162 -35.82 8.44 33.22
CA THR B 162 -35.52 8.77 34.61
C THR B 162 -34.69 7.70 35.29
N LYS B 163 -34.70 6.46 34.78
CA LYS B 163 -33.96 5.35 35.36
C LYS B 163 -34.33 5.13 36.83
N LYS B 164 -35.60 5.29 37.14
CA LYS B 164 -36.06 5.12 38.51
C LYS B 164 -37.50 4.62 38.50
N THR B 165 -37.92 4.06 39.64
CA THR B 165 -39.26 3.49 39.77
C THR B 165 -40.31 4.59 39.69
N HIS B 166 -41.34 4.34 38.88
CA HIS B 166 -42.45 5.29 38.72
C HIS B 166 -43.75 4.56 39.01
N ASN B 167 -44.51 5.06 39.98
CA ASN B 167 -45.80 4.50 40.37
C ASN B 167 -46.85 5.60 40.22
N VAL B 168 -47.68 5.49 39.20
CA VAL B 168 -48.75 6.46 38.95
C VAL B 168 -50.08 5.80 39.29
N PRO B 169 -50.85 6.37 40.23
CA PRO B 169 -52.14 5.77 40.60
C PRO B 169 -53.24 6.07 39.59
N ASP B 170 -53.21 7.25 38.99
CA ASP B 170 -54.22 7.68 38.02
C ASP B 170 -53.51 8.14 36.76
N VAL B 171 -53.73 7.40 35.66
CA VAL B 171 -53.03 7.71 34.42
C VAL B 171 -53.47 9.06 33.85
N LYS B 172 -54.68 9.50 34.16
CA LYS B 172 -55.18 10.76 33.61
C LYS B 172 -54.57 11.97 34.28
N LYS B 173 -53.91 11.82 35.43
CA LYS B 173 -53.26 12.93 36.11
C LYS B 173 -51.79 13.10 35.73
N ASN B 174 -51.27 12.25 34.84
CA ASN B 174 -49.88 12.32 34.41
C ASN B 174 -49.82 12.70 32.94
N SER B 175 -49.00 13.71 32.64
CA SER B 175 -48.85 14.15 31.26
C SER B 175 -48.04 13.18 30.41
N HIS B 176 -47.30 12.27 31.03
CA HIS B 176 -46.50 11.30 30.30
C HIS B 176 -47.31 10.14 29.75
N PHE B 177 -48.55 9.97 30.21
CA PHE B 177 -49.36 8.84 29.77
C PHE B 177 -49.71 8.98 28.29
N SER B 178 -49.74 7.85 27.58
CA SER B 178 -50.07 7.81 26.17
C SER B 178 -51.19 6.80 25.94
N ASP B 179 -52.04 7.10 24.96
CA ASP B 179 -53.20 6.27 24.64
C ASP B 179 -52.99 5.42 23.40
N PHE B 180 -51.75 5.31 22.91
CA PHE B 180 -51.51 4.57 21.67
C PHE B 180 -51.88 3.10 21.83
N MET B 181 -51.34 2.44 22.85
CA MET B 181 -51.61 1.02 23.04
C MET B 181 -53.07 0.79 23.44
N ASP B 182 -53.62 1.68 24.28
CA ASP B 182 -55.00 1.51 24.72
C ASP B 182 -55.97 1.56 23.55
N LYS B 183 -55.79 2.51 22.65
CA LYS B 183 -56.65 2.58 21.48
C LYS B 183 -56.34 1.51 20.45
N GLN B 184 -55.08 1.06 20.40
CA GLN B 184 -54.72 0.00 19.46
C GLN B 184 -55.36 -1.33 19.85
N THR B 185 -55.36 -1.66 21.14
CA THR B 185 -55.84 -2.96 21.60
C THR B 185 -57.18 -2.89 22.32
N GLY B 186 -57.74 -1.71 22.50
CA GLY B 186 -59.03 -1.60 23.17
C GLY B 186 -59.01 -2.00 24.64
N TYR B 187 -58.00 -1.57 25.38
CA TYR B 187 -57.87 -1.86 26.80
C TYR B 187 -57.74 -0.57 27.57
N VAL B 188 -58.41 -0.48 28.72
CA VAL B 188 -58.41 0.73 29.53
C VAL B 188 -57.49 0.51 30.73
N THR B 189 -56.58 1.45 30.97
CA THR B 189 -55.62 1.38 32.06
C THR B 189 -55.88 2.54 33.01
N LYS B 190 -55.97 2.22 34.31
CA LYS B 190 -56.21 3.22 35.35
C LYS B 190 -55.21 3.14 36.49
N ASN B 191 -54.09 2.44 36.30
CA ASN B 191 -53.09 2.27 37.35
C ASN B 191 -51.82 1.73 36.71
N LEU B 192 -50.68 2.29 37.10
CA LEU B 192 -49.43 1.83 36.50
C LEU B 192 -48.30 1.88 37.51
N LEU B 193 -47.38 0.91 37.39
CA LEU B 193 -46.19 0.85 38.23
C LEU B 193 -45.09 0.20 37.40
N ALA B 194 -44.08 0.98 37.03
CA ALA B 194 -43.02 0.51 36.15
C ALA B 194 -41.66 0.91 36.71
N THR B 195 -40.72 -0.04 36.70
CA THR B 195 -39.35 0.24 37.10
C THR B 195 -38.42 -0.24 35.98
N PRO B 196 -37.49 0.60 35.53
CA PRO B 196 -36.57 0.16 34.48
C PRO B 196 -35.57 -0.85 35.00
N ILE B 197 -35.04 -1.64 34.08
CA ILE B 197 -34.01 -2.63 34.37
C ILE B 197 -32.68 -2.04 33.93
N VAL B 198 -31.95 -1.45 34.88
CA VAL B 198 -30.71 -0.74 34.59
C VAL B 198 -29.53 -1.58 35.06
N VAL B 199 -28.63 -1.89 34.14
CA VAL B 199 -27.35 -2.52 34.45
C VAL B 199 -26.25 -1.73 33.73
N GLY B 200 -25.15 -1.51 34.43
CA GLY B 200 -24.04 -0.78 33.85
C GLY B 200 -24.41 0.62 33.38
N LYS B 201 -25.29 1.30 34.13
CA LYS B 201 -25.78 2.63 33.78
C LYS B 201 -26.47 2.63 32.41
N GLU B 202 -27.04 1.50 32.02
CA GLU B 202 -27.76 1.38 30.76
C GLU B 202 -29.06 0.64 30.99
N VAL B 203 -30.13 1.10 30.35
CA VAL B 203 -31.46 0.53 30.51
C VAL B 203 -31.65 -0.56 29.46
N LEU B 204 -32.05 -1.74 29.90
CA LEU B 204 -32.35 -2.86 29.00
C LEU B 204 -33.84 -3.05 28.77
N ALA B 205 -34.65 -2.99 29.81
CA ALA B 205 -36.09 -3.17 29.66
C ALA B 205 -36.82 -2.40 30.75
N VAL B 206 -38.08 -2.08 30.46
CA VAL B 206 -38.99 -1.45 31.40
C VAL B 206 -40.16 -2.39 31.62
N ILE B 207 -40.40 -2.78 32.87
CA ILE B 207 -41.41 -3.78 33.19
C ILE B 207 -42.49 -3.11 34.03
N MET B 208 -43.74 -3.30 33.63
CA MET B 208 -44.86 -2.64 34.28
C MET B 208 -45.95 -3.64 34.62
N ALA B 209 -46.74 -3.28 35.63
CA ALA B 209 -47.99 -3.94 35.96
C ALA B 209 -49.10 -2.92 35.98
N VAL B 210 -50.29 -3.31 35.54
CA VAL B 210 -51.37 -2.38 35.25
C VAL B 210 -52.67 -2.87 35.88
N ASN B 211 -53.43 -1.94 36.45
CA ASN B 211 -54.83 -2.16 36.83
C ASN B 211 -54.96 -3.30 37.85
N LYS B 212 -54.45 -3.01 39.05
CA LYS B 212 -54.65 -3.92 40.19
C LYS B 212 -56.12 -4.27 40.34
N VAL B 213 -56.40 -5.57 40.38
CA VAL B 213 -57.79 -6.04 40.26
C VAL B 213 -58.59 -5.71 41.52
N ASN B 214 -57.99 -5.86 42.70
CA ASN B 214 -58.72 -5.73 43.95
C ASN B 214 -58.34 -4.47 44.74
N ALA B 215 -57.76 -3.47 44.07
CA ALA B 215 -57.42 -2.23 44.74
C ALA B 215 -57.26 -1.15 43.67
N SER B 216 -57.22 0.10 44.14
CA SER B 216 -57.06 1.26 43.27
C SER B 216 -55.70 1.93 43.42
N GLU B 217 -54.71 1.21 43.95
CA GLU B 217 -53.39 1.77 44.13
C GLU B 217 -52.38 0.64 44.34
N PHE B 218 -51.18 0.83 43.80
CA PHE B 218 -50.06 -0.07 44.05
C PHE B 218 -49.25 0.50 45.21
N SER B 219 -49.35 -0.15 46.37
CA SER B 219 -48.74 0.37 47.59
C SER B 219 -47.22 0.27 47.54
N LYS B 220 -46.58 0.84 48.56
CA LYS B 220 -45.12 0.86 48.62
C LYS B 220 -44.54 -0.55 48.76
N GLN B 221 -45.22 -1.41 49.53
CA GLN B 221 -44.75 -2.79 49.66
C GLN B 221 -44.80 -3.53 48.32
N ASP B 222 -45.84 -3.26 47.52
CA ASP B 222 -45.88 -3.80 46.17
C ASP B 222 -44.69 -3.31 45.36
N GLU B 223 -44.34 -2.03 45.52
CA GLU B 223 -43.18 -1.49 44.82
C GLU B 223 -41.89 -2.18 45.25
N GLU B 224 -41.75 -2.49 46.55
CA GLU B 224 -40.56 -3.17 47.02
C GLU B 224 -40.46 -4.59 46.45
N VAL B 225 -41.58 -5.32 46.46
CA VAL B 225 -41.58 -6.67 45.90
C VAL B 225 -41.26 -6.62 44.41
N PHE B 226 -41.86 -5.65 43.70
CA PHE B 226 -41.55 -5.44 42.30
C PHE B 226 -40.06 -5.18 42.10
N SER B 227 -39.47 -4.34 42.94
CA SER B 227 -38.06 -4.00 42.80
C SER B 227 -37.17 -5.22 42.97
N LYS B 228 -37.47 -6.07 43.97
CA LYS B 228 -36.62 -7.24 44.19
C LYS B 228 -36.77 -8.27 43.07
N TYR B 229 -38.02 -8.57 42.69
CA TYR B 229 -38.22 -9.53 41.60
C TYR B 229 -37.60 -9.01 40.30
N LEU B 230 -37.69 -7.72 40.06
CA LEU B 230 -37.05 -7.15 38.88
C LEU B 230 -35.55 -7.06 39.03
N ASN B 231 -35.01 -7.10 40.25
CA ASN B 231 -33.57 -7.29 40.40
C ASN B 231 -33.16 -8.67 39.91
N PHE B 232 -33.95 -9.70 40.23
CA PHE B 232 -33.66 -11.03 39.69
C PHE B 232 -33.79 -11.05 38.17
N VAL B 233 -34.84 -10.44 37.64
CA VAL B 233 -34.97 -10.30 36.19
C VAL B 233 -33.80 -9.52 35.62
N SER B 234 -33.27 -8.56 36.37
CA SER B 234 -32.12 -7.79 35.93
C SER B 234 -30.89 -8.67 35.85
N ILE B 235 -30.74 -9.61 36.78
CA ILE B 235 -29.65 -10.58 36.69
C ILE B 235 -29.76 -11.38 35.40
N ILE B 236 -30.96 -11.87 35.09
CA ILE B 236 -31.16 -12.67 33.88
C ILE B 236 -30.85 -11.83 32.63
N LEU B 237 -31.40 -10.62 32.58
CA LEU B 237 -31.18 -9.76 31.42
C LEU B 237 -29.73 -9.31 31.32
N ARG B 238 -29.04 -9.16 32.44
CA ARG B 238 -27.62 -8.82 32.40
C ARG B 238 -26.81 -9.95 31.78
N LEU B 239 -27.12 -11.19 32.16
CA LEU B 239 -26.46 -12.33 31.52
C LEU B 239 -26.70 -12.33 30.02
N HIS B 240 -27.97 -12.15 29.62
CA HIS B 240 -28.30 -12.15 28.20
C HIS B 240 -27.58 -11.03 27.46
N HIS B 241 -27.58 -9.83 28.03
CA HIS B 241 -26.98 -8.68 27.37
C HIS B 241 -25.46 -8.84 27.27
N THR B 242 -24.83 -9.41 28.29
CA THR B 242 -23.39 -9.64 28.21
C THR B 242 -23.06 -10.66 27.13
N SER B 243 -23.87 -11.72 27.02
CA SER B 243 -23.64 -12.69 25.94
C SER B 243 -23.82 -12.04 24.57
N TYR B 244 -24.85 -11.20 24.42
CA TYR B 244 -25.08 -10.51 23.15
C TYR B 244 -23.93 -9.57 22.82
N MET B 245 -23.42 -8.84 23.82
CA MET B 245 -22.26 -7.99 23.61
C MET B 245 -21.05 -8.80 23.16
N TYR B 246 -20.83 -9.95 23.79
CA TYR B 246 -19.70 -10.79 23.39
C TYR B 246 -19.85 -11.25 21.95
N ASN B 247 -21.05 -11.66 21.55
CA ASN B 247 -21.26 -12.08 20.16
C ASN B 247 -21.02 -10.93 19.19
N ILE B 248 -21.49 -9.73 19.54
CA ILE B 248 -21.30 -8.58 18.67
C ILE B 248 -19.81 -8.26 18.51
N GLU B 249 -19.08 -8.27 19.62
CA GLU B 249 -17.65 -7.97 19.54
C GLU B 249 -16.90 -9.05 18.78
N SER B 250 -17.29 -10.32 18.93
CA SER B 250 -16.66 -11.38 18.17
C SER B 250 -16.90 -11.20 16.68
N ARG B 251 -18.12 -10.83 16.29
CA ARG B 251 -18.40 -10.58 14.88
C ARG B 251 -17.55 -9.42 14.37
N ARG B 252 -17.43 -8.35 15.15
CA ARG B 252 -16.63 -7.21 14.73
C ARG B 252 -15.16 -7.60 14.56
N SER B 253 -14.61 -8.36 15.49
CA SER B 253 -13.22 -8.78 15.39
C SER B 253 -12.99 -9.69 14.19
N GLN B 254 -13.93 -10.60 13.92
CA GLN B 254 -13.81 -11.45 12.75
C GLN B 254 -13.86 -10.63 11.46
N ILE B 255 -14.73 -9.62 11.43
CA ILE B 255 -14.81 -8.75 10.26
C ILE B 255 -13.47 -8.06 10.04
N LEU B 256 -12.88 -7.54 11.12
CA LEU B 256 -11.59 -6.85 10.98
C LEU B 256 -10.49 -7.80 10.53
N MET B 257 -10.43 -9.00 11.11
CA MET B 257 -9.47 -10.00 10.67
C MET B 257 -9.60 -10.28 9.18
N TRP B 258 -10.80 -10.57 8.71
CA TRP B 258 -10.95 -10.99 7.32
C TRP B 258 -10.72 -9.83 6.35
N SER B 259 -11.17 -8.62 6.72
CA SER B 259 -10.92 -7.46 5.88
C SER B 259 -9.43 -7.17 5.79
N ALA B 260 -8.70 -7.28 6.91
CA ALA B 260 -7.26 -7.07 6.87
C ALA B 260 -6.57 -8.14 6.05
N ASN B 261 -7.01 -9.40 6.18
CA ASN B 261 -6.40 -10.48 5.41
C ASN B 261 -6.60 -10.28 3.92
N LYS B 262 -7.80 -9.87 3.51
CA LYS B 262 -8.07 -9.70 2.09
C LYS B 262 -7.46 -8.43 1.52
N VAL B 263 -7.36 -7.35 2.32
CA VAL B 263 -6.78 -6.12 1.82
C VAL B 263 -5.28 -6.28 1.61
N PHE B 264 -4.59 -6.90 2.55
CA PHE B 264 -3.14 -7.07 2.46
C PHE B 264 -2.74 -8.28 1.61
N GLU B 265 -3.71 -9.05 1.12
CA GLU B 265 -3.38 -10.20 0.29
C GLU B 265 -2.73 -9.77 -1.02
N GLU B 266 -3.25 -8.72 -1.64
CA GLU B 266 -2.77 -8.28 -2.95
C GLU B 266 -3.14 -6.82 -3.14
N LEU B 267 -2.29 -6.10 -3.85
CA LEU B 267 -2.51 -4.68 -4.14
C LEU B 267 -3.35 -4.57 -5.40
N THR B 268 -4.61 -4.16 -5.25
CA THR B 268 -5.54 -4.08 -6.37
C THR B 268 -6.27 -2.75 -6.30
N ASP B 269 -7.26 -2.60 -7.19
CA ASP B 269 -8.01 -1.35 -7.29
C ASP B 269 -9.13 -1.32 -6.26
N VAL B 270 -9.94 -0.25 -6.30
CA VAL B 270 -11.02 -0.09 -5.33
C VAL B 270 -12.05 -1.19 -5.48
N GLU B 271 -12.46 -1.46 -6.72
CA GLU B 271 -13.57 -2.38 -6.96
C GLU B 271 -13.23 -3.79 -6.47
N ARG B 272 -12.09 -4.33 -6.91
CA ARG B 272 -11.74 -5.69 -6.54
C ARG B 272 -11.49 -5.82 -5.03
N GLN B 273 -10.83 -4.83 -4.44
CA GLN B 273 -10.55 -4.87 -3.00
C GLN B 273 -11.83 -4.86 -2.19
N PHE B 274 -12.75 -3.93 -2.53
CA PHE B 274 -14.02 -3.87 -1.81
C PHE B 274 -14.82 -5.14 -2.00
N HIS B 275 -14.84 -5.68 -3.21
CA HIS B 275 -15.56 -6.93 -3.45
C HIS B 275 -14.99 -8.06 -2.61
N LYS B 276 -13.66 -8.19 -2.57
CA LYS B 276 -13.03 -9.23 -1.76
C LYS B 276 -13.41 -9.09 -0.30
N ALA B 277 -13.29 -7.88 0.25
CA ALA B 277 -13.57 -7.67 1.66
C ALA B 277 -15.03 -8.01 1.98
N LEU B 278 -15.96 -7.48 1.20
CA LEU B 278 -17.38 -7.70 1.48
C LEU B 278 -17.77 -9.17 1.31
N TYR B 279 -17.29 -9.81 0.23
CA TYR B 279 -17.60 -11.21 0.03
C TYR B 279 -17.03 -12.08 1.14
N THR B 280 -15.90 -11.67 1.72
CA THR B 280 -15.35 -12.44 2.82
C THR B 280 -16.13 -12.25 4.11
N VAL B 281 -16.59 -11.02 4.37
CA VAL B 281 -17.27 -10.73 5.64
C VAL B 281 -18.78 -10.92 5.52
N ARG B 282 -19.21 -11.48 4.39
CA ARG B 282 -20.61 -11.88 4.18
C ARG B 282 -21.26 -12.46 5.43
N SER B 283 -20.70 -13.54 5.96
CA SER B 283 -21.33 -14.24 7.07
C SER B 283 -21.42 -13.37 8.32
N TYR B 284 -20.41 -12.55 8.58
CA TYR B 284 -20.36 -11.77 9.81
C TYR B 284 -21.21 -10.51 9.76
N LEU B 285 -21.59 -10.01 8.58
CA LEU B 285 -22.58 -8.93 8.56
C LEU B 285 -23.92 -9.39 9.11
N ASN B 286 -24.34 -10.60 8.75
CA ASN B 286 -25.63 -11.16 9.17
C ASN B 286 -26.78 -10.28 8.69
N CYS B 287 -26.86 -10.12 7.37
CA CYS B 287 -27.93 -9.38 6.72
C CYS B 287 -28.47 -10.20 5.56
N GLU B 288 -29.77 -10.06 5.31
CA GLU B 288 -30.40 -10.82 4.24
C GLU B 288 -29.91 -10.37 2.87
N ARG B 289 -29.52 -9.11 2.73
CA ARG B 289 -29.15 -8.56 1.44
C ARG B 289 -28.49 -7.20 1.67
N TYR B 290 -27.38 -6.97 0.97
CA TYR B 290 -26.72 -5.67 1.06
C TYR B 290 -25.95 -5.42 -0.22
N SER B 291 -25.63 -4.14 -0.45
CA SER B 291 -24.99 -3.73 -1.69
C SER B 291 -24.07 -2.54 -1.40
N ILE B 292 -23.20 -2.26 -2.37
CA ILE B 292 -22.29 -1.13 -2.32
C ILE B 292 -22.30 -0.43 -3.66
N GLY B 293 -22.38 0.90 -3.63
CA GLY B 293 -22.36 1.69 -4.84
C GLY B 293 -21.22 2.67 -4.86
N LEU B 294 -20.41 2.66 -5.91
CA LEU B 294 -19.21 3.48 -5.99
C LEU B 294 -19.46 4.71 -6.85
N LEU B 295 -19.18 5.88 -6.30
CA LEU B 295 -19.34 7.14 -7.02
C LEU B 295 -18.08 7.46 -7.81
N ASP B 296 -18.27 8.17 -8.92
CA ASP B 296 -17.13 8.63 -9.69
C ASP B 296 -16.35 9.69 -8.91
N MET B 297 -15.02 9.62 -8.98
CA MET B 297 -14.15 10.51 -8.23
C MET B 297 -13.55 11.61 -9.08
N THR B 298 -13.98 11.75 -10.34
CA THR B 298 -13.43 12.77 -11.22
C THR B 298 -13.96 14.13 -10.78
N LYS B 299 -13.11 14.90 -10.11
CA LYS B 299 -13.51 16.20 -9.56
C LYS B 299 -13.45 17.32 -10.59
N GLU B 300 -12.78 17.12 -11.72
CA GLU B 300 -12.62 18.18 -12.71
C GLU B 300 -12.95 17.63 -14.09
N LYS B 301 -13.51 18.49 -14.93
CA LYS B 301 -13.90 18.14 -16.28
C LYS B 301 -12.81 18.58 -17.26
N GLU B 302 -12.70 17.85 -18.36
CA GLU B 302 -11.76 18.21 -19.41
C GLU B 302 -12.16 19.54 -20.04
N PHE B 303 -11.16 20.25 -20.57
CA PHE B 303 -11.43 21.56 -21.14
C PHE B 303 -12.37 21.49 -22.34
N TYR B 304 -12.31 20.39 -23.10
CA TYR B 304 -13.18 20.24 -24.26
C TYR B 304 -14.61 19.84 -23.90
N ASP B 305 -14.83 19.37 -22.67
CA ASP B 305 -16.17 19.10 -22.18
C ASP B 305 -16.77 20.29 -21.44
N GLU B 306 -16.03 21.37 -21.29
CA GLU B 306 -16.50 22.57 -20.61
C GLU B 306 -16.97 23.65 -21.57
N TRP B 307 -16.56 23.59 -22.84
CA TRP B 307 -16.96 24.61 -23.81
C TRP B 307 -18.47 24.71 -23.97
N PRO B 308 -19.22 23.62 -24.19
CA PRO B 308 -20.68 23.78 -24.30
C PRO B 308 -21.33 24.33 -23.04
N ILE B 309 -20.81 23.98 -21.87
CA ILE B 309 -21.38 24.48 -20.63
C ILE B 309 -21.18 25.98 -20.51
N LYS B 310 -19.98 26.46 -20.84
CA LYS B 310 -19.70 27.89 -20.71
C LYS B 310 -20.38 28.70 -21.82
N LEU B 311 -20.54 28.12 -23.00
CA LEU B 311 -21.20 28.82 -24.09
C LEU B 311 -22.72 28.82 -23.98
N GLY B 312 -23.29 28.04 -23.07
CA GLY B 312 -24.72 27.95 -22.92
C GLY B 312 -25.40 26.96 -23.85
N GLU B 313 -24.64 26.18 -24.61
CA GLU B 313 -25.25 25.17 -25.48
C GLU B 313 -25.99 24.12 -24.67
N VAL B 314 -25.42 23.72 -23.53
CA VAL B 314 -26.02 22.71 -22.66
C VAL B 314 -26.34 23.38 -21.33
N GLU B 315 -27.55 23.15 -20.83
CA GLU B 315 -27.97 23.75 -19.57
C GLU B 315 -27.10 23.22 -18.43
N PRO B 316 -26.83 24.05 -17.42
CA PRO B 316 -25.98 23.61 -16.31
C PRO B 316 -26.63 22.47 -15.54
N TYR B 317 -25.79 21.61 -14.96
CA TYR B 317 -26.27 20.45 -14.23
C TYR B 317 -27.08 20.87 -13.01
N LYS B 318 -28.24 20.26 -12.83
CA LYS B 318 -29.08 20.48 -11.67
C LYS B 318 -29.50 19.14 -11.11
N GLY B 319 -29.26 18.93 -9.81
CA GLY B 319 -29.59 17.69 -9.16
C GLY B 319 -28.77 17.46 -7.91
N PRO B 320 -28.71 16.21 -7.47
CA PRO B 320 -27.95 15.89 -6.25
C PRO B 320 -26.46 16.12 -6.44
N LYS B 321 -25.82 16.51 -5.34
CA LYS B 321 -24.37 16.75 -5.33
C LYS B 321 -23.80 16.33 -3.98
N THR B 322 -22.62 15.72 -4.01
CA THR B 322 -21.91 15.38 -2.79
C THR B 322 -21.37 16.65 -2.13
N PRO B 323 -21.03 16.59 -0.84
CA PRO B 323 -20.48 17.79 -0.18
C PRO B 323 -19.25 18.36 -0.86
N ASP B 324 -18.43 17.51 -1.49
CA ASP B 324 -17.30 18.01 -2.26
C ASP B 324 -17.75 18.84 -3.46
N GLY B 325 -18.92 18.54 -4.02
CA GLY B 325 -19.42 19.23 -5.19
C GLY B 325 -19.54 18.36 -6.42
N ARG B 326 -19.03 17.14 -6.38
CA ARG B 326 -19.18 16.23 -7.51
C ARG B 326 -20.63 15.82 -7.67
N GLU B 327 -21.03 15.61 -8.92
CA GLU B 327 -22.37 15.11 -9.19
C GLU B 327 -22.49 13.66 -8.71
N VAL B 328 -23.65 13.33 -8.13
CA VAL B 328 -23.89 12.01 -7.58
C VAL B 328 -24.11 11.06 -8.77
N ASN B 329 -23.07 10.31 -9.13
CA ASN B 329 -23.10 9.41 -10.28
C ASN B 329 -22.54 8.06 -9.86
N PHE B 330 -23.42 7.14 -9.47
CA PHE B 330 -23.01 5.79 -9.14
C PHE B 330 -22.59 5.08 -10.43
N TYR B 331 -21.29 4.79 -10.57
CA TYR B 331 -20.79 4.17 -11.79
C TYR B 331 -20.68 2.66 -11.68
N LYS B 332 -21.02 2.08 -10.53
CA LYS B 332 -20.97 0.63 -10.36
C LYS B 332 -21.72 0.25 -9.10
N ILE B 333 -22.56 -0.77 -9.21
CA ILE B 333 -23.30 -1.30 -8.06
C ILE B 333 -22.96 -2.78 -7.93
N ILE B 334 -22.56 -3.20 -6.73
CA ILE B 334 -22.28 -4.59 -6.44
C ILE B 334 -23.35 -5.08 -5.49
N ASP B 335 -24.20 -6.00 -5.97
CA ASP B 335 -25.28 -6.54 -5.17
C ASP B 335 -24.91 -7.94 -4.68
N TYR B 336 -25.01 -8.15 -3.37
CA TYR B 336 -24.80 -9.45 -2.75
C TYR B 336 -26.15 -9.99 -2.30
N ILE B 337 -26.51 -11.17 -2.81
CA ILE B 337 -27.78 -11.80 -2.50
C ILE B 337 -27.50 -12.91 -1.49
N LEU B 338 -28.15 -12.86 -0.33
CA LEU B 338 -27.94 -13.87 0.69
C LEU B 338 -29.22 -14.55 1.16
N HIS B 339 -30.39 -14.05 0.78
CA HIS B 339 -31.62 -14.71 1.18
C HIS B 339 -31.74 -16.09 0.57
N GLY B 340 -31.43 -16.22 -0.73
CA GLY B 340 -31.52 -17.48 -1.40
C GLY B 340 -30.63 -17.58 -2.62
N LYS B 341 -30.06 -18.78 -2.84
CA LYS B 341 -29.23 -19.12 -3.99
C LYS B 341 -27.87 -18.43 -3.93
N GLU B 342 -27.68 -17.53 -2.97
CA GLU B 342 -26.41 -16.85 -2.72
C GLU B 342 -25.82 -16.27 -4.01
N GLU B 343 -26.56 -15.35 -4.61
CA GLU B 343 -26.15 -14.71 -5.85
C GLU B 343 -25.31 -13.47 -5.57
N ILE B 344 -24.42 -13.17 -6.50
CA ILE B 344 -23.63 -11.93 -6.48
C ILE B 344 -23.60 -11.38 -7.89
N LYS B 345 -23.98 -10.11 -8.05
CA LYS B 345 -24.05 -9.50 -9.37
C LYS B 345 -23.38 -8.14 -9.36
N VAL B 346 -22.87 -7.75 -10.52
CA VAL B 346 -22.22 -6.46 -10.72
C VAL B 346 -22.94 -5.72 -11.84
N ILE B 347 -23.36 -4.50 -11.56
CA ILE B 347 -24.06 -3.66 -12.52
C ILE B 347 -23.18 -2.47 -12.84
N PRO B 348 -22.52 -2.44 -14.00
CA PRO B 348 -21.76 -1.26 -14.40
C PRO B 348 -22.67 -0.22 -15.04
N THR B 349 -22.49 1.03 -14.62
CA THR B 349 -23.35 2.15 -15.01
C THR B 349 -24.81 1.77 -14.76
N PRO B 350 -25.22 1.65 -13.50
CA PRO B 350 -26.58 1.21 -13.22
C PRO B 350 -27.60 2.26 -13.64
N PRO B 351 -28.79 1.85 -14.05
CA PRO B 351 -29.85 2.81 -14.35
C PRO B 351 -30.52 3.30 -13.06
N ALA B 352 -31.27 4.39 -13.20
CA ALA B 352 -32.04 4.91 -12.08
C ALA B 352 -33.16 3.96 -11.68
N ASP B 353 -33.48 2.97 -12.50
CA ASP B 353 -34.51 1.99 -12.19
C ASP B 353 -33.98 0.83 -11.34
N HIS B 354 -32.70 0.83 -11.00
CA HIS B 354 -32.14 -0.23 -10.17
C HIS B 354 -32.81 -0.25 -8.81
N TRP B 355 -33.10 -1.46 -8.32
CA TRP B 355 -33.90 -1.60 -7.10
C TRP B 355 -33.22 -0.97 -5.89
N THR B 356 -31.88 -0.92 -5.89
CA THR B 356 -31.18 -0.25 -4.80
C THR B 356 -31.39 1.25 -4.83
N LEU B 357 -31.39 1.84 -6.03
CA LEU B 357 -31.47 3.28 -6.20
C LEU B 357 -32.89 3.79 -6.41
N ILE B 358 -33.89 2.91 -6.44
CA ILE B 358 -35.27 3.36 -6.61
C ILE B 358 -35.68 4.26 -5.45
N SER B 359 -35.38 3.84 -4.22
CA SER B 359 -35.53 4.71 -3.08
C SER B 359 -34.43 5.76 -3.08
N GLY B 360 -34.70 6.87 -2.43
CA GLY B 360 -33.74 7.95 -2.39
C GLY B 360 -32.66 7.82 -1.35
N LEU B 361 -32.63 6.72 -0.59
CA LEU B 361 -31.69 6.61 0.51
C LEU B 361 -30.23 6.63 0.07
N PRO B 362 -29.79 5.84 -0.92
CA PRO B 362 -28.38 5.94 -1.33
C PRO B 362 -27.98 7.33 -1.81
N THR B 363 -28.86 7.97 -2.58
CA THR B 363 -28.57 9.34 -3.03
C THR B 363 -28.56 10.31 -1.86
N TYR B 364 -29.46 10.12 -0.90
CA TYR B 364 -29.48 10.97 0.28
C TYR B 364 -28.18 10.83 1.08
N VAL B 365 -27.70 9.60 1.23
CA VAL B 365 -26.44 9.38 1.94
C VAL B 365 -25.28 10.01 1.18
N ALA B 366 -25.27 9.86 -0.14
CA ALA B 366 -24.21 10.46 -0.94
C ALA B 366 -24.23 11.99 -0.82
N GLU B 367 -25.43 12.57 -0.76
CA GLU B 367 -25.53 14.03 -0.65
C GLU B 367 -25.11 14.53 0.72
N ASN B 368 -25.52 13.85 1.78
CA ASN B 368 -25.32 14.36 3.13
C ASN B 368 -24.22 13.67 3.91
N GLY B 369 -23.97 12.39 3.68
CA GLY B 369 -22.96 11.68 4.42
C GLY B 369 -23.39 11.18 5.78
N PHE B 370 -24.69 11.16 6.06
CA PHE B 370 -25.19 10.67 7.33
C PHE B 370 -25.18 9.15 7.36
N ILE B 371 -25.41 8.61 8.56
CA ILE B 371 -25.63 7.18 8.74
C ILE B 371 -27.12 6.99 8.95
N CYS B 372 -27.78 6.34 8.01
CA CYS B 372 -29.23 6.25 7.98
C CYS B 372 -29.68 4.88 8.46
N ASN B 373 -30.41 4.86 9.57
CA ASN B 373 -31.05 3.65 10.08
C ASN B 373 -32.55 3.84 9.97
N MET B 374 -33.22 2.90 9.30
CA MET B 374 -34.64 3.03 8.99
C MET B 374 -35.34 1.71 9.28
N MET B 375 -36.42 1.77 10.04
CA MET B 375 -37.26 0.62 10.29
C MET B 375 -38.62 0.86 9.65
N ASN B 376 -39.17 -0.19 9.04
CA ASN B 376 -40.39 -0.08 8.24
C ASN B 376 -40.23 1.00 7.18
N ALA B 377 -39.21 0.83 6.33
CA ALA B 377 -38.91 1.83 5.31
C ALA B 377 -40.04 2.08 4.32
N PRO B 378 -40.72 1.08 3.76
CA PRO B 378 -41.78 1.41 2.79
C PRO B 378 -42.90 2.27 3.36
N ALA B 379 -43.13 2.21 4.67
CA ALA B 379 -44.17 3.04 5.27
C ALA B 379 -43.79 4.51 5.29
N ASP B 380 -42.50 4.81 5.13
CA ASP B 380 -42.06 6.20 5.15
C ASP B 380 -42.48 6.93 3.87
N GLU B 381 -42.90 8.19 4.03
CA GLU B 381 -43.38 8.95 2.90
C GLU B 381 -42.25 9.57 2.09
N TYR B 382 -41.16 9.95 2.76
CA TYR B 382 -40.14 10.77 2.11
C TYR B 382 -39.35 10.00 1.06
N PHE B 383 -38.87 8.80 1.39
CA PHE B 383 -37.89 8.12 0.56
C PHE B 383 -38.51 7.22 -0.51
N THR B 384 -39.82 6.98 -0.47
CA THR B 384 -40.52 6.21 -1.49
C THR B 384 -39.87 4.85 -1.74
N PHE B 385 -39.81 4.02 -0.70
CA PHE B 385 -39.30 2.67 -0.87
C PHE B 385 -40.34 1.81 -1.59
N GLN B 386 -39.90 0.63 -2.02
CA GLN B 386 -40.77 -0.29 -2.75
C GLN B 386 -41.70 -0.98 -1.76
N LYS B 387 -42.97 -0.60 -1.77
CA LYS B 387 -43.95 -1.23 -0.89
C LYS B 387 -44.15 -2.70 -1.26
N GLY B 388 -44.21 -3.01 -2.55
CA GLY B 388 -44.40 -4.37 -3.00
C GLY B 388 -43.10 -5.13 -3.09
N PRO B 389 -43.14 -6.33 -3.67
CA PRO B 389 -41.92 -7.12 -3.83
C PRO B 389 -40.89 -6.38 -4.66
N VAL B 390 -39.62 -6.52 -4.26
CA VAL B 390 -38.54 -5.81 -4.93
C VAL B 390 -38.29 -6.39 -6.33
N ASP B 391 -38.31 -7.71 -6.45
CA ASP B 391 -38.02 -8.37 -7.72
C ASP B 391 -38.99 -9.52 -7.91
N GLU B 392 -38.68 -10.40 -8.86
CA GLU B 392 -39.58 -11.50 -9.20
C GLU B 392 -39.80 -12.46 -8.04
N THR B 393 -38.85 -12.59 -7.13
CA THR B 393 -39.01 -13.44 -5.96
C THR B 393 -39.72 -12.66 -4.85
N GLY B 394 -40.28 -13.41 -3.90
CA GLY B 394 -41.05 -12.82 -2.83
C GLY B 394 -40.19 -12.20 -1.74
N TRP B 395 -39.49 -11.11 -2.06
CA TRP B 395 -38.64 -10.42 -1.11
C TRP B 395 -39.09 -8.98 -0.99
N VAL B 396 -39.24 -8.51 0.25
CA VAL B 396 -39.67 -7.15 0.54
C VAL B 396 -38.65 -6.49 1.44
N ILE B 397 -38.61 -5.16 1.38
CA ILE B 397 -37.69 -4.38 2.19
C ILE B 397 -38.37 -4.02 3.50
N LYS B 398 -37.78 -4.43 4.61
CA LYS B 398 -38.31 -4.17 5.94
C LYS B 398 -37.51 -3.13 6.71
N ASN B 399 -36.20 -3.32 6.84
CA ASN B 399 -35.33 -2.39 7.54
C ASN B 399 -34.10 -2.12 6.68
N VAL B 400 -33.61 -0.89 6.72
CA VAL B 400 -32.48 -0.47 5.89
C VAL B 400 -31.44 0.22 6.77
N LEU B 401 -30.17 -0.04 6.47
CA LEU B 401 -29.06 0.65 7.14
C LEU B 401 -28.07 1.04 6.06
N SER B 402 -27.92 2.34 5.83
CA SER B 402 -27.06 2.86 4.77
C SER B 402 -25.99 3.75 5.39
N LEU B 403 -24.74 3.48 5.06
CA LEU B 403 -23.61 4.25 5.55
C LEU B 403 -22.69 4.61 4.40
N PRO B 404 -22.02 5.75 4.49
CA PRO B 404 -21.07 6.15 3.44
C PRO B 404 -19.65 5.72 3.75
N ILE B 405 -18.90 5.47 2.68
CA ILE B 405 -17.47 5.18 2.76
C ILE B 405 -16.73 6.49 2.47
N VAL B 406 -15.81 6.86 3.36
CA VAL B 406 -15.23 8.20 3.37
C VAL B 406 -13.73 8.10 3.16
N ASN B 407 -13.23 8.92 2.23
CA ASN B 407 -11.81 9.01 1.93
C ASN B 407 -11.06 9.73 3.05
N LYS B 408 -9.75 9.86 2.86
CA LYS B 408 -8.96 10.64 3.82
C LYS B 408 -9.35 12.10 3.79
N LYS B 409 -9.64 12.63 2.59
CA LYS B 409 -10.06 14.02 2.45
C LYS B 409 -11.53 14.23 2.79
N GLU B 410 -12.16 13.27 3.48
CA GLU B 410 -13.56 13.34 3.87
C GLU B 410 -14.48 13.35 2.66
N ASP B 411 -13.98 12.87 1.52
CA ASP B 411 -14.82 12.72 0.34
C ASP B 411 -15.60 11.41 0.41
N ILE B 412 -16.71 11.35 -0.30
CA ILE B 412 -17.59 10.19 -0.29
C ILE B 412 -17.24 9.32 -1.49
N VAL B 413 -16.65 8.15 -1.24
CA VAL B 413 -16.24 7.26 -2.32
C VAL B 413 -17.37 6.31 -2.68
N GLY B 414 -18.12 5.83 -1.70
CA GLY B 414 -19.20 4.91 -1.98
C GLY B 414 -20.23 4.95 -0.88
N VAL B 415 -21.35 4.29 -1.15
CA VAL B 415 -22.46 4.16 -0.21
C VAL B 415 -22.75 2.68 -0.04
N ALA B 416 -22.69 2.19 1.20
CA ALA B 416 -22.97 0.80 1.51
C ALA B 416 -24.35 0.72 2.16
N THR B 417 -25.24 -0.04 1.56
CA THR B 417 -26.63 -0.16 2.02
C THR B 417 -26.88 -1.57 2.47
N PHE B 418 -27.28 -1.73 3.74
CA PHE B 418 -27.56 -3.03 4.33
C PHE B 418 -29.05 -3.14 4.57
N TYR B 419 -29.69 -4.14 3.97
CA TYR B 419 -31.13 -4.30 4.04
C TYR B 419 -31.51 -5.23 5.21
N ASN B 420 -32.76 -5.69 5.22
CA ASN B 420 -33.37 -6.24 6.42
C ASN B 420 -32.52 -7.33 7.06
N ARG B 421 -32.50 -7.32 8.38
CA ARG B 421 -31.68 -8.23 9.17
C ARG B 421 -32.17 -9.67 9.01
N LYS B 422 -31.26 -10.62 9.30
CA LYS B 422 -31.63 -12.03 9.21
C LYS B 422 -32.80 -12.37 10.11
N ASP B 423 -32.71 -11.97 11.38
CA ASP B 423 -33.89 -12.00 12.23
C ASP B 423 -34.76 -10.79 11.95
N GLY B 424 -36.01 -10.87 12.36
CA GLY B 424 -36.97 -9.81 12.05
C GLY B 424 -36.72 -8.51 12.78
N LYS B 425 -35.85 -8.50 13.77
CA LYS B 425 -35.64 -7.30 14.57
C LYS B 425 -35.02 -6.19 13.73
N PRO B 426 -35.38 -4.93 13.98
CA PRO B 426 -34.74 -3.83 13.25
C PRO B 426 -33.28 -3.67 13.66
N PHE B 427 -32.58 -2.80 12.93
CA PHE B 427 -31.18 -2.56 13.19
C PHE B 427 -31.00 -1.79 14.49
N ASP B 428 -30.15 -2.31 15.37
CA ASP B 428 -29.86 -1.67 16.64
C ASP B 428 -28.65 -0.76 16.49
N GLU B 429 -28.15 -0.23 17.62
CA GLU B 429 -26.92 0.53 17.60
C GLU B 429 -25.70 -0.37 17.41
N HIS B 430 -25.82 -1.65 17.76
CA HIS B 430 -24.69 -2.58 17.61
C HIS B 430 -24.43 -2.89 16.15
N ASP B 431 -25.49 -3.08 15.36
CA ASP B 431 -25.30 -3.26 13.92
C ASP B 431 -24.71 -2.01 13.28
N GLU B 432 -25.14 -0.83 13.73
CA GLU B 432 -24.53 0.40 13.27
C GLU B 432 -23.05 0.44 13.62
N TYR B 433 -22.70 0.00 14.83
CA TYR B 433 -21.30 -0.05 15.23
C TYR B 433 -20.49 -0.95 14.30
N ILE B 434 -20.99 -2.16 14.04
CA ILE B 434 -20.26 -3.12 13.21
C ILE B 434 -20.09 -2.58 11.79
N THR B 435 -21.18 -2.10 11.20
CA THR B 435 -21.11 -1.62 9.82
C THR B 435 -20.25 -0.36 9.72
N GLU B 436 -20.29 0.51 10.73
CA GLU B 436 -19.44 1.69 10.72
C GLU B 436 -17.97 1.30 10.79
N THR B 437 -17.63 0.31 11.60
CA THR B 437 -16.24 -0.17 11.63
C THR B 437 -15.83 -0.72 10.27
N LEU B 438 -16.70 -1.50 9.64
CA LEU B 438 -16.38 -2.05 8.32
C LEU B 438 -16.17 -0.94 7.30
N THR B 439 -17.04 0.07 7.28
CA THR B 439 -16.91 1.15 6.31
C THR B 439 -15.68 1.99 6.58
N GLN B 440 -15.34 2.21 7.85
CA GLN B 440 -14.09 2.91 8.17
C GLN B 440 -12.89 2.13 7.68
N PHE B 441 -12.90 0.81 7.84
CA PHE B 441 -11.79 0.00 7.36
C PHE B 441 -11.65 0.10 5.84
N LEU B 442 -12.78 0.06 5.13
CA LEU B 442 -12.72 0.19 3.67
C LEU B 442 -12.20 1.57 3.26
N GLY B 443 -12.67 2.62 3.93
CA GLY B 443 -12.17 3.95 3.65
C GLY B 443 -10.69 4.09 3.93
N TRP B 444 -10.17 3.31 4.88
CA TRP B 444 -8.73 3.33 5.13
C TRP B 444 -7.97 2.57 4.04
N SER B 445 -8.49 1.41 3.61
CA SER B 445 -7.85 0.64 2.54
C SER B 445 -7.91 1.37 1.20
N LEU B 446 -8.72 2.42 1.10
CA LEU B 446 -8.63 3.29 -0.07
C LEU B 446 -7.21 3.80 -0.26
N LEU B 447 -6.43 3.92 0.82
CA LEU B 447 -5.03 4.29 0.67
C LEU B 447 -4.26 3.24 -0.13
N ASN B 448 -4.47 1.96 0.15
CA ASN B 448 -3.82 0.92 -0.61
C ASN B 448 -4.24 0.95 -2.07
N THR B 449 -5.53 1.22 -2.32
CA THR B 449 -5.97 1.35 -3.71
C THR B 449 -5.26 2.49 -4.43
N ASP B 450 -5.17 3.65 -3.78
CA ASP B 450 -4.47 4.79 -4.38
C ASP B 450 -3.00 4.48 -4.61
N THR B 451 -2.38 3.76 -3.68
CA THR B 451 -0.99 3.38 -3.83
C THR B 451 -0.81 2.44 -5.01
N TYR B 452 -1.75 1.53 -5.23
CA TYR B 452 -1.69 0.67 -6.41
C TYR B 452 -1.77 1.49 -7.69
N ASP B 453 -2.68 2.47 -7.73
CA ASP B 453 -2.77 3.32 -8.91
C ASP B 453 -1.46 4.08 -9.15
N LYS B 454 -0.87 4.61 -8.07
CA LYS B 454 0.41 5.31 -8.21
C LYS B 454 1.52 4.37 -8.66
N MET B 455 1.50 3.13 -8.18
CA MET B 455 2.43 2.11 -8.66
C MET B 455 2.33 1.95 -10.17
N ASN B 456 1.11 1.79 -10.67
CA ASN B 456 0.93 1.58 -12.10
C ASN B 456 1.42 2.79 -12.89
N LYS B 457 1.09 4.00 -12.43
CA LYS B 457 1.51 5.20 -13.15
C LYS B 457 3.04 5.34 -13.15
N LEU B 458 3.68 5.09 -12.00
CA LEU B 458 5.13 5.20 -11.93
C LEU B 458 5.80 4.16 -12.83
N GLU B 459 5.29 2.93 -12.83
CA GLU B 459 5.88 1.91 -13.67
C GLU B 459 5.75 2.27 -15.15
N ASN B 460 4.57 2.78 -15.55
CA ASN B 460 4.40 3.16 -16.95
C ASN B 460 5.32 4.31 -17.33
N ARG B 461 5.45 5.31 -16.45
CA ARG B 461 6.33 6.44 -16.76
C ARG B 461 7.78 6.00 -16.86
N LYS B 462 8.21 5.12 -15.96
CA LYS B 462 9.58 4.61 -16.02
C LYS B 462 9.81 3.83 -17.31
N ASP B 463 8.85 3.00 -17.72
CA ASP B 463 9.00 2.25 -18.96
C ASP B 463 9.11 3.19 -20.16
N ILE B 464 8.25 4.22 -20.20
CA ILE B 464 8.28 5.16 -21.31
C ILE B 464 9.61 5.90 -21.35
N ALA B 465 10.08 6.36 -20.20
CA ALA B 465 11.34 7.09 -20.15
C ALA B 465 12.50 6.20 -20.57
N GLN B 466 12.53 4.95 -20.11
CA GLN B 466 13.61 4.05 -20.49
C GLN B 466 13.59 3.74 -21.98
N GLU B 467 12.40 3.54 -22.56
CA GLU B 467 12.33 3.27 -23.99
C GLU B 467 12.79 4.48 -24.80
N MET B 468 12.37 5.68 -24.41
CA MET B 468 12.80 6.87 -25.14
C MET B 468 14.31 7.10 -25.01
N LEU B 469 14.86 6.84 -23.82
CA LEU B 469 16.30 6.95 -23.63
C LEU B 469 17.04 5.95 -24.49
N MET B 470 16.54 4.71 -24.57
CA MET B 470 17.18 3.71 -25.42
C MET B 470 17.12 4.10 -26.88
N ASN B 471 16.00 4.69 -27.31
CA ASN B 471 15.92 5.17 -28.70
C ASN B 471 16.93 6.27 -28.95
N GLN B 472 17.07 7.20 -28.01
CA GLN B 472 18.04 8.28 -28.19
C GLN B 472 19.48 7.76 -28.22
N THR B 473 19.81 6.83 -27.32
CA THR B 473 21.19 6.37 -27.18
C THR B 473 21.60 5.42 -28.29
N LYS B 474 20.68 4.56 -28.74
CA LYS B 474 21.03 3.54 -29.72
C LYS B 474 21.52 4.18 -31.01
N ALA B 475 22.54 3.57 -31.60
CA ALA B 475 23.17 4.11 -32.80
C ALA B 475 22.20 4.07 -33.99
N THR B 476 22.15 5.18 -34.72
CA THR B 476 21.32 5.27 -35.90
C THR B 476 21.88 4.39 -37.01
N PRO B 477 21.04 3.96 -37.96
CA PRO B 477 21.56 3.16 -39.08
C PRO B 477 22.62 3.87 -39.89
N GLU B 478 22.56 5.20 -39.99
CA GLU B 478 23.61 5.93 -40.69
C GLU B 478 24.96 5.77 -40.00
N GLU B 479 24.97 5.83 -38.67
CA GLU B 479 26.22 5.67 -37.93
C GLU B 479 26.81 4.27 -38.13
N ILE B 480 25.95 3.25 -38.15
CA ILE B 480 26.43 1.90 -38.41
C ILE B 480 26.97 1.80 -39.83
N LYS B 481 26.27 2.38 -40.80
CA LYS B 481 26.74 2.34 -42.18
C LYS B 481 28.07 3.08 -42.34
N SER B 482 28.32 4.07 -41.48
CA SER B 482 29.59 4.77 -41.51
C SER B 482 30.77 3.85 -41.18
N ILE B 483 30.52 2.73 -40.52
CA ILE B 483 31.57 1.76 -40.19
C ILE B 483 31.46 0.52 -41.07
N LEU B 484 30.28 -0.10 -41.10
CA LEU B 484 30.04 -1.28 -41.93
C LEU B 484 29.53 -0.82 -43.29
N LYS B 485 30.48 -0.45 -44.15
CA LYS B 485 30.17 0.13 -45.45
C LYS B 485 29.76 -0.98 -46.42
N PHE B 486 28.56 -1.52 -46.18
CA PHE B 486 28.02 -2.55 -47.07
C PHE B 486 27.48 -1.97 -48.36
N GLN B 487 27.03 -0.70 -48.33
CA GLN B 487 26.46 -0.10 -49.53
C GLN B 487 27.54 0.21 -50.56
N GLU B 488 28.66 0.78 -50.12
CA GLU B 488 29.70 1.24 -51.02
C GLU B 488 30.67 0.14 -51.43
N LYS B 489 30.55 -1.05 -50.87
CA LYS B 489 31.48 -2.13 -51.17
C LYS B 489 30.80 -3.42 -51.63
N LEU B 490 29.59 -3.72 -51.17
CA LEU B 490 28.88 -4.91 -51.58
C LEU B 490 27.83 -4.66 -52.65
N ASN B 491 27.52 -3.40 -52.94
CA ASN B 491 26.52 -3.03 -53.95
C ASN B 491 25.17 -3.68 -53.66
N VAL B 492 24.66 -3.39 -52.45
CA VAL B 492 23.41 -3.96 -51.97
C VAL B 492 22.55 -2.81 -51.47
N ASP B 493 21.23 -3.02 -51.47
CA ASP B 493 20.30 -2.01 -51.01
C ASP B 493 20.44 -1.81 -49.49
N VAL B 494 19.62 -0.91 -48.95
CA VAL B 494 19.67 -0.62 -47.53
C VAL B 494 19.32 -1.86 -46.72
N ILE B 495 18.30 -2.62 -47.15
CA ILE B 495 17.93 -3.85 -46.46
C ILE B 495 19.09 -4.83 -46.53
N ASP B 496 19.41 -5.43 -45.40
CA ASP B 496 20.57 -6.32 -45.27
C ASP B 496 20.13 -7.76 -45.44
N ASP B 497 20.57 -8.39 -46.53
CA ASP B 497 20.35 -9.82 -46.76
C ASP B 497 21.67 -10.54 -47.03
N CYS B 498 22.80 -9.95 -46.66
CA CYS B 498 24.10 -10.51 -46.95
C CYS B 498 24.45 -11.61 -45.94
N GLU B 499 25.35 -12.49 -46.36
CA GLU B 499 25.81 -13.56 -45.49
C GLU B 499 26.67 -12.98 -44.37
N GLU B 500 26.61 -13.64 -43.20
CA GLU B 500 27.40 -13.19 -42.06
C GLU B 500 28.89 -13.31 -42.32
N LYS B 501 29.30 -14.41 -42.98
CA LYS B 501 30.72 -14.59 -43.29
C LYS B 501 31.22 -13.50 -44.23
N GLN B 502 30.41 -13.12 -45.22
CA GLN B 502 30.79 -12.04 -46.13
C GLN B 502 30.91 -10.72 -45.37
N LEU B 503 30.00 -10.48 -44.42
CA LEU B 503 30.09 -9.27 -43.61
C LEU B 503 31.37 -9.25 -42.77
N VAL B 504 31.72 -10.39 -42.17
CA VAL B 504 32.96 -10.48 -41.41
C VAL B 504 34.15 -10.17 -42.31
N ALA B 505 34.16 -10.78 -43.51
CA ALA B 505 35.29 -10.60 -44.42
C ALA B 505 35.43 -9.15 -44.85
N ILE B 506 34.31 -8.48 -45.17
CA ILE B 506 34.41 -7.12 -45.65
C ILE B 506 34.76 -6.17 -44.51
N LEU B 507 34.25 -6.43 -43.31
CA LEU B 507 34.58 -5.55 -42.19
C LEU B 507 36.03 -5.68 -41.78
N LYS B 508 36.60 -6.89 -41.87
CA LYS B 508 37.98 -7.07 -41.47
C LYS B 508 38.95 -6.29 -42.36
N GLU B 509 38.52 -5.86 -43.54
CA GLU B 509 39.36 -5.07 -44.43
C GLU B 509 39.22 -3.57 -44.19
N ASP B 510 38.26 -3.14 -43.38
CA ASP B 510 38.01 -1.72 -43.13
C ASP B 510 38.31 -1.32 -41.69
N LEU B 511 39.09 -2.12 -40.97
CA LEU B 511 39.44 -1.84 -39.59
C LEU B 511 40.94 -1.60 -39.47
N PRO B 512 41.37 -0.82 -38.47
CA PRO B 512 42.81 -0.56 -38.31
C PRO B 512 43.59 -1.84 -38.08
N ASP B 513 44.82 -1.85 -38.60
CA ASP B 513 45.67 -3.02 -38.45
C ASP B 513 46.05 -3.21 -36.98
N PRO B 514 45.81 -4.39 -36.40
CA PRO B 514 46.15 -4.59 -34.98
C PRO B 514 47.63 -4.42 -34.68
N ARG B 515 48.51 -4.85 -35.59
CA ARG B 515 49.94 -4.71 -35.34
C ARG B 515 50.37 -3.25 -35.42
N SER B 516 49.83 -2.51 -36.38
CA SER B 516 50.04 -1.07 -36.41
C SER B 516 49.23 -0.39 -35.32
N ALA B 517 49.49 0.89 -35.11
CA ALA B 517 48.83 1.70 -34.08
C ALA B 517 49.07 1.14 -32.67
N GLU B 518 50.08 0.27 -32.54
CA GLU B 518 50.50 -0.33 -31.27
C GLU B 518 49.32 -0.70 -30.38
N LEU B 519 48.36 -1.43 -30.96
CA LEU B 519 47.22 -1.90 -30.19
C LEU B 519 47.61 -2.97 -29.18
N TYR B 520 48.71 -3.68 -29.40
CA TYR B 520 49.15 -4.76 -28.52
C TYR B 520 50.14 -4.29 -27.47
N GLU B 521 50.54 -3.03 -27.48
CA GLU B 521 51.61 -2.54 -26.62
C GLU B 521 51.04 -1.68 -25.49
N PHE B 522 51.75 -1.69 -24.36
CA PHE B 522 51.35 -0.88 -23.22
C PHE B 522 51.54 0.61 -23.43
N ARG B 523 52.24 1.01 -24.50
CA ARG B 523 52.50 2.42 -24.78
C ARG B 523 51.41 3.06 -25.63
N PHE B 524 50.32 2.34 -25.89
CA PHE B 524 49.28 2.86 -26.78
C PHE B 524 48.73 4.18 -26.25
N SER B 525 48.61 5.16 -27.15
CA SER B 525 48.08 6.48 -26.82
C SER B 525 46.92 6.78 -27.76
N ASP B 526 45.79 7.18 -27.20
CA ASP B 526 44.59 7.47 -27.97
C ASP B 526 44.53 8.91 -28.46
N PHE B 527 45.51 9.74 -28.12
CA PHE B 527 45.47 11.14 -28.53
C PHE B 527 45.48 11.34 -30.04
N PRO B 528 46.34 10.67 -30.83
CA PRO B 528 46.30 10.86 -32.28
C PRO B 528 45.16 10.15 -32.99
N LEU B 529 44.19 9.62 -32.27
CA LEU B 529 43.08 8.88 -32.86
C LEU B 529 41.77 9.59 -32.57
N THR B 530 40.91 9.65 -33.59
CA THR B 530 39.57 10.19 -33.41
C THR B 530 38.65 9.12 -32.81
N GLU B 531 37.50 9.58 -32.30
CA GLU B 531 36.59 8.68 -31.60
C GLU B 531 36.03 7.61 -32.53
N HIS B 532 35.76 7.96 -33.78
CA HIS B 532 35.34 6.96 -34.76
C HIS B 532 36.45 5.92 -34.95
N GLY B 533 37.70 6.38 -35.02
CA GLY B 533 38.81 5.45 -35.04
C GLY B 533 38.88 4.60 -33.79
N LEU B 534 38.49 5.14 -32.64
CA LEU B 534 38.46 4.35 -31.42
C LEU B 534 37.39 3.26 -31.49
N ILE B 535 36.23 3.57 -32.07
CA ILE B 535 35.21 2.53 -32.26
C ILE B 535 35.74 1.44 -33.17
N LYS B 536 36.37 1.84 -34.28
CA LYS B 536 36.92 0.85 -35.20
C LYS B 536 37.97 -0.02 -34.52
N CYS B 537 38.84 0.60 -33.72
CA CYS B 537 39.87 -0.15 -33.00
C CYS B 537 39.25 -1.09 -31.97
N GLY B 538 38.17 -0.67 -31.32
CA GLY B 538 37.50 -1.57 -30.38
C GLY B 538 36.90 -2.78 -31.06
N ILE B 539 36.26 -2.58 -32.21
CA ILE B 539 35.74 -3.71 -32.96
C ILE B 539 36.88 -4.62 -33.42
N ARG B 540 38.00 -4.02 -33.81
CA ARG B 540 39.17 -4.83 -34.19
C ARG B 540 39.68 -5.63 -33.01
N LEU B 541 39.69 -5.03 -31.82
CA LEU B 541 40.11 -5.76 -30.62
C LEU B 541 39.19 -6.94 -30.34
N PHE B 542 37.88 -6.74 -30.52
CA PHE B 542 36.95 -7.86 -30.37
C PHE B 542 37.24 -8.95 -31.40
N PHE B 543 37.60 -8.57 -32.62
CA PHE B 543 37.92 -9.56 -33.64
C PHE B 543 39.21 -10.32 -33.33
N GLU B 544 40.19 -9.65 -32.73
CA GLU B 544 41.52 -10.23 -32.58
C GLU B 544 41.54 -11.43 -31.63
N ILE B 545 40.59 -11.52 -30.69
CA ILE B 545 40.58 -12.62 -29.73
C ILE B 545 39.78 -13.81 -30.22
N ASN B 546 39.29 -13.77 -31.47
CA ASN B 546 38.61 -14.91 -32.10
C ASN B 546 37.37 -15.32 -31.30
N VAL B 547 36.44 -14.39 -31.15
CA VAL B 547 35.17 -14.67 -30.50
C VAL B 547 33.97 -14.34 -31.37
N VAL B 548 34.12 -13.49 -32.38
CA VAL B 548 32.99 -13.19 -33.26
C VAL B 548 32.59 -14.44 -34.04
N GLU B 549 33.57 -15.15 -34.59
CA GLU B 549 33.27 -16.38 -35.33
C GLU B 549 32.96 -17.55 -34.39
N LYS B 550 33.65 -17.62 -33.25
CA LYS B 550 33.46 -18.75 -32.34
C LYS B 550 32.05 -18.75 -31.74
N PHE B 551 31.56 -17.59 -31.33
CA PHE B 551 30.25 -17.48 -30.71
C PHE B 551 29.18 -16.97 -31.67
N LYS B 552 29.52 -16.78 -32.94
CA LYS B 552 28.56 -16.43 -33.99
C LYS B 552 27.79 -15.17 -33.64
N VAL B 553 28.47 -14.17 -33.08
CA VAL B 553 27.83 -12.89 -32.79
C VAL B 553 27.65 -12.14 -34.10
N PRO B 554 26.52 -11.48 -34.32
CA PRO B 554 26.33 -10.75 -35.57
C PRO B 554 27.26 -9.56 -35.68
N VAL B 555 27.67 -9.26 -36.91
CA VAL B 555 28.57 -8.13 -37.16
C VAL B 555 27.84 -6.81 -36.93
N GLU B 556 26.63 -6.69 -37.47
CA GLU B 556 25.86 -5.46 -37.29
C GLU B 556 25.51 -5.26 -35.82
N VAL B 557 25.20 -6.33 -35.11
CA VAL B 557 24.92 -6.22 -33.67
C VAL B 557 26.16 -5.75 -32.93
N LEU B 558 27.32 -6.29 -33.26
CA LEU B 558 28.56 -5.87 -32.60
C LEU B 558 28.87 -4.40 -32.87
N THR B 559 28.72 -3.96 -34.12
CA THR B 559 29.00 -2.56 -34.44
C THR B 559 28.01 -1.64 -33.75
N ARG B 560 26.73 -2.00 -33.75
CA ARG B 560 25.72 -1.19 -33.06
C ARG B 560 26.00 -1.14 -31.57
N TRP B 561 26.42 -2.25 -30.97
CA TRP B 561 26.73 -2.26 -29.56
C TRP B 561 27.93 -1.36 -29.24
N MET B 562 28.96 -1.41 -30.08
CA MET B 562 30.12 -0.54 -29.87
C MET B 562 29.72 0.93 -29.97
N TYR B 563 28.94 1.29 -30.99
CA TYR B 563 28.56 2.68 -31.15
C TYR B 563 27.64 3.14 -30.02
N THR B 564 26.73 2.27 -29.58
CA THR B 564 25.85 2.60 -28.46
C THR B 564 26.65 2.78 -27.17
N VAL B 565 27.66 1.93 -26.96
CA VAL B 565 28.51 2.09 -25.79
C VAL B 565 29.25 3.42 -25.83
N ARG B 566 29.75 3.80 -27.00
CA ARG B 566 30.38 5.12 -27.12
C ARG B 566 29.39 6.22 -26.78
N LYS B 567 28.20 6.19 -27.37
CA LYS B 567 27.22 7.24 -27.13
C LYS B 567 26.71 7.25 -25.70
N GLY B 568 26.85 6.13 -24.98
CA GLY B 568 26.47 6.12 -23.57
C GLY B 568 27.40 6.96 -22.71
N TYR B 569 28.70 6.93 -23.01
CA TYR B 569 29.66 7.76 -22.30
C TYR B 569 29.34 9.23 -22.52
N ARG B 570 29.34 10.00 -21.44
CA ARG B 570 28.98 11.42 -21.52
C ARG B 570 30.16 12.21 -22.07
N ALA B 571 30.04 13.54 -22.04
CA ALA B 571 31.07 14.43 -22.54
C ALA B 571 31.88 15.06 -21.41
N VAL B 572 32.09 14.34 -20.32
CA VAL B 572 32.86 14.84 -19.19
C VAL B 572 34.32 14.94 -19.57
N THR B 573 35.11 15.61 -18.74
CA THR B 573 36.51 15.88 -19.09
C THR B 573 37.34 14.61 -19.19
N TYR B 574 37.17 13.69 -18.23
CA TYR B 574 38.02 12.51 -18.16
C TYR B 574 37.27 11.21 -18.34
N HIS B 575 36.13 11.04 -17.68
CA HIS B 575 35.41 9.77 -17.76
C HIS B 575 34.56 9.71 -19.02
N ASN B 576 35.15 9.96 -20.18
CA ASN B 576 34.46 9.94 -21.46
C ASN B 576 34.84 8.67 -22.21
N TRP B 577 34.40 8.58 -23.47
CA TRP B 577 34.61 7.38 -24.27
C TRP B 577 36.08 7.04 -24.42
N ARG B 578 36.96 8.05 -24.39
CA ARG B 578 38.39 7.79 -24.52
C ARG B 578 38.89 6.95 -23.35
N HIS B 579 38.45 7.26 -22.13
CA HIS B 579 38.85 6.48 -20.97
C HIS B 579 38.33 5.04 -21.06
N GLY B 580 37.09 4.87 -21.50
CA GLY B 580 36.56 3.52 -21.67
C GLY B 580 37.33 2.71 -22.66
N PHE B 581 37.68 3.32 -23.81
CA PHE B 581 38.46 2.60 -24.79
C PHE B 581 39.88 2.32 -24.28
N ASN B 582 40.44 3.25 -23.51
CA ASN B 582 41.77 3.00 -22.95
C ASN B 582 41.74 1.81 -22.00
N VAL B 583 40.71 1.72 -21.17
CA VAL B 583 40.59 0.58 -20.27
C VAL B 583 40.40 -0.71 -21.05
N GLY B 584 39.57 -0.68 -22.09
CA GLY B 584 39.38 -1.86 -22.91
C GLY B 584 40.67 -2.31 -23.58
N GLN B 585 41.43 -1.36 -24.12
CA GLN B 585 42.69 -1.69 -24.78
C GLN B 585 43.70 -2.22 -23.77
N THR B 586 43.72 -1.66 -22.56
CA THR B 586 44.62 -2.18 -21.53
C THR B 586 44.24 -3.61 -21.16
N MET B 587 42.95 -3.90 -21.07
CA MET B 587 42.53 -5.28 -20.79
C MET B 587 42.93 -6.22 -21.92
N PHE B 588 42.78 -5.77 -23.17
CA PHE B 588 43.21 -6.59 -24.30
C PHE B 588 44.71 -6.84 -24.24
N THR B 589 45.49 -5.81 -23.91
CA THR B 589 46.94 -5.97 -23.79
C THR B 589 47.30 -6.96 -22.69
N LEU B 590 46.61 -6.85 -21.54
CA LEU B 590 46.88 -7.77 -20.44
C LEU B 590 46.55 -9.21 -20.83
N LEU B 591 45.44 -9.41 -21.55
CA LEU B 591 45.06 -10.75 -21.94
C LEU B 591 46.02 -11.33 -22.98
N MET B 592 46.43 -10.53 -23.97
CA MET B 592 47.24 -11.03 -25.06
C MET B 592 48.74 -10.89 -24.78
N THR B 593 49.21 -9.65 -24.57
CA THR B 593 50.63 -9.43 -24.33
C THR B 593 51.06 -9.91 -22.95
N GLY B 594 50.19 -9.76 -21.95
CA GLY B 594 50.51 -10.18 -20.60
C GLY B 594 50.38 -11.66 -20.34
N ARG B 595 49.96 -12.44 -21.33
CA ARG B 595 49.83 -13.89 -21.24
C ARG B 595 48.85 -14.33 -20.17
N LEU B 596 47.93 -13.46 -19.77
CA LEU B 596 46.93 -13.83 -18.77
C LEU B 596 45.79 -14.64 -19.37
N LYS B 597 45.66 -14.64 -20.69
CA LYS B 597 44.60 -15.40 -21.35
C LYS B 597 44.68 -16.89 -21.03
N LYS B 598 45.86 -17.39 -20.66
CA LYS B 598 46.00 -18.80 -20.32
C LYS B 598 45.21 -19.17 -19.08
N TYR B 599 44.79 -18.20 -18.27
CA TYR B 599 43.99 -18.50 -17.10
C TYR B 599 42.50 -18.47 -17.35
N TYR B 600 42.06 -18.02 -18.52
CA TYR B 600 40.64 -17.82 -18.79
C TYR B 600 40.26 -18.42 -20.13
N THR B 601 38.99 -18.82 -20.24
CA THR B 601 38.47 -19.35 -21.48
C THR B 601 38.12 -18.22 -22.45
N ASP B 602 37.77 -18.61 -23.68
CA ASP B 602 37.43 -17.61 -24.68
C ASP B 602 36.19 -16.82 -24.30
N LEU B 603 35.17 -17.49 -23.77
CA LEU B 603 33.96 -16.79 -23.32
C LEU B 603 34.29 -15.83 -22.18
N GLU B 604 35.14 -16.26 -21.25
CA GLU B 604 35.51 -15.39 -20.15
C GLU B 604 36.24 -14.15 -20.66
N ALA B 605 37.15 -14.31 -21.61
CA ALA B 605 37.86 -13.17 -22.16
C ALA B 605 36.91 -12.23 -22.92
N PHE B 606 35.94 -12.80 -23.63
CA PHE B 606 34.87 -12.01 -24.23
C PHE B 606 34.20 -11.13 -23.17
N ALA B 607 33.84 -11.74 -22.04
CA ALA B 607 33.21 -10.99 -20.96
C ALA B 607 34.15 -9.91 -20.41
N MET B 608 35.44 -10.23 -20.27
CA MET B 608 36.40 -9.25 -19.76
C MET B 608 36.44 -8.03 -20.67
N LEU B 609 36.57 -8.25 -21.98
CA LEU B 609 36.64 -7.12 -22.90
C LEU B 609 35.36 -6.29 -22.88
N ALA B 610 34.20 -6.97 -22.89
CA ALA B 610 32.94 -6.23 -22.88
C ALA B 610 32.79 -5.39 -21.62
N ALA B 611 33.09 -5.99 -20.46
CA ALA B 611 32.95 -5.27 -19.20
C ALA B 611 33.97 -4.15 -19.07
N ALA B 612 35.18 -4.34 -19.61
CA ALA B 612 36.17 -3.27 -19.60
C ALA B 612 35.70 -2.11 -20.46
N PHE B 613 35.08 -2.39 -21.60
CA PHE B 613 34.57 -1.31 -22.43
C PHE B 613 33.37 -0.62 -21.78
N CYS B 614 32.58 -1.35 -20.98
CA CYS B 614 31.40 -0.79 -20.34
C CYS B 614 31.60 -0.49 -18.86
N HIS B 615 32.85 -0.36 -18.41
CA HIS B 615 33.09 -0.25 -16.97
C HIS B 615 32.72 1.12 -16.42
N ASP B 616 32.79 2.18 -17.22
CA ASP B 616 32.50 3.53 -16.77
C ASP B 616 31.41 4.18 -17.61
N ILE B 617 30.45 3.39 -18.09
CA ILE B 617 29.42 3.93 -18.97
C ILE B 617 28.52 4.89 -18.20
N ASP B 618 28.11 5.96 -18.88
CA ASP B 618 27.22 6.97 -18.30
C ASP B 618 27.76 7.53 -17.00
N HIS B 619 29.05 7.86 -17.00
CA HIS B 619 29.66 8.51 -15.85
C HIS B 619 29.41 10.00 -15.91
N ARG B 620 28.95 10.57 -14.79
CA ARG B 620 28.57 11.97 -14.75
C ARG B 620 29.71 12.89 -14.34
N GLY B 621 30.86 12.34 -13.95
CA GLY B 621 32.00 13.15 -13.57
C GLY B 621 32.15 13.39 -12.08
N THR B 622 31.31 12.79 -11.25
CA THR B 622 31.37 12.94 -9.81
C THR B 622 31.48 11.57 -9.15
N ASN B 623 32.36 11.46 -8.15
CA ASN B 623 32.64 10.18 -7.52
C ASN B 623 31.53 9.83 -6.54
N ASN B 624 31.71 8.72 -5.80
CA ASN B 624 30.67 8.22 -4.92
C ASN B 624 30.41 9.14 -3.75
N LEU B 625 31.43 9.83 -3.26
CA LEU B 625 31.25 10.71 -2.11
C LEU B 625 30.26 11.82 -2.40
N TYR B 626 30.35 12.43 -3.59
CA TYR B 626 29.39 13.46 -3.93
C TYR B 626 27.99 12.87 -4.12
N GLN B 627 27.91 11.64 -4.64
CA GLN B 627 26.62 11.00 -4.78
C GLN B 627 25.95 10.82 -3.42
N MET B 628 26.72 10.39 -2.41
CA MET B 628 26.16 10.22 -1.08
C MET B 628 25.83 11.56 -0.44
N LYS B 629 26.70 12.56 -0.60
CA LYS B 629 26.51 13.83 0.10
C LYS B 629 25.40 14.67 -0.53
N SER B 630 25.16 14.53 -1.83
CA SER B 630 24.14 15.31 -2.49
C SER B 630 22.78 14.62 -2.50
N THR B 631 22.67 13.44 -1.90
CA THR B 631 21.43 12.66 -1.85
C THR B 631 20.87 12.47 -3.27
N SER B 632 21.76 12.05 -4.17
CA SER B 632 21.36 11.81 -5.54
C SER B 632 20.46 10.59 -5.62
N PRO B 633 19.58 10.52 -6.63
CA PRO B 633 18.76 9.31 -6.79
C PRO B 633 19.57 8.03 -6.93
N LEU B 634 20.77 8.13 -7.48
CA LEU B 634 21.66 6.97 -7.54
C LEU B 634 22.00 6.47 -6.14
N ALA B 635 22.28 7.39 -5.22
CA ALA B 635 22.62 6.99 -3.85
C ALA B 635 21.41 6.41 -3.12
N ARG B 636 20.21 6.92 -3.43
CA ARG B 636 19.02 6.36 -2.78
C ARG B 636 18.65 5.00 -3.37
N LEU B 637 19.01 4.76 -4.62
CA LEU B 637 18.68 3.47 -5.24
C LEU B 637 19.72 2.40 -4.90
N HIS B 638 21.00 2.73 -4.99
CA HIS B 638 22.08 1.81 -4.68
C HIS B 638 22.79 2.25 -3.41
N GLY B 639 23.06 1.29 -2.52
CA GLY B 639 23.67 1.61 -1.25
C GLY B 639 25.18 1.71 -1.28
N SER B 640 25.85 0.64 -1.69
CA SER B 640 27.30 0.57 -1.72
C SER B 640 27.78 0.46 -3.16
N SER B 641 28.88 1.14 -3.47
CA SER B 641 29.42 1.20 -4.82
C SER B 641 28.36 1.71 -5.79
N ILE B 642 27.95 2.96 -5.56
CA ILE B 642 26.80 3.52 -6.27
C ILE B 642 27.07 3.60 -7.77
N LEU B 643 28.20 4.20 -8.14
CA LEU B 643 28.49 4.37 -9.56
C LEU B 643 28.75 3.04 -10.25
N GLU B 644 29.44 2.12 -9.56
CA GLU B 644 29.72 0.82 -10.16
C GLU B 644 28.43 0.05 -10.42
N ARG B 645 27.51 0.06 -9.46
CA ARG B 645 26.23 -0.62 -9.65
C ARG B 645 25.42 0.06 -10.74
N HIS B 646 25.49 1.40 -10.83
CA HIS B 646 24.79 2.09 -11.90
C HIS B 646 25.32 1.69 -13.27
N HIS B 647 26.65 1.63 -13.41
CA HIS B 647 27.25 1.22 -14.68
C HIS B 647 26.87 -0.21 -15.03
N LEU B 648 26.90 -1.10 -14.04
CA LEU B 648 26.51 -2.49 -14.30
C LEU B 648 25.07 -2.59 -14.74
N GLU B 649 24.16 -1.88 -14.06
CA GLU B 649 22.75 -1.93 -14.43
C GLU B 649 22.52 -1.37 -15.82
N TYR B 650 23.15 -0.24 -16.15
CA TYR B 650 22.98 0.35 -17.46
C TYR B 650 23.53 -0.55 -18.56
N SER B 651 24.69 -1.17 -18.33
CA SER B 651 25.26 -2.01 -19.37
C SER B 651 24.45 -3.29 -19.55
N LYS B 652 23.93 -3.85 -18.46
CA LYS B 652 23.03 -5.00 -18.61
C LYS B 652 21.73 -4.62 -19.32
N THR B 653 21.23 -3.41 -19.08
CA THR B 653 20.07 -2.93 -19.81
C THR B 653 20.38 -2.84 -21.30
N LEU B 654 21.56 -2.33 -21.65
CA LEU B 654 21.97 -2.30 -23.05
C LEU B 654 22.03 -3.70 -23.64
N LEU B 655 22.61 -4.65 -22.89
CA LEU B 655 22.71 -6.02 -23.37
C LEU B 655 21.37 -6.72 -23.46
N GLN B 656 20.35 -6.21 -22.76
CA GLN B 656 19.05 -6.86 -22.78
C GLN B 656 18.37 -6.73 -24.14
N ASP B 657 18.57 -5.59 -24.82
CA ASP B 657 17.91 -5.37 -26.10
C ASP B 657 18.45 -6.33 -27.15
N GLU B 658 17.53 -6.88 -27.96
CA GLU B 658 17.93 -7.87 -28.96
C GLU B 658 18.77 -7.25 -30.06
N SER B 659 18.63 -5.95 -30.30
CA SER B 659 19.42 -5.28 -31.33
C SER B 659 20.81 -4.90 -30.84
N LEU B 660 21.07 -5.00 -29.54
CA LEU B 660 22.38 -4.70 -28.97
C LEU B 660 22.99 -5.87 -28.22
N ASN B 661 22.29 -7.00 -28.13
CA ASN B 661 22.76 -8.14 -27.35
C ASN B 661 23.92 -8.80 -28.07
N ILE B 662 25.14 -8.44 -27.66
CA ILE B 662 26.32 -9.05 -28.26
C ILE B 662 26.43 -10.53 -27.90
N PHE B 663 25.81 -10.96 -26.81
CA PHE B 663 25.81 -12.36 -26.38
C PHE B 663 24.53 -13.07 -26.82
N GLN B 664 24.01 -12.70 -27.99
CA GLN B 664 22.71 -13.19 -28.42
C GLN B 664 22.74 -14.68 -28.74
N ASN B 665 23.82 -15.15 -29.36
CA ASN B 665 23.82 -16.48 -29.97
C ASN B 665 24.49 -17.55 -29.10
N LEU B 666 24.78 -17.25 -27.84
CA LEU B 666 25.39 -18.24 -26.97
C LEU B 666 24.36 -18.83 -26.01
N ASN B 667 24.75 -19.93 -25.35
CA ASN B 667 23.84 -20.75 -24.57
C ASN B 667 23.37 -20.01 -23.32
N LYS B 668 22.32 -20.56 -22.70
CA LYS B 668 21.74 -19.96 -21.50
C LYS B 668 22.72 -19.99 -20.33
N ARG B 669 23.36 -21.14 -20.10
CA ARG B 669 24.34 -21.23 -19.02
C ARG B 669 25.52 -20.32 -19.29
N GLN B 670 25.97 -20.27 -20.55
CA GLN B 670 27.03 -19.34 -20.92
C GLN B 670 26.60 -17.89 -20.70
N PHE B 671 25.34 -17.57 -20.96
CA PHE B 671 24.86 -16.21 -20.72
C PHE B 671 24.85 -15.87 -19.24
N GLU B 672 24.44 -16.82 -18.40
CA GLU B 672 24.48 -16.58 -16.95
C GLU B 672 25.90 -16.39 -16.48
N THR B 673 26.83 -17.20 -17.00
CA THR B 673 28.24 -17.03 -16.65
C THR B 673 28.75 -15.66 -17.09
N VAL B 674 28.36 -15.22 -18.28
CA VAL B 674 28.80 -13.92 -18.78
C VAL B 674 28.24 -12.81 -17.90
N ILE B 675 26.99 -12.93 -17.47
CA ILE B 675 26.40 -11.90 -16.61
C ILE B 675 27.11 -11.84 -15.27
N HIS B 676 27.42 -13.01 -14.68
CA HIS B 676 28.15 -13.00 -13.42
C HIS B 676 29.54 -12.40 -13.57
N LEU B 677 30.23 -12.76 -14.66
CA LEU B 677 31.54 -12.17 -14.93
C LEU B 677 31.44 -10.67 -15.10
N PHE B 678 30.38 -10.22 -15.78
CA PHE B 678 30.16 -8.80 -16.02
C PHE B 678 29.99 -8.06 -14.69
N GLU B 679 29.17 -8.62 -13.81
CA GLU B 679 28.96 -8.05 -12.49
C GLU B 679 30.27 -7.95 -11.72
N VAL B 680 31.04 -9.05 -11.71
CA VAL B 680 32.30 -9.05 -10.96
C VAL B 680 33.23 -7.98 -11.50
N ALA B 681 33.38 -7.92 -12.81
CA ALA B 681 34.32 -6.98 -13.41
C ALA B 681 33.92 -5.53 -13.12
N ILE B 682 32.65 -5.20 -13.29
CA ILE B 682 32.26 -3.80 -13.12
C ILE B 682 32.30 -3.40 -11.64
N ILE B 683 31.86 -4.29 -10.75
CA ILE B 683 31.91 -3.94 -9.33
C ILE B 683 33.35 -3.84 -8.84
N ALA B 684 34.28 -4.61 -9.42
CA ALA B 684 35.66 -4.56 -8.99
C ALA B 684 36.33 -3.23 -9.27
N THR B 685 35.78 -2.41 -10.18
CA THR B 685 36.41 -1.13 -10.49
C THR B 685 36.36 -0.16 -9.32
N ASP B 686 35.48 -0.38 -8.35
CA ASP B 686 35.47 0.43 -7.14
C ASP B 686 36.76 0.21 -6.38
N LEU B 687 37.47 1.30 -6.07
CA LEU B 687 38.80 1.16 -5.47
C LEU B 687 38.74 0.69 -4.03
N ALA B 688 37.62 0.88 -3.33
CA ALA B 688 37.51 0.36 -1.97
C ALA B 688 37.56 -1.17 -1.96
N LEU B 689 36.88 -1.81 -2.90
CA LEU B 689 36.91 -3.26 -2.99
C LEU B 689 38.32 -3.75 -3.32
N TYR B 690 39.01 -3.06 -4.21
CA TYR B 690 40.40 -3.42 -4.51
C TYR B 690 41.28 -3.27 -3.27
N PHE B 691 41.07 -2.21 -2.50
CA PHE B 691 41.82 -2.02 -1.26
C PHE B 691 41.56 -3.16 -0.29
N LYS B 692 40.32 -3.64 -0.22
CA LYS B 692 40.00 -4.75 0.68
C LYS B 692 40.62 -6.07 0.20
N LYS B 693 40.68 -6.29 -1.11
CA LYS B 693 41.13 -7.57 -1.64
C LYS B 693 42.61 -7.59 -2.05
N ARG B 694 43.33 -6.50 -1.81
CA ARG B 694 44.77 -6.48 -2.07
C ARG B 694 45.48 -7.64 -1.40
N THR B 695 45.18 -7.89 -0.12
CA THR B 695 45.88 -8.94 0.62
C THR B 695 45.57 -10.32 0.05
N MET B 696 44.32 -10.55 -0.35
CA MET B 696 43.97 -11.83 -0.95
C MET B 696 44.71 -12.05 -2.25
N PHE B 697 44.80 -11.01 -3.09
CA PHE B 697 45.57 -11.15 -4.33
C PHE B 697 47.05 -11.38 -4.04
N GLN B 698 47.60 -10.71 -3.02
CA GLN B 698 48.99 -10.91 -2.67
C GLN B 698 49.24 -12.35 -2.22
N LYS B 699 48.32 -12.91 -1.44
CA LYS B 699 48.44 -14.31 -1.03
C LYS B 699 48.40 -15.25 -2.24
N ILE B 700 47.50 -14.97 -3.19
CA ILE B 700 47.44 -15.79 -4.40
C ILE B 700 48.75 -15.73 -5.17
N VAL B 701 49.30 -14.53 -5.32
CA VAL B 701 50.56 -14.37 -6.05
C VAL B 701 51.69 -15.10 -5.33
N ASP B 702 51.76 -14.98 -4.00
CA ASP B 702 52.80 -15.66 -3.25
C ASP B 702 52.68 -17.17 -3.39
N ALA B 703 51.45 -17.69 -3.36
CA ALA B 703 51.27 -19.13 -3.56
C ALA B 703 51.71 -19.56 -4.94
N CYS B 704 51.40 -18.77 -5.97
CA CYS B 704 51.78 -19.14 -7.32
C CYS B 704 53.28 -19.01 -7.56
N GLU B 705 53.96 -18.13 -6.82
CA GLU B 705 55.37 -17.89 -7.06
C GLU B 705 56.26 -19.07 -6.66
N GLN B 706 55.82 -19.90 -5.72
CA GLN B 706 56.65 -20.97 -5.20
C GLN B 706 56.72 -22.18 -6.13
N MET B 707 55.96 -22.18 -7.22
CA MET B 707 55.93 -23.30 -8.15
C MET B 707 56.91 -23.04 -9.30
N GLN B 708 57.75 -24.03 -9.59
CA GLN B 708 58.78 -23.89 -10.62
C GLN B 708 58.28 -24.21 -12.02
N THR B 709 57.06 -24.70 -12.16
CA THR B 709 56.50 -25.05 -13.45
C THR B 709 55.27 -24.19 -13.72
N GLU B 710 55.20 -23.61 -14.92
CA GLU B 710 54.05 -22.80 -15.29
C GLU B 710 52.77 -23.62 -15.36
N GLU B 711 52.87 -24.88 -15.80
CA GLU B 711 51.69 -25.73 -15.86
C GLU B 711 51.11 -25.96 -14.48
N GLU B 712 51.96 -26.14 -13.47
CA GLU B 712 51.47 -26.31 -12.11
C GLU B 712 50.74 -25.06 -11.62
N ALA B 713 51.27 -23.88 -11.93
CA ALA B 713 50.60 -22.64 -11.53
C ALA B 713 49.25 -22.49 -12.24
N ILE B 714 49.20 -22.83 -13.53
CA ILE B 714 47.94 -22.76 -14.27
C ILE B 714 46.92 -23.71 -13.67
N LYS B 715 47.35 -24.93 -13.33
CA LYS B 715 46.44 -25.88 -12.68
C LYS B 715 45.98 -25.36 -11.33
N TYR B 716 46.88 -24.73 -10.57
CA TYR B 716 46.52 -24.21 -9.27
C TYR B 716 45.47 -23.10 -9.37
N VAL B 717 45.64 -22.20 -10.34
CA VAL B 717 44.72 -21.08 -10.46
C VAL B 717 43.38 -21.51 -11.04
N THR B 718 43.42 -22.34 -12.10
CA THR B 718 42.21 -22.60 -12.86
C THR B 718 41.19 -23.43 -12.08
N VAL B 719 41.63 -24.34 -11.22
CA VAL B 719 40.70 -25.25 -10.55
C VAL B 719 39.81 -24.55 -9.54
N ASP B 720 40.17 -23.35 -9.09
CA ASP B 720 39.38 -22.62 -8.10
C ASP B 720 38.80 -21.36 -8.73
N PRO B 721 37.48 -21.29 -8.95
CA PRO B 721 36.91 -20.08 -9.56
C PRO B 721 37.11 -18.83 -8.74
N THR B 722 37.19 -18.95 -7.41
CA THR B 722 37.40 -17.76 -6.58
C THR B 722 38.75 -17.10 -6.88
N LYS B 723 39.79 -17.92 -7.08
CA LYS B 723 41.10 -17.36 -7.42
C LYS B 723 41.04 -16.62 -8.75
N LYS B 724 40.35 -17.19 -9.73
CA LYS B 724 40.19 -16.52 -11.02
C LYS B 724 39.45 -15.21 -10.86
N GLU B 725 38.41 -15.19 -10.02
CA GLU B 725 37.66 -13.95 -9.81
C GLU B 725 38.52 -12.89 -9.13
N ILE B 726 39.35 -13.28 -8.17
CA ILE B 726 40.22 -12.31 -7.50
C ILE B 726 41.24 -11.75 -8.48
N ILE B 727 41.87 -12.62 -9.28
CA ILE B 727 42.82 -12.15 -10.28
C ILE B 727 42.13 -11.24 -11.27
N MET B 728 40.88 -11.56 -11.63
CA MET B 728 40.11 -10.72 -12.54
C MET B 728 39.83 -9.35 -11.96
N ALA B 729 39.46 -9.29 -10.68
CA ALA B 729 39.22 -8.00 -10.04
C ALA B 729 40.49 -7.16 -10.04
N MET B 730 41.63 -7.77 -9.75
CA MET B 730 42.88 -7.02 -9.77
C MET B 730 43.24 -6.59 -11.18
N MET B 731 42.93 -7.41 -12.19
CA MET B 731 43.17 -7.01 -13.57
C MET B 731 42.31 -5.81 -13.95
N MET B 732 41.04 -5.80 -13.51
CA MET B 732 40.17 -4.65 -13.77
C MET B 732 40.70 -3.40 -13.09
N THR B 733 41.18 -3.52 -11.86
CA THR B 733 41.75 -2.36 -11.18
C THR B 733 43.00 -1.85 -11.91
N ALA B 734 43.86 -2.78 -12.36
CA ALA B 734 45.06 -2.37 -13.10
C ALA B 734 44.68 -1.68 -14.41
N CYS B 735 43.66 -2.19 -15.10
CA CYS B 735 43.21 -1.55 -16.34
C CYS B 735 42.69 -0.15 -16.06
N ASP B 736 41.93 0.01 -14.98
CA ASP B 736 41.38 1.32 -14.64
C ASP B 736 42.50 2.30 -14.31
N LEU B 737 43.54 1.86 -13.60
CA LEU B 737 44.62 2.74 -13.20
C LEU B 737 45.77 2.78 -14.20
N SER B 738 45.64 2.11 -15.35
CA SER B 738 46.72 2.03 -16.33
C SER B 738 47.16 3.37 -16.88
N ALA B 739 46.35 4.42 -16.74
CA ALA B 739 46.76 5.73 -17.22
C ALA B 739 48.06 6.21 -16.57
N ILE B 740 48.36 5.71 -15.37
CA ILE B 740 49.60 6.08 -14.68
C ILE B 740 50.82 5.51 -15.40
N THR B 741 50.70 4.31 -15.95
CA THR B 741 51.83 3.60 -16.54
C THR B 741 52.14 4.05 -17.96
N LYS B 742 51.39 4.99 -18.52
CA LYS B 742 51.63 5.47 -19.86
C LYS B 742 52.90 6.30 -19.90
N PRO B 743 53.50 6.51 -21.09
CA PRO B 743 54.65 7.41 -21.19
C PRO B 743 54.38 8.79 -20.62
N TRP B 744 55.43 9.59 -20.41
CA TRP B 744 55.31 10.77 -19.57
C TRP B 744 54.36 11.80 -20.16
N GLU B 745 54.41 12.03 -21.47
CA GLU B 745 53.52 13.02 -22.06
C GLU B 745 52.05 12.62 -21.90
N VAL B 746 51.74 11.36 -22.19
CA VAL B 746 50.37 10.88 -22.07
C VAL B 746 49.91 10.95 -20.62
N GLN B 747 50.79 10.55 -19.69
CA GLN B 747 50.42 10.59 -18.28
C GLN B 747 50.19 12.02 -17.82
N SER B 748 51.03 12.97 -18.26
CA SER B 748 50.85 14.35 -17.85
C SER B 748 49.52 14.90 -18.36
N GLN B 749 49.20 14.66 -19.63
CA GLN B 749 47.93 15.15 -20.16
C GLN B 749 46.74 14.50 -19.47
N VAL B 750 46.82 13.19 -19.22
CA VAL B 750 45.71 12.49 -18.58
C VAL B 750 45.54 12.96 -17.14
N ALA B 751 46.65 13.19 -16.43
CA ALA B 751 46.56 13.71 -15.08
C ALA B 751 45.97 15.10 -15.05
N LEU B 752 46.31 15.93 -16.04
CA LEU B 752 45.69 17.25 -16.14
C LEU B 752 44.19 17.14 -16.36
N MET B 753 43.77 16.19 -17.21
CA MET B 753 42.34 15.99 -17.44
C MET B 753 41.63 15.56 -16.15
N VAL B 754 42.23 14.61 -15.42
CA VAL B 754 41.63 14.13 -14.18
C VAL B 754 41.55 15.25 -13.15
N ALA B 755 42.63 16.04 -13.03
CA ALA B 755 42.63 17.18 -12.11
C ALA B 755 41.55 18.18 -12.50
N ASN B 756 41.40 18.48 -13.79
CA ASN B 756 40.37 19.41 -14.21
C ASN B 756 38.98 18.89 -13.92
N GLU B 757 38.76 17.57 -13.99
CA GLU B 757 37.48 17.02 -13.59
C GLU B 757 37.25 17.11 -12.09
N PHE B 758 38.27 16.80 -11.29
CA PHE B 758 38.13 16.85 -9.84
C PHE B 758 37.93 18.29 -9.36
N TRP B 759 38.61 19.24 -9.97
CA TRP B 759 38.40 20.64 -9.60
C TRP B 759 36.99 21.10 -9.93
N GLU B 760 36.45 20.66 -11.07
CA GLU B 760 35.07 20.99 -11.39
C GLU B 760 34.11 20.40 -10.37
N GLN B 761 34.34 19.15 -9.98
CA GLN B 761 33.50 18.54 -8.95
C GLN B 761 33.60 19.30 -7.63
N GLY B 762 34.81 19.71 -7.25
CA GLY B 762 34.97 20.46 -6.02
C GLY B 762 34.29 21.81 -6.05
N ASP B 763 34.41 22.52 -7.16
CA ASP B 763 33.73 23.81 -7.30
C ASP B 763 32.21 23.64 -7.23
N LEU B 764 31.68 22.61 -7.89
CA LEU B 764 30.25 22.37 -7.84
C LEU B 764 29.81 22.00 -6.43
N GLU B 765 30.63 21.22 -5.72
CA GLU B 765 30.33 20.89 -4.32
C GLU B 765 30.32 22.12 -3.45
N ARG B 766 31.28 23.03 -3.66
CA ARG B 766 31.28 24.28 -2.90
C ARG B 766 30.05 25.12 -3.20
N THR B 767 29.63 25.14 -4.47
CA THR B 767 28.49 25.97 -4.87
C THR B 767 27.18 25.43 -4.32
N VAL B 768 26.94 24.13 -4.46
CA VAL B 768 25.62 23.57 -4.17
C VAL B 768 25.53 22.83 -2.84
N LEU B 769 26.66 22.49 -2.22
CA LEU B 769 26.64 21.78 -0.94
C LEU B 769 27.20 22.59 0.22
N GLN B 770 27.78 23.76 -0.05
CA GLN B 770 28.31 24.64 0.99
C GLN B 770 29.32 23.92 1.88
N GLN B 771 30.19 23.13 1.26
CA GLN B 771 31.22 22.39 1.98
C GLN B 771 32.59 22.67 1.36
N GLN B 772 33.61 22.64 2.18
CA GLN B 772 34.97 22.84 1.71
C GLN B 772 35.50 21.55 1.10
N PRO B 773 35.95 21.57 -0.17
CA PRO B 773 36.47 20.34 -0.78
C PRO B 773 37.82 19.96 -0.18
N ILE B 774 38.16 18.69 -0.35
CA ILE B 774 39.45 18.16 0.11
C ILE B 774 40.55 18.80 -0.75
N PRO B 775 41.79 18.87 -0.26
CA PRO B 775 42.85 19.53 -1.04
C PRO B 775 43.06 18.93 -2.41
N MET B 776 42.81 17.63 -2.59
CA MET B 776 42.99 17.00 -3.89
C MET B 776 41.99 17.55 -4.90
N MET B 777 40.75 17.78 -4.48
CA MET B 777 39.70 18.28 -5.36
C MET B 777 39.54 19.79 -5.29
N ASP B 778 40.39 20.49 -4.52
CA ASP B 778 40.29 21.94 -4.38
C ASP B 778 41.07 22.63 -5.49
N ARG B 779 40.41 23.54 -6.19
CA ARG B 779 41.06 24.23 -7.30
C ARG B 779 42.20 25.12 -6.82
N ASN B 780 42.03 25.77 -5.66
CA ASN B 780 43.06 26.65 -5.14
C ASN B 780 44.36 25.91 -4.85
N LYS B 781 44.30 24.59 -4.71
CA LYS B 781 45.49 23.76 -4.54
C LYS B 781 45.99 23.20 -5.88
N ARG B 782 45.80 23.94 -6.97
CA ARG B 782 46.22 23.46 -8.28
C ARG B 782 47.71 23.14 -8.31
N ASP B 783 48.52 24.04 -7.76
CA ASP B 783 49.96 23.82 -7.73
C ASP B 783 50.37 22.65 -6.86
N GLU B 784 49.45 22.13 -6.03
CA GLU B 784 49.71 20.94 -5.24
C GLU B 784 49.46 19.66 -6.03
N LEU B 785 49.07 19.76 -7.30
CA LEU B 785 48.80 18.57 -8.11
C LEU B 785 49.96 17.58 -8.18
N PRO B 786 51.23 18.00 -8.38
CA PRO B 786 52.30 16.99 -8.48
C PRO B 786 52.45 16.13 -7.24
N LYS B 787 52.64 16.77 -6.08
CA LYS B 787 52.86 16.04 -4.84
C LYS B 787 51.76 15.00 -4.61
N LEU B 788 50.50 15.43 -4.74
CA LEU B 788 49.38 14.51 -4.58
C LEU B 788 49.54 13.30 -5.49
N GLN B 789 49.85 13.54 -6.77
CA GLN B 789 50.02 12.43 -7.70
C GLN B 789 51.10 11.48 -7.20
N VAL B 790 52.21 12.01 -6.68
CA VAL B 790 53.24 11.15 -6.12
C VAL B 790 52.65 10.24 -5.06
N GLY B 791 51.88 10.82 -4.13
CA GLY B 791 51.21 10.01 -3.14
C GLY B 791 50.31 8.98 -3.77
N PHE B 792 49.55 9.37 -4.79
CA PHE B 792 48.67 8.43 -5.46
C PHE B 792 49.45 7.28 -6.07
N ILE B 793 50.68 7.54 -6.52
CA ILE B 793 51.51 6.46 -7.03
C ILE B 793 52.02 5.59 -5.90
N ASP B 794 52.35 6.20 -4.75
CA ASP B 794 52.94 5.45 -3.64
C ASP B 794 51.90 4.74 -2.79
N PHE B 795 50.62 5.04 -2.97
CA PHE B 795 49.57 4.52 -2.10
C PHE B 795 48.66 3.51 -2.77
N VAL B 796 48.28 3.76 -4.03
CA VAL B 796 47.27 2.95 -4.71
C VAL B 796 47.89 2.11 -5.83
N CYS B 797 48.54 2.77 -6.80
CA CYS B 797 48.93 2.09 -8.03
C CYS B 797 50.10 1.15 -7.85
N THR B 798 51.00 1.42 -6.91
CA THR B 798 52.26 0.67 -6.86
C THR B 798 52.02 -0.80 -6.53
N PHE B 799 51.04 -1.09 -5.66
CA PHE B 799 50.81 -2.47 -5.24
C PHE B 799 50.37 -3.34 -6.40
N VAL B 800 49.44 -2.85 -7.22
CA VAL B 800 48.89 -3.66 -8.30
C VAL B 800 49.99 -4.07 -9.27
N TYR B 801 50.79 -3.10 -9.72
CA TYR B 801 51.79 -3.39 -10.72
C TYR B 801 52.99 -4.14 -10.14
N LYS B 802 53.34 -3.89 -8.88
CA LYS B 802 54.37 -4.69 -8.25
C LYS B 802 53.96 -6.16 -8.18
N GLU B 803 52.73 -6.42 -7.74
CA GLU B 803 52.27 -7.80 -7.62
C GLU B 803 52.07 -8.44 -8.99
N PHE B 804 51.70 -7.67 -10.01
CA PHE B 804 51.55 -8.24 -11.34
C PHE B 804 52.91 -8.54 -11.96
N SER B 805 53.89 -7.67 -11.73
CA SER B 805 55.24 -7.95 -12.23
C SER B 805 55.82 -9.18 -11.54
N ARG B 806 55.56 -9.35 -10.25
CA ARG B 806 55.96 -10.58 -9.58
C ARG B 806 55.20 -11.77 -10.14
N PHE B 807 53.91 -11.61 -10.41
CA PHE B 807 53.09 -12.71 -10.90
C PHE B 807 53.45 -13.09 -12.32
N HIS B 808 53.58 -12.09 -13.20
CA HIS B 808 53.92 -12.31 -14.61
C HIS B 808 55.02 -11.35 -15.00
N LYS B 809 56.10 -11.89 -15.58
CA LYS B 809 57.21 -11.03 -15.99
C LYS B 809 56.89 -10.21 -17.22
N GLU B 810 55.97 -10.69 -18.08
CA GLU B 810 55.62 -9.97 -19.29
C GLU B 810 54.90 -8.65 -19.01
N ILE B 811 54.32 -8.49 -17.82
CA ILE B 811 53.73 -7.22 -17.41
C ILE B 811 54.74 -6.31 -16.73
N THR B 812 56.03 -6.67 -16.80
CA THR B 812 57.06 -5.84 -16.18
C THR B 812 57.10 -4.41 -16.71
N PRO B 813 56.99 -4.13 -18.01
CA PRO B 813 57.10 -2.73 -18.46
C PRO B 813 56.11 -1.80 -17.79
N MET B 814 54.86 -2.24 -17.59
CA MET B 814 53.86 -1.41 -16.92
C MET B 814 54.41 -0.82 -15.64
N LEU B 815 54.78 -1.68 -14.69
CA LEU B 815 55.38 -1.20 -13.45
C LEU B 815 56.54 -0.26 -13.73
N SER B 816 57.44 -0.64 -14.63
CA SER B 816 58.57 0.21 -14.95
C SER B 816 58.09 1.60 -15.34
N GLY B 817 57.12 1.68 -16.26
CA GLY B 817 56.62 2.98 -16.66
C GLY B 817 56.13 3.78 -15.47
N LEU B 818 55.37 3.13 -14.58
CA LEU B 818 54.87 3.82 -13.40
C LEU B 818 56.03 4.46 -12.65
N GLN B 819 57.09 3.69 -12.39
CA GLN B 819 58.22 4.26 -11.65
C GLN B 819 58.75 5.49 -12.36
N ASN B 820 58.96 5.39 -13.67
CA ASN B 820 59.45 6.54 -14.41
C ASN B 820 58.54 7.74 -14.20
N ASN B 821 57.24 7.54 -14.38
CA ASN B 821 56.26 8.63 -14.17
C ASN B 821 56.47 9.22 -12.78
N ARG B 822 56.57 8.39 -11.75
CA ARG B 822 56.73 8.91 -10.39
C ARG B 822 57.92 9.84 -10.32
N VAL B 823 59.05 9.43 -10.93
CA VAL B 823 60.22 10.29 -10.93
C VAL B 823 59.90 11.65 -11.51
N GLU B 824 59.19 11.66 -12.65
CA GLU B 824 58.83 12.93 -13.27
C GLU B 824 58.00 13.78 -12.31
N TRP B 825 57.02 13.16 -11.64
CA TRP B 825 56.20 13.92 -10.71
C TRP B 825 57.04 14.45 -9.56
N LYS B 826 58.05 13.68 -9.13
CA LYS B 826 58.96 14.19 -8.11
C LYS B 826 59.66 15.44 -8.60
N SER B 827 60.10 15.43 -9.86
CA SER B 827 60.75 16.61 -10.41
C SER B 827 59.82 17.81 -10.43
N LEU B 828 58.51 17.57 -10.43
CA LEU B 828 57.56 18.68 -10.35
C LEU B 828 57.25 19.04 -8.90
N ALA B 829 57.35 18.09 -7.98
CA ALA B 829 57.11 18.40 -6.57
C ALA B 829 58.26 19.21 -5.98
N ASP B 830 59.50 18.77 -6.21
CA ASP B 830 60.65 19.47 -5.67
C ASP B 830 60.74 20.89 -6.19
N GLU B 831 60.47 21.09 -7.48
CA GLU B 831 60.42 22.43 -8.04
C GLU B 831 59.43 23.29 -7.28
N TYR B 832 58.29 22.72 -6.88
CA TYR B 832 57.33 23.47 -6.09
C TYR B 832 57.94 23.90 -4.77
N ASP B 833 58.70 23.01 -4.12
CA ASP B 833 59.41 23.40 -2.92
C ASP B 833 60.43 24.50 -3.20
N ALA B 834 60.99 24.51 -4.41
CA ALA B 834 61.85 25.63 -4.81
C ALA B 834 61.02 26.87 -5.11
N LYS B 835 59.78 26.70 -5.59
CA LYS B 835 58.93 27.85 -5.86
C LYS B 835 58.45 28.50 -4.57
N MET B 836 58.24 27.71 -3.52
CA MET B 836 57.83 28.24 -2.22
C MET B 836 58.94 29.09 -1.63
N GLY C 38 15.74 -29.64 28.76
CA GLY C 38 15.12 -29.41 27.47
C GLY C 38 14.04 -28.33 27.51
N PRO C 39 13.74 -27.75 26.36
CA PRO C 39 12.71 -26.70 26.30
C PRO C 39 11.34 -27.28 26.56
N PRO C 40 10.46 -26.53 27.22
CA PRO C 40 9.08 -27.00 27.41
C PRO C 40 8.33 -27.06 26.09
N LYS C 41 7.34 -27.94 26.04
CA LYS C 41 6.49 -28.06 24.87
C LYS C 41 5.78 -26.73 24.60
N PHE C 42 5.82 -26.29 23.35
CA PHE C 42 5.33 -24.97 22.98
C PHE C 42 4.29 -25.09 21.88
N LYS C 43 3.48 -24.04 21.75
CA LYS C 43 2.38 -24.02 20.79
C LYS C 43 2.89 -23.73 19.39
N GLN C 44 2.40 -24.50 18.42
CA GLN C 44 2.74 -24.25 17.03
C GLN C 44 1.91 -23.09 16.49
N ARG C 45 2.45 -22.44 15.45
CA ARG C 45 1.76 -21.32 14.84
C ARG C 45 0.49 -21.78 14.14
N GLN C 46 -0.57 -20.98 14.27
CA GLN C 46 -1.87 -21.28 13.66
C GLN C 46 -2.01 -20.44 12.40
N THR C 47 -2.08 -21.11 11.25
CA THR C 47 -2.24 -20.44 9.97
C THR C 47 -3.40 -20.96 9.12
N ARG C 48 -3.93 -22.14 9.42
CA ARG C 48 -4.97 -22.73 8.58
C ARG C 48 -6.27 -21.92 8.64
N GLN C 49 -6.61 -21.40 9.82
CA GLN C 49 -7.91 -20.76 10.00
C GLN C 49 -8.11 -19.58 9.08
N PHE C 50 -7.08 -18.73 8.93
CA PHE C 50 -7.17 -17.55 8.08
C PHE C 50 -6.42 -17.72 6.76
N LYS C 51 -5.96 -18.93 6.45
CA LYS C 51 -5.32 -19.17 5.16
C LYS C 51 -6.31 -19.04 4.02
N SER C 52 -7.53 -19.55 4.21
CA SER C 52 -8.58 -19.53 3.19
C SER C 52 -8.11 -20.16 1.88
N GLY C 63 -10.34 -13.70 -9.63
CA GLY C 63 -10.55 -14.55 -8.48
C GLY C 63 -11.58 -15.64 -8.72
N ASP C 64 -11.09 -16.87 -8.85
CA ASP C 64 -12.00 -18.00 -9.06
C ASP C 64 -12.89 -18.23 -7.85
N ASP C 65 -12.35 -18.07 -6.64
CA ASP C 65 -13.13 -18.30 -5.45
C ASP C 65 -14.25 -17.29 -5.30
N ILE C 66 -14.00 -16.03 -5.64
CA ILE C 66 -14.94 -14.94 -5.44
C ILE C 66 -15.76 -14.78 -6.72
N PRO C 67 -17.07 -15.04 -6.69
CA PRO C 67 -17.87 -14.86 -7.91
C PRO C 67 -18.01 -13.39 -8.28
N GLY C 68 -18.23 -13.16 -9.57
CA GLY C 68 -18.47 -11.82 -10.07
C GLY C 68 -17.25 -10.97 -10.29
N MET C 69 -16.04 -11.52 -10.12
CA MET C 69 -14.82 -10.76 -10.31
C MET C 69 -14.43 -10.62 -11.78
N GLU C 70 -15.06 -11.38 -12.68
CA GLU C 70 -14.69 -11.30 -14.09
C GLU C 70 -15.06 -9.97 -14.71
N GLY C 71 -16.11 -9.33 -14.22
CA GLY C 71 -16.55 -8.05 -14.76
C GLY C 71 -16.18 -6.88 -13.88
N LEU C 72 -15.11 -7.02 -13.10
CA LEU C 72 -14.72 -6.02 -12.13
C LEU C 72 -13.34 -5.44 -12.34
N GLY C 73 -12.48 -6.10 -13.14
CA GLY C 73 -11.12 -5.62 -13.28
C GLY C 73 -11.02 -4.26 -13.94
N THR C 74 -11.76 -4.06 -15.03
CA THR C 74 -11.70 -2.82 -15.77
C THR C 74 -13.11 -2.42 -16.19
N ASP C 75 -13.40 -1.12 -16.10
CA ASP C 75 -14.70 -0.58 -16.46
C ASP C 75 -14.56 0.30 -17.69
N ILE C 76 -15.47 0.14 -18.64
CA ILE C 76 -15.48 0.89 -19.90
C ILE C 76 -16.81 1.61 -20.02
N THR C 77 -16.76 2.88 -20.36
CA THR C 77 -17.96 3.70 -20.50
C THR C 77 -18.91 3.13 -21.55
N ALA C 84 -21.57 9.13 -30.13
CA ALA C 84 -21.20 10.53 -29.92
C ALA C 84 -21.21 11.31 -31.23
N PHE C 85 -20.71 10.69 -32.30
CA PHE C 85 -20.66 11.31 -33.60
C PHE C 85 -21.99 11.10 -34.33
N ASN C 86 -22.03 11.42 -35.61
CA ASN C 86 -23.24 11.28 -36.41
C ASN C 86 -23.40 9.82 -36.86
N HIS C 87 -24.47 9.56 -37.60
CA HIS C 87 -24.76 8.20 -38.05
C HIS C 87 -23.74 7.74 -39.08
N LEU C 88 -23.47 8.56 -40.10
CA LEU C 88 -22.50 8.18 -41.13
C LEU C 88 -21.08 8.20 -40.59
N GLU C 89 -20.77 9.16 -39.72
CA GLU C 89 -19.41 9.30 -39.21
C GLU C 89 -18.95 8.09 -38.40
N LEU C 90 -19.89 7.32 -37.83
CA LEU C 90 -19.54 6.20 -36.97
C LEU C 90 -18.69 5.17 -37.70
N HIS C 91 -18.87 5.02 -39.01
CA HIS C 91 -18.09 4.08 -39.80
C HIS C 91 -16.91 4.74 -40.50
N GLU C 92 -17.09 5.97 -41.00
CA GLU C 92 -16.01 6.66 -41.69
C GLU C 92 -14.85 6.97 -40.74
N LEU C 93 -15.15 7.32 -39.49
CA LEU C 93 -14.09 7.60 -38.53
C LEU C 93 -13.25 6.36 -38.27
N ALA C 94 -13.90 5.20 -38.11
CA ALA C 94 -13.15 3.97 -37.94
C ALA C 94 -12.41 3.59 -39.21
N GLN C 95 -12.93 3.97 -40.38
CA GLN C 95 -12.26 3.67 -41.64
C GLN C 95 -10.91 4.38 -41.73
N TYR C 96 -10.84 5.62 -41.25
CA TYR C 96 -9.62 6.41 -41.35
C TYR C 96 -8.75 6.33 -40.10
N GLY C 97 -9.12 5.51 -39.11
CA GLY C 97 -8.33 5.42 -37.90
C GLY C 97 -8.37 6.65 -37.04
N ILE C 98 -9.41 7.48 -37.18
CA ILE C 98 -9.49 8.71 -36.41
C ILE C 98 -9.67 8.42 -34.92
N ILE C 99 -10.56 7.49 -34.60
CA ILE C 99 -10.87 7.17 -33.20
C ILE C 99 -9.67 6.49 -32.53
N LYS D 37 -42.92 15.55 3.97
CA LYS D 37 -42.44 15.63 5.34
C LYS D 37 -40.92 15.70 5.39
N GLY D 38 -40.37 16.11 6.53
CA GLY D 38 -38.95 16.18 6.71
C GLY D 38 -38.34 14.80 6.90
N PRO D 39 -37.10 14.63 6.45
CA PRO D 39 -36.44 13.34 6.61
C PRO D 39 -36.20 13.04 8.07
N PRO D 40 -36.25 11.77 8.47
CA PRO D 40 -35.96 11.43 9.87
C PRO D 40 -34.54 11.79 10.26
N LYS D 41 -34.35 12.12 11.53
CA LYS D 41 -33.03 12.45 12.03
C LYS D 41 -32.09 11.26 11.91
N PHE D 42 -30.84 11.53 11.55
CA PHE D 42 -29.85 10.50 11.33
C PHE D 42 -28.58 10.82 12.09
N LYS D 43 -27.87 9.78 12.50
CA LYS D 43 -26.65 9.96 13.28
C LYS D 43 -25.53 10.47 12.39
N GLN D 44 -24.67 11.31 12.96
CA GLN D 44 -23.50 11.81 12.26
C GLN D 44 -22.33 10.83 12.40
N ARG D 45 -21.41 10.91 11.45
CA ARG D 45 -20.24 10.05 11.48
C ARG D 45 -19.34 10.41 12.66
N GLN D 46 -18.80 9.40 13.32
CA GLN D 46 -17.98 9.60 14.52
C GLN D 46 -16.51 9.76 14.11
N THR D 47 -16.25 10.84 13.38
CA THR D 47 -14.89 11.15 12.96
C THR D 47 -14.00 11.62 14.11
N ARG D 48 -14.58 11.95 15.26
CA ARG D 48 -13.78 12.44 16.38
C ARG D 48 -12.99 11.34 17.05
N GLN D 49 -13.44 10.08 16.91
CA GLN D 49 -12.76 8.98 17.60
C GLN D 49 -11.34 8.78 17.09
N PHE D 50 -11.15 8.89 15.78
CA PHE D 50 -9.85 8.64 15.17
C PHE D 50 -9.38 9.84 14.34
N LYS D 51 -9.80 11.04 14.74
CA LYS D 51 -9.39 12.24 14.01
C LYS D 51 -7.88 12.45 14.09
N SER D 52 -7.29 12.23 15.27
CA SER D 52 -5.86 12.41 15.51
C SER D 52 -5.38 13.80 15.07
N GLY D 61 -1.83 14.84 11.67
CA GLY D 61 -1.99 13.40 11.66
C GLY D 61 -0.68 12.66 11.89
N PHE D 62 -0.15 12.06 10.82
CA PHE D 62 1.11 11.34 10.93
C PHE D 62 2.26 12.30 11.20
N GLY D 63 3.16 11.88 12.08
CA GLY D 63 4.28 12.74 12.44
C GLY D 63 5.23 12.03 13.38
N ASP D 64 6.08 12.84 14.02
CA ASP D 64 7.09 12.35 14.94
C ASP D 64 6.65 12.48 16.40
N ASP D 65 5.35 12.66 16.65
CA ASP D 65 4.87 12.75 18.01
C ASP D 65 5.04 11.44 18.78
N ILE D 66 5.18 10.33 18.08
CA ILE D 66 5.45 9.05 18.75
C ILE D 66 6.88 9.06 19.28
N PRO D 67 7.10 8.81 20.57
CA PRO D 67 8.45 8.86 21.12
C PRO D 67 9.36 7.82 20.48
N GLY D 68 10.64 8.18 20.34
CA GLY D 68 11.63 7.29 19.79
C GLY D 68 11.68 7.21 18.28
N MET D 69 10.89 8.01 17.58
CA MET D 69 10.89 7.97 16.12
C MET D 69 12.03 8.77 15.49
N GLU D 70 12.72 9.61 16.26
CA GLU D 70 13.79 10.42 15.70
C GLU D 70 14.96 9.56 15.25
N GLY D 71 15.17 8.40 15.86
CA GLY D 71 16.24 7.52 15.49
C GLY D 71 15.77 6.17 15.00
N LEU D 72 14.70 6.17 14.19
CA LEU D 72 14.08 4.94 13.72
C LEU D 72 13.91 4.84 12.21
N GLY D 73 13.85 5.96 11.49
CA GLY D 73 13.61 5.90 10.07
C GLY D 73 14.72 5.21 9.29
N THR D 74 15.96 5.53 9.62
CA THR D 74 17.11 5.02 8.88
C THR D 74 18.11 4.41 9.84
N ASP D 75 18.87 3.43 9.35
CA ASP D 75 19.90 2.77 10.13
C ASP D 75 21.28 3.01 9.51
N ALA D 84 37.18 -0.66 8.68
CA ALA D 84 37.31 -1.73 7.68
C ALA D 84 38.72 -1.77 7.10
N PHE D 85 39.41 -0.63 7.15
CA PHE D 85 40.76 -0.52 6.66
C PHE D 85 41.75 -0.40 7.82
N ASN D 86 43.02 -0.27 7.48
CA ASN D 86 44.07 -0.14 8.49
C ASN D 86 44.09 1.28 9.05
N HIS D 87 44.91 1.47 10.09
CA HIS D 87 44.94 2.76 10.78
C HIS D 87 45.42 3.87 9.86
N LEU D 88 46.49 3.60 9.11
CA LEU D 88 47.04 4.63 8.21
C LEU D 88 46.08 4.92 7.06
N GLU D 89 45.41 3.89 6.55
CA GLU D 89 44.47 4.07 5.45
C GLU D 89 43.27 4.92 5.84
N LEU D 90 42.96 5.01 7.14
CA LEU D 90 41.77 5.73 7.56
C LEU D 90 41.80 7.19 7.15
N HIS D 91 42.99 7.80 7.10
CA HIS D 91 43.15 9.21 6.73
C HIS D 91 43.56 9.40 5.28
N GLU D 92 44.53 8.62 4.81
CA GLU D 92 44.95 8.73 3.41
C GLU D 92 43.82 8.37 2.46
N LEU D 93 43.06 7.33 2.78
CA LEU D 93 41.95 6.91 1.93
C LEU D 93 40.91 8.01 1.80
N ALA D 94 40.58 8.66 2.92
CA ALA D 94 39.60 9.74 2.87
C ALA D 94 40.16 10.99 2.20
N GLN D 95 41.48 11.20 2.28
CA GLN D 95 42.07 12.36 1.63
C GLN D 95 41.98 12.27 0.11
N TYR D 96 41.95 11.06 -0.43
CA TYR D 96 41.82 10.86 -1.87
C TYR D 96 40.38 10.74 -2.34
N GLY D 97 39.41 10.80 -1.42
CA GLY D 97 38.02 10.68 -1.79
C GLY D 97 37.63 9.34 -2.35
N ILE D 98 38.43 8.30 -2.10
CA ILE D 98 38.17 7.00 -2.71
C ILE D 98 36.94 6.35 -2.09
N ILE D 99 36.82 6.40 -0.77
CA ILE D 99 35.72 5.73 -0.06
C ILE D 99 34.37 6.28 -0.49
#